data_2EQY
#
_entry.id   2EQY
#
_entity_poly.entity_id   1
_entity_poly.type   'polypeptide(L)'
_entity_poly.pdbx_seq_one_letter_code
;GSSGSSGEAQTRVKLNFLDQIAKYWELQGSTLKIPHVERKILDLFQLNKLVAEEGGFAVVCKDRKWTKIATKMGFAPGKA
VGSHIRGHYERILNPYNLFLSGDSLRCLQKPNLTSDTKDKEY
;
_entity_poly.pdbx_strand_id   A
#
# COMPACT_ATOMS: atom_id res chain seq x y z
N GLY A 1 37.41 3.01 -13.35
CA GLY A 1 38.30 4.00 -12.77
C GLY A 1 37.63 4.86 -11.72
N SER A 2 36.80 5.80 -12.16
CA SER A 2 36.10 6.68 -11.24
C SER A 2 34.78 6.07 -10.80
N SER A 3 34.76 5.49 -9.61
CA SER A 3 33.56 4.87 -9.07
C SER A 3 33.08 5.59 -7.82
N GLY A 4 31.91 6.23 -7.91
CA GLY A 4 31.36 6.95 -6.77
C GLY A 4 30.22 7.86 -7.17
N SER A 5 29.16 7.29 -7.73
CA SER A 5 28.00 8.06 -8.15
C SER A 5 26.80 7.78 -7.26
N SER A 6 25.83 8.68 -7.29
CA SER A 6 24.62 8.53 -6.48
C SER A 6 23.57 9.57 -6.86
N GLY A 7 22.31 9.17 -6.80
CA GLY A 7 21.23 10.09 -7.15
C GLY A 7 19.93 9.36 -7.45
N GLU A 8 19.62 8.35 -6.65
CA GLU A 8 18.40 7.57 -6.84
C GLU A 8 17.17 8.47 -6.74
N ALA A 9 16.08 8.03 -7.37
CA ALA A 9 14.83 8.79 -7.35
C ALA A 9 14.28 8.90 -5.92
N GLN A 10 13.58 10.00 -5.66
CA GLN A 10 13.01 10.23 -4.34
C GLN A 10 11.52 10.59 -4.44
N THR A 11 11.22 11.65 -5.18
CA THR A 11 9.86 12.10 -5.35
C THR A 11 9.16 11.31 -6.45
N ARG A 12 9.91 10.97 -7.50
CA ARG A 12 9.37 10.21 -8.63
C ARG A 12 9.08 8.77 -8.22
N VAL A 13 10.07 8.13 -7.61
CA VAL A 13 9.93 6.75 -7.18
C VAL A 13 8.58 6.52 -6.48
N LYS A 14 8.14 7.53 -5.74
CA LYS A 14 6.87 7.45 -5.03
C LYS A 14 5.70 7.73 -5.96
N LEU A 15 5.82 8.79 -6.75
CA LEU A 15 4.78 9.16 -7.70
C LEU A 15 4.42 8.00 -8.62
N ASN A 16 5.45 7.25 -9.03
CA ASN A 16 5.26 6.11 -9.92
C ASN A 16 4.08 5.26 -9.45
N PHE A 17 4.23 4.66 -8.28
CA PHE A 17 3.18 3.81 -7.72
C PHE A 17 1.83 4.53 -7.75
N LEU A 18 1.70 5.57 -6.95
CA LEU A 18 0.47 6.34 -6.88
C LEU A 18 -0.17 6.46 -8.26
N ASP A 19 0.61 6.91 -9.24
CA ASP A 19 0.12 7.08 -10.60
C ASP A 19 -0.59 5.81 -11.07
N GLN A 20 0.09 4.68 -10.96
CA GLN A 20 -0.48 3.40 -11.38
C GLN A 20 -1.80 3.12 -10.67
N ILE A 21 -1.75 3.08 -9.33
CA ILE A 21 -2.94 2.82 -8.54
C ILE A 21 -4.02 3.86 -8.82
N ALA A 22 -3.60 5.03 -9.29
CA ALA A 22 -4.53 6.11 -9.61
C ALA A 22 -5.28 5.82 -10.92
N LYS A 23 -4.55 5.31 -11.91
CA LYS A 23 -5.15 4.99 -13.20
C LYS A 23 -6.32 4.02 -13.03
N TYR A 24 -6.20 3.13 -12.06
CA TYR A 24 -7.25 2.14 -11.79
C TYR A 24 -8.54 2.83 -11.33
N TRP A 25 -8.38 3.95 -10.63
CA TRP A 25 -9.53 4.70 -10.13
C TRP A 25 -10.03 5.69 -11.17
N GLU A 26 -9.13 6.54 -11.66
CA GLU A 26 -9.48 7.55 -12.66
C GLU A 26 -10.41 6.95 -13.71
N LEU A 27 -10.32 5.64 -13.90
CA LEU A 27 -11.15 4.96 -14.88
C LEU A 27 -12.61 4.93 -14.44
N GLN A 28 -12.83 4.53 -13.18
CA GLN A 28 -14.18 4.46 -12.63
C GLN A 28 -14.77 5.85 -12.47
N GLY A 29 -13.93 6.81 -12.10
CA GLY A 29 -14.40 8.18 -11.92
C GLY A 29 -14.28 8.64 -10.48
N SER A 30 -13.25 8.15 -9.78
CA SER A 30 -13.04 8.52 -8.39
C SER A 30 -11.68 9.20 -8.21
N THR A 31 -11.62 10.15 -7.30
CA THR A 31 -10.39 10.88 -7.03
C THR A 31 -9.56 10.19 -5.95
N LEU A 32 -8.28 9.96 -6.26
CA LEU A 32 -7.39 9.30 -5.31
C LEU A 32 -6.77 10.31 -4.36
N LYS A 33 -7.01 10.12 -3.06
CA LYS A 33 -6.47 11.01 -2.04
C LYS A 33 -6.05 10.23 -0.79
N ILE A 34 -4.79 10.39 -0.40
CA ILE A 34 -4.28 9.70 0.78
C ILE A 34 -4.67 10.43 2.05
N PRO A 35 -5.06 9.66 3.08
CA PRO A 35 -5.45 10.21 4.38
C PRO A 35 -4.28 10.81 5.14
N HIS A 36 -4.56 11.34 6.33
CA HIS A 36 -3.52 11.94 7.16
C HIS A 36 -3.35 11.17 8.47
N VAL A 37 -2.25 10.43 8.57
CA VAL A 37 -1.97 9.64 9.77
C VAL A 37 -1.11 10.42 10.75
N GLU A 38 -1.71 10.80 11.88
CA GLU A 38 -1.00 11.56 12.90
C GLU A 38 -0.43 12.85 12.32
N ARG A 39 -1.28 13.59 11.61
CA ARG A 39 -0.86 14.85 11.01
C ARG A 39 0.28 14.64 10.03
N LYS A 40 0.30 13.47 9.38
CA LYS A 40 1.34 13.13 8.42
C LYS A 40 0.80 12.23 7.33
N ILE A 41 0.92 12.67 6.07
CA ILE A 41 0.45 11.89 4.94
C ILE A 41 1.04 10.49 4.94
N LEU A 42 0.18 9.49 4.77
CA LEU A 42 0.62 8.10 4.75
C LEU A 42 0.93 7.63 3.33
N ASP A 43 2.21 7.55 3.00
CA ASP A 43 2.63 7.12 1.68
C ASP A 43 2.42 5.62 1.50
N LEU A 44 1.26 5.26 0.97
CA LEU A 44 0.92 3.86 0.75
C LEU A 44 2.11 3.11 0.15
N PHE A 45 2.57 3.55 -1.02
CA PHE A 45 3.69 2.92 -1.68
C PHE A 45 4.71 2.43 -0.68
N GLN A 46 5.39 3.36 -0.01
CA GLN A 46 6.41 3.01 0.98
C GLN A 46 5.82 2.09 2.04
N LEU A 47 4.76 2.55 2.70
CA LEU A 47 4.11 1.76 3.75
C LEU A 47 4.18 0.27 3.43
N ASN A 48 3.39 -0.15 2.43
CA ASN A 48 3.36 -1.55 2.03
C ASN A 48 4.77 -2.08 1.77
N LYS A 49 5.57 -1.29 1.05
CA LYS A 49 6.94 -1.68 0.74
C LYS A 49 7.67 -2.14 2.00
N LEU A 50 7.76 -1.25 2.98
CA LEU A 50 8.43 -1.56 4.23
C LEU A 50 7.93 -2.88 4.82
N VAL A 51 6.61 -3.04 4.83
CA VAL A 51 5.99 -4.27 5.36
C VAL A 51 6.65 -5.50 4.77
N ALA A 52 6.68 -5.58 3.43
CA ALA A 52 7.28 -6.71 2.75
C ALA A 52 8.74 -6.90 3.16
N GLU A 53 9.44 -5.78 3.32
CA GLU A 53 10.84 -5.82 3.71
C GLU A 53 11.01 -6.42 5.09
N GLU A 54 10.08 -6.10 5.99
CA GLU A 54 10.13 -6.61 7.36
C GLU A 54 9.74 -8.08 7.40
N GLY A 55 9.06 -8.54 6.36
CA GLY A 55 8.63 -9.93 6.29
C GLY A 55 7.45 -10.13 5.36
N GLY A 56 6.34 -9.46 5.66
CA GLY A 56 5.15 -9.59 4.83
C GLY A 56 3.88 -9.42 5.63
N PHE A 57 2.75 -9.34 4.93
CA PHE A 57 1.45 -9.18 5.58
C PHE A 57 1.17 -10.35 6.52
N ALA A 58 1.41 -11.56 6.03
CA ALA A 58 1.18 -12.77 6.83
C ALA A 58 2.09 -12.79 8.06
N VAL A 59 3.39 -12.91 7.82
CA VAL A 59 4.36 -12.95 8.91
C VAL A 59 4.14 -11.80 9.88
N VAL A 60 4.13 -10.57 9.35
CA VAL A 60 3.94 -9.39 10.17
C VAL A 60 2.70 -9.54 11.05
N CYS A 61 1.59 -9.93 10.45
CA CYS A 61 0.34 -10.11 11.18
C CYS A 61 0.50 -11.12 12.30
N LYS A 62 1.15 -12.24 12.00
CA LYS A 62 1.38 -13.29 12.99
C LYS A 62 2.14 -12.74 14.19
N ASP A 63 3.23 -12.03 13.92
CA ASP A 63 4.04 -11.45 14.99
C ASP A 63 3.68 -9.99 15.22
N ARG A 64 2.50 -9.59 14.74
CA ARG A 64 2.04 -8.22 14.89
C ARG A 64 3.20 -7.25 14.79
N LYS A 65 4.00 -7.38 13.73
CA LYS A 65 5.15 -6.50 13.52
C LYS A 65 4.73 -5.23 12.79
N TRP A 66 3.59 -4.67 13.18
CA TRP A 66 3.10 -3.45 12.56
C TRP A 66 3.73 -2.22 13.19
N THR A 67 3.95 -2.28 14.50
CA THR A 67 4.55 -1.16 15.22
C THR A 67 5.81 -0.67 14.52
N LYS A 68 6.65 -1.60 14.08
CA LYS A 68 7.89 -1.26 13.39
C LYS A 68 7.62 -0.35 12.21
N ILE A 69 6.81 -0.83 11.27
CA ILE A 69 6.46 -0.05 10.08
C ILE A 69 5.88 1.30 10.47
N ALA A 70 4.66 1.30 11.00
CA ALA A 70 3.99 2.52 11.40
C ALA A 70 4.98 3.49 12.04
N THR A 71 5.70 3.01 13.06
CA THR A 71 6.68 3.84 13.75
C THR A 71 7.73 4.39 12.78
N LYS A 72 8.21 3.53 11.90
CA LYS A 72 9.21 3.94 10.92
C LYS A 72 8.68 5.04 10.01
N MET A 73 7.35 5.13 9.91
CA MET A 73 6.72 6.15 9.08
C MET A 73 6.63 7.48 9.82
N GLY A 74 7.28 7.55 10.98
CA GLY A 74 7.26 8.77 11.76
C GLY A 74 6.16 8.77 12.80
N PHE A 75 5.26 7.79 12.71
CA PHE A 75 4.15 7.68 13.64
C PHE A 75 4.64 7.22 15.01
N ALA A 76 3.86 7.53 16.05
CA ALA A 76 4.21 7.15 17.41
C ALA A 76 3.88 5.68 17.67
N PRO A 77 4.73 5.02 18.47
CA PRO A 77 4.55 3.60 18.82
C PRO A 77 3.36 3.39 19.74
N GLY A 78 2.18 3.25 19.15
CA GLY A 78 0.97 3.02 19.94
C GLY A 78 0.19 1.82 19.47
N LYS A 79 -1.12 2.02 19.27
CA LYS A 79 -1.99 0.94 18.82
C LYS A 79 -2.86 1.40 17.65
N ALA A 80 -3.45 2.58 17.79
CA ALA A 80 -4.31 3.14 16.75
C ALA A 80 -3.66 3.00 15.38
N VAL A 81 -2.47 3.57 15.22
CA VAL A 81 -1.75 3.52 13.96
C VAL A 81 -1.55 2.07 13.50
N GLY A 82 -1.45 1.16 14.48
CA GLY A 82 -1.25 -0.24 14.15
C GLY A 82 -2.34 -0.78 13.25
N SER A 83 -3.59 -0.66 13.69
CA SER A 83 -4.72 -1.14 12.91
C SER A 83 -4.94 -0.28 11.67
N HIS A 84 -4.50 0.98 11.75
CA HIS A 84 -4.64 1.91 10.63
C HIS A 84 -3.96 1.37 9.39
N ILE A 85 -2.72 0.93 9.55
CA ILE A 85 -1.95 0.39 8.43
C ILE A 85 -2.77 -0.60 7.62
N ARG A 86 -3.34 -1.58 8.30
CA ARG A 86 -4.16 -2.60 7.64
C ARG A 86 -5.35 -1.96 6.93
N GLY A 87 -6.17 -1.24 7.67
CA GLY A 87 -7.32 -0.58 7.10
C GLY A 87 -6.99 0.18 5.83
N HIS A 88 -6.05 1.12 5.94
CA HIS A 88 -5.65 1.92 4.79
C HIS A 88 -5.54 1.07 3.53
N TYR A 89 -5.08 -0.17 3.71
CA TYR A 89 -4.93 -1.08 2.58
C TYR A 89 -6.28 -1.67 2.17
N GLU A 90 -7.09 -2.03 3.16
CA GLU A 90 -8.41 -2.60 2.90
C GLU A 90 -9.39 -1.51 2.50
N ARG A 91 -8.98 -0.26 2.64
CA ARG A 91 -9.83 0.87 2.30
C ARG A 91 -9.44 1.45 0.94
N ILE A 92 -8.16 1.37 0.61
CA ILE A 92 -7.66 1.88 -0.66
C ILE A 92 -7.03 0.77 -1.49
N LEU A 93 -6.12 0.04 -0.87
CA LEU A 93 -5.44 -1.06 -1.55
C LEU A 93 -6.27 -2.34 -1.52
N ASN A 94 -7.58 -2.18 -1.31
CA ASN A 94 -8.50 -3.31 -1.25
C ASN A 94 -8.68 -3.93 -2.63
N PRO A 95 -9.20 -3.12 -3.57
CA PRO A 95 -9.43 -3.57 -4.95
C PRO A 95 -8.14 -3.81 -5.72
N TYR A 96 -7.25 -2.83 -5.69
CA TYR A 96 -5.97 -2.94 -6.38
C TYR A 96 -5.38 -4.33 -6.22
N ASN A 97 -5.36 -4.82 -4.98
CA ASN A 97 -4.82 -6.15 -4.69
C ASN A 97 -5.83 -7.24 -5.06
N LEU A 98 -7.11 -6.88 -5.01
CA LEU A 98 -8.18 -7.83 -5.33
C LEU A 98 -8.06 -8.31 -6.78
N PHE A 99 -7.51 -7.46 -7.64
CA PHE A 99 -7.34 -7.80 -9.05
C PHE A 99 -5.94 -8.34 -9.30
N LEU A 100 -4.93 -7.67 -8.76
CA LEU A 100 -3.55 -8.09 -8.93
C LEU A 100 -3.38 -9.57 -8.63
N SER A 101 -4.08 -10.05 -7.60
CA SER A 101 -4.00 -11.45 -7.22
C SER A 101 -4.53 -12.34 -8.33
N GLY A 102 -5.72 -12.02 -8.84
CA GLY A 102 -6.31 -12.80 -9.91
C GLY A 102 -7.49 -13.62 -9.43
N ASP A 103 -7.30 -14.35 -8.33
CA ASP A 103 -8.36 -15.18 -7.77
C ASP A 103 -9.58 -14.34 -7.40
N SER A 104 -10.59 -14.37 -8.26
CA SER A 104 -11.81 -13.61 -8.02
C SER A 104 -12.35 -13.85 -6.62
N LEU A 105 -12.20 -15.08 -6.14
CA LEU A 105 -12.66 -15.43 -4.80
C LEU A 105 -12.22 -14.41 -3.78
N ARG A 106 -10.92 -14.16 -3.71
CA ARG A 106 -10.36 -13.20 -2.77
C ARG A 106 -11.18 -11.90 -2.77
N CYS A 107 -12.04 -11.75 -1.76
CA CYS A 107 -12.88 -10.58 -1.65
C CYS A 107 -13.07 -10.18 -0.18
N LEU A 108 -13.53 -8.96 0.04
CA LEU A 108 -13.76 -8.47 1.40
C LEU A 108 -14.96 -9.17 2.03
N GLN A 109 -14.71 -9.85 3.15
CA GLN A 109 -15.75 -10.56 3.87
C GLN A 109 -16.77 -9.58 4.46
N LYS A 110 -18.02 -9.71 4.04
CA LYS A 110 -19.09 -8.84 4.53
C LYS A 110 -19.69 -9.40 5.82
N PRO A 111 -19.99 -8.49 6.76
CA PRO A 111 -20.58 -8.86 8.06
C PRO A 111 -22.01 -9.34 7.92
N ASN A 112 -22.62 -9.69 9.05
CA ASN A 112 -24.00 -10.16 9.05
C ASN A 112 -24.87 -9.30 9.97
N LEU A 113 -25.61 -8.38 9.37
CA LEU A 113 -26.48 -7.49 10.13
C LEU A 113 -27.08 -8.20 11.33
N THR A 114 -27.21 -7.48 12.44
CA THR A 114 -27.76 -8.04 13.66
C THR A 114 -29.22 -7.65 13.84
N SER A 115 -30.06 -8.63 14.15
CA SER A 115 -31.49 -8.39 14.34
C SER A 115 -31.86 -8.49 15.81
N ASP A 116 -32.98 -7.87 16.17
CA ASP A 116 -33.45 -7.88 17.55
C ASP A 116 -34.96 -8.14 17.61
N THR A 117 -35.39 -8.84 18.65
CA THR A 117 -36.80 -9.15 18.83
C THR A 117 -37.28 -8.80 20.23
N LYS A 118 -38.47 -8.23 20.33
CA LYS A 118 -39.05 -7.86 21.62
C LYS A 118 -40.34 -8.61 21.89
N ASP A 119 -40.64 -8.81 23.16
CA ASP A 119 -41.86 -9.53 23.55
C ASP A 119 -42.40 -8.99 24.88
N LYS A 120 -43.69 -8.70 24.90
CA LYS A 120 -44.34 -8.19 26.10
C LYS A 120 -45.29 -9.21 26.70
N GLU A 121 -45.87 -8.88 27.85
CA GLU A 121 -46.79 -9.78 28.53
C GLU A 121 -47.87 -9.00 29.27
N TYR A 122 -49.00 -9.65 29.50
CA TYR A 122 -50.11 -9.01 30.21
C TYR A 122 -50.39 -9.71 31.54
N GLY A 1 8.47 29.32 3.38
CA GLY A 1 7.37 29.50 2.45
C GLY A 1 7.02 28.22 1.72
N SER A 2 5.91 28.25 0.98
CA SER A 2 5.46 27.08 0.24
C SER A 2 6.62 26.46 -0.55
N SER A 3 6.45 25.19 -0.93
CA SER A 3 7.47 24.48 -1.68
C SER A 3 7.39 24.82 -3.17
N GLY A 4 8.45 24.54 -3.90
CA GLY A 4 8.49 24.83 -5.33
C GLY A 4 8.76 23.59 -6.16
N SER A 5 10.01 23.44 -6.57
CA SER A 5 10.41 22.29 -7.39
C SER A 5 11.20 21.28 -6.56
N SER A 6 11.41 20.10 -7.13
CA SER A 6 12.14 19.04 -6.44
C SER A 6 13.17 18.41 -7.38
N GLY A 7 12.71 17.99 -8.55
CA GLY A 7 13.60 17.37 -9.51
C GLY A 7 14.50 16.31 -8.88
N GLU A 8 13.88 15.41 -8.12
CA GLU A 8 14.63 14.34 -7.45
C GLU A 8 14.45 13.02 -8.19
N ALA A 9 15.20 12.00 -7.75
CA ALA A 9 15.12 10.68 -8.37
C ALA A 9 14.06 9.82 -7.66
N GLN A 10 13.92 10.02 -6.36
CA GLN A 10 12.95 9.26 -5.57
C GLN A 10 11.53 9.70 -5.89
N THR A 11 11.38 10.97 -6.27
CA THR A 11 10.07 11.51 -6.60
C THR A 11 9.43 10.74 -7.75
N ARG A 12 10.26 10.19 -8.62
CA ARG A 12 9.77 9.43 -9.77
C ARG A 12 9.05 8.16 -9.31
N VAL A 13 9.79 7.28 -8.64
CA VAL A 13 9.23 6.03 -8.16
C VAL A 13 8.15 6.27 -7.12
N LYS A 14 8.16 7.47 -6.54
CA LYS A 14 7.18 7.85 -5.52
C LYS A 14 5.83 8.15 -6.17
N LEU A 15 5.85 8.98 -7.22
CA LEU A 15 4.63 9.35 -7.92
C LEU A 15 4.18 8.23 -8.86
N ASN A 16 5.15 7.57 -9.49
CA ASN A 16 4.87 6.48 -10.41
C ASN A 16 3.72 5.61 -9.89
N PHE A 17 3.95 4.98 -8.74
CA PHE A 17 2.95 4.12 -8.13
C PHE A 17 1.62 4.86 -7.98
N LEU A 18 1.66 5.98 -7.26
CA LEU A 18 0.46 6.78 -7.04
C LEU A 18 -0.36 6.93 -8.32
N ASP A 19 0.34 6.96 -9.45
CA ASP A 19 -0.30 7.09 -10.74
C ASP A 19 -0.83 5.75 -11.23
N GLN A 20 -0.05 4.69 -11.02
CA GLN A 20 -0.44 3.35 -11.44
C GLN A 20 -1.63 2.85 -10.62
N ILE A 21 -1.76 3.37 -9.40
CA ILE A 21 -2.84 2.97 -8.52
C ILE A 21 -4.05 3.91 -8.66
N ALA A 22 -3.76 5.17 -8.97
CA ALA A 22 -4.82 6.16 -9.14
C ALA A 22 -5.55 5.97 -10.46
N LYS A 23 -4.78 5.75 -11.53
CA LYS A 23 -5.36 5.55 -12.86
C LYS A 23 -6.48 4.52 -12.80
N TYR A 24 -6.28 3.46 -12.02
CA TYR A 24 -7.27 2.41 -11.89
C TYR A 24 -8.61 2.96 -11.43
N TRP A 25 -8.55 3.94 -10.53
CA TRP A 25 -9.76 4.57 -10.00
C TRP A 25 -10.42 5.45 -11.06
N GLU A 26 -9.62 6.32 -11.67
CA GLU A 26 -10.12 7.22 -12.71
C GLU A 26 -11.07 6.49 -13.65
N LEU A 27 -10.57 5.42 -14.26
CA LEU A 27 -11.36 4.63 -15.20
C LEU A 27 -12.74 4.33 -14.63
N GLN A 28 -12.78 3.98 -13.33
CA GLN A 28 -14.04 3.67 -12.67
C GLN A 28 -14.91 4.93 -12.53
N GLY A 29 -14.26 6.07 -12.38
CA GLY A 29 -14.98 7.32 -12.24
C GLY A 29 -14.97 7.84 -10.82
N SER A 30 -13.87 7.60 -10.10
CA SER A 30 -13.74 8.04 -8.73
C SER A 30 -12.35 8.60 -8.46
N THR A 31 -12.29 9.70 -7.72
CA THR A 31 -11.01 10.32 -7.39
C THR A 31 -10.40 9.71 -6.15
N LEU A 32 -9.09 9.47 -6.19
CA LEU A 32 -8.37 8.88 -5.06
C LEU A 32 -7.87 9.96 -4.11
N LYS A 33 -8.16 9.81 -2.83
CA LYS A 33 -7.73 10.78 -1.83
C LYS A 33 -6.76 10.14 -0.85
N ILE A 34 -5.55 10.69 -0.77
CA ILE A 34 -4.53 10.17 0.13
C ILE A 34 -4.92 10.39 1.58
N PRO A 35 -4.83 9.31 2.39
CA PRO A 35 -5.18 9.36 3.81
C PRO A 35 -4.16 10.16 4.62
N HIS A 36 -4.59 10.63 5.78
CA HIS A 36 -3.72 11.42 6.66
C HIS A 36 -3.62 10.78 8.04
N VAL A 37 -2.47 10.20 8.35
CA VAL A 37 -2.24 9.57 9.64
C VAL A 37 -1.54 10.51 10.61
N GLU A 38 -1.97 10.48 11.88
CA GLU A 38 -1.38 11.33 12.90
C GLU A 38 -1.14 12.74 12.36
N ARG A 39 -2.12 13.26 11.62
CA ARG A 39 -2.01 14.60 11.05
C ARG A 39 -0.82 14.69 10.11
N LYS A 40 -0.62 13.65 9.31
CA LYS A 40 0.48 13.61 8.35
C LYS A 40 0.14 12.74 7.16
N ILE A 41 0.80 12.98 6.03
CA ILE A 41 0.58 12.21 4.82
C ILE A 41 1.10 10.79 4.97
N LEU A 42 0.32 9.81 4.50
CA LEU A 42 0.70 8.41 4.57
C LEU A 42 1.09 7.88 3.20
N ASP A 43 2.40 7.83 2.94
CA ASP A 43 2.89 7.33 1.66
C ASP A 43 2.72 5.82 1.56
N LEU A 44 1.75 5.39 0.78
CA LEU A 44 1.49 3.96 0.59
C LEU A 44 2.69 3.26 -0.01
N PHE A 45 3.12 3.73 -1.18
CA PHE A 45 4.27 3.14 -1.87
C PHE A 45 5.36 2.76 -0.88
N GLN A 46 5.69 3.68 0.03
CA GLN A 46 6.72 3.44 1.03
C GLN A 46 6.21 2.49 2.10
N LEU A 47 5.15 2.89 2.79
CA LEU A 47 4.56 2.07 3.84
C LEU A 47 4.60 0.59 3.48
N ASN A 48 3.82 0.22 2.46
CA ASN A 48 3.77 -1.16 2.01
C ASN A 48 5.18 -1.74 1.84
N LYS A 49 5.99 -1.09 1.02
CA LYS A 49 7.35 -1.53 0.78
C LYS A 49 8.02 -1.97 2.08
N LEU A 50 8.05 -1.07 3.06
CA LEU A 50 8.65 -1.37 4.35
C LEU A 50 8.10 -2.67 4.93
N VAL A 51 6.78 -2.83 4.84
CA VAL A 51 6.12 -4.03 5.35
C VAL A 51 6.77 -5.29 4.80
N ALA A 52 6.91 -5.34 3.48
CA ALA A 52 7.51 -6.50 2.82
C ALA A 52 8.95 -6.69 3.28
N GLU A 53 9.67 -5.59 3.48
CA GLU A 53 11.06 -5.65 3.91
C GLU A 53 11.17 -6.34 5.27
N GLU A 54 10.25 -6.00 6.18
CA GLU A 54 10.25 -6.58 7.52
C GLU A 54 9.78 -8.03 7.48
N GLY A 55 9.04 -8.37 6.43
CA GLY A 55 8.52 -9.72 6.29
C GLY A 55 7.33 -9.80 5.36
N GLY A 56 6.28 -9.05 5.69
CA GLY A 56 5.09 -9.06 4.86
C GLY A 56 3.81 -9.00 5.68
N PHE A 57 2.68 -8.79 5.01
CA PHE A 57 1.39 -8.71 5.69
C PHE A 57 1.12 -9.98 6.49
N ALA A 58 1.44 -11.13 5.91
CA ALA A 58 1.24 -12.41 6.56
C ALA A 58 2.09 -12.52 7.83
N VAL A 59 3.40 -12.56 7.65
CA VAL A 59 4.32 -12.66 8.79
C VAL A 59 4.08 -11.54 9.79
N VAL A 60 4.07 -10.30 9.30
CA VAL A 60 3.85 -9.14 10.16
C VAL A 60 2.53 -9.26 10.90
N CYS A 61 1.43 -9.22 10.17
CA CYS A 61 0.11 -9.31 10.77
C CYS A 61 0.02 -10.53 11.70
N LYS A 62 0.68 -11.61 11.31
CA LYS A 62 0.68 -12.84 12.09
C LYS A 62 1.23 -12.59 13.50
N ASP A 63 2.40 -11.96 13.56
CA ASP A 63 3.03 -11.65 14.84
C ASP A 63 2.73 -10.22 15.27
N ARG A 64 1.62 -9.68 14.78
CA ARG A 64 1.22 -8.32 15.11
C ARG A 64 2.44 -7.40 15.16
N LYS A 65 3.37 -7.60 14.24
CA LYS A 65 4.58 -6.79 14.18
C LYS A 65 4.33 -5.52 13.37
N TRP A 66 3.23 -4.85 13.67
CA TRP A 66 2.89 -3.61 12.97
C TRP A 66 3.49 -2.40 13.67
N THR A 67 3.41 -2.40 15.01
CA THR A 67 3.95 -1.30 15.80
C THR A 67 5.29 -0.83 15.25
N LYS A 68 6.21 -1.77 15.04
CA LYS A 68 7.53 -1.46 14.51
C LYS A 68 7.42 -0.59 13.26
N ILE A 69 6.93 -1.19 12.17
CA ILE A 69 6.78 -0.47 10.91
C ILE A 69 6.16 0.90 11.13
N ALA A 70 4.93 0.91 11.64
CA ALA A 70 4.23 2.16 11.90
C ALA A 70 5.18 3.22 12.44
N THR A 71 5.86 2.90 13.53
CA THR A 71 6.80 3.83 14.15
C THR A 71 7.85 4.30 13.15
N LYS A 72 8.34 3.37 12.33
CA LYS A 72 9.34 3.69 11.32
C LYS A 72 8.88 4.85 10.44
N MET A 73 7.63 4.79 10.01
CA MET A 73 7.06 5.82 9.15
C MET A 73 7.11 7.18 9.85
N GLY A 74 7.26 7.16 11.17
CA GLY A 74 7.32 8.39 11.94
C GLY A 74 6.19 8.51 12.94
N PHE A 75 5.18 7.67 12.79
CA PHE A 75 4.03 7.68 13.69
C PHE A 75 4.44 7.25 15.09
N ALA A 76 3.56 7.52 16.06
CA ALA A 76 3.83 7.15 17.44
C ALA A 76 3.63 5.66 17.67
N PRO A 77 4.47 5.08 18.54
CA PRO A 77 4.40 3.65 18.86
C PRO A 77 3.17 3.29 19.67
N GLY A 78 2.13 2.83 18.98
CA GLY A 78 0.89 2.46 19.65
C GLY A 78 0.13 1.38 18.92
N LYS A 79 -1.12 1.18 19.30
CA LYS A 79 -1.95 0.16 18.68
C LYS A 79 -2.84 0.78 17.59
N ALA A 80 -3.31 2.00 17.85
CA ALA A 80 -4.16 2.69 16.89
C ALA A 80 -3.56 2.66 15.49
N VAL A 81 -2.32 3.15 15.37
CA VAL A 81 -1.63 3.18 14.09
C VAL A 81 -1.38 1.76 13.56
N GLY A 82 -1.06 0.85 14.48
CA GLY A 82 -0.79 -0.52 14.09
C GLY A 82 -1.90 -1.10 13.22
N SER A 83 -3.14 -0.90 13.65
CA SER A 83 -4.29 -1.41 12.89
C SER A 83 -4.57 -0.55 11.67
N HIS A 84 -4.31 0.76 11.80
CA HIS A 84 -4.54 1.69 10.71
C HIS A 84 -3.86 1.21 9.44
N ILE A 85 -2.58 0.90 9.54
CA ILE A 85 -1.81 0.43 8.39
C ILE A 85 -2.64 -0.55 7.54
N ARG A 86 -3.12 -1.61 8.18
CA ARG A 86 -3.92 -2.61 7.49
C ARG A 86 -5.14 -1.98 6.84
N GLY A 87 -5.94 -1.29 7.65
CA GLY A 87 -7.14 -0.65 7.14
C GLY A 87 -6.87 0.16 5.88
N HIS A 88 -5.79 0.93 5.90
CA HIS A 88 -5.42 1.76 4.75
C HIS A 88 -5.34 0.91 3.48
N TYR A 89 -4.82 -0.30 3.61
CA TYR A 89 -4.68 -1.20 2.48
C TYR A 89 -6.03 -1.82 2.10
N GLU A 90 -6.87 -2.03 3.11
CA GLU A 90 -8.19 -2.62 2.89
C GLU A 90 -9.21 -1.54 2.53
N ARG A 91 -8.81 -0.28 2.67
CA ARG A 91 -9.69 0.84 2.36
C ARG A 91 -9.35 1.44 1.00
N ILE A 92 -8.09 1.33 0.61
CA ILE A 92 -7.64 1.86 -0.67
C ILE A 92 -7.05 0.76 -1.55
N LEU A 93 -6.12 0.01 -0.99
CA LEU A 93 -5.47 -1.08 -1.73
C LEU A 93 -6.31 -2.35 -1.65
N ASN A 94 -7.61 -2.18 -1.41
CA ASN A 94 -8.52 -3.32 -1.31
C ASN A 94 -8.75 -3.96 -2.68
N PRO A 95 -9.29 -3.17 -3.62
CA PRO A 95 -9.56 -3.63 -4.99
C PRO A 95 -8.28 -3.89 -5.78
N TYR A 96 -7.39 -2.90 -5.77
CA TYR A 96 -6.13 -3.02 -6.50
C TYR A 96 -5.51 -4.40 -6.31
N ASN A 97 -5.30 -4.79 -5.06
CA ASN A 97 -4.73 -6.09 -4.74
C ASN A 97 -5.62 -7.22 -5.24
N LEU A 98 -6.90 -7.16 -4.85
CA LEU A 98 -7.86 -8.18 -5.24
C LEU A 98 -7.76 -8.47 -6.74
N PHE A 99 -7.45 -7.43 -7.51
CA PHE A 99 -7.32 -7.58 -8.96
C PHE A 99 -6.02 -8.30 -9.32
N LEU A 100 -4.90 -7.76 -8.85
CA LEU A 100 -3.60 -8.34 -9.13
C LEU A 100 -3.58 -9.82 -8.77
N SER A 101 -4.10 -10.16 -7.60
CA SER A 101 -4.14 -11.53 -7.14
C SER A 101 -5.42 -12.23 -7.63
N GLY A 102 -6.25 -11.48 -8.34
CA GLY A 102 -7.49 -12.05 -8.85
C GLY A 102 -7.34 -13.50 -9.25
N ASP A 103 -8.05 -14.37 -8.53
CA ASP A 103 -8.00 -15.80 -8.81
C ASP A 103 -9.33 -16.30 -9.35
N SER A 104 -9.32 -16.73 -10.61
CA SER A 104 -10.52 -17.23 -11.26
C SER A 104 -11.21 -18.28 -10.40
N LEU A 105 -10.41 -19.19 -9.85
CA LEU A 105 -10.94 -20.26 -9.00
C LEU A 105 -11.90 -19.70 -7.95
N ARG A 106 -11.49 -18.62 -7.30
CA ARG A 106 -12.32 -17.99 -6.28
C ARG A 106 -13.64 -17.50 -6.86
N CYS A 107 -14.66 -18.35 -6.80
CA CYS A 107 -15.98 -18.01 -7.33
C CYS A 107 -16.74 -17.15 -6.33
N LEU A 108 -17.85 -16.57 -6.79
CA LEU A 108 -18.68 -15.72 -5.94
C LEU A 108 -19.36 -16.54 -4.84
N GLN A 109 -19.08 -16.19 -3.60
CA GLN A 109 -19.65 -16.89 -2.46
C GLN A 109 -20.99 -16.27 -2.06
N LYS A 110 -22.06 -17.04 -2.23
CA LYS A 110 -23.40 -16.58 -1.89
C LYS A 110 -24.06 -17.50 -0.87
N PRO A 111 -24.92 -16.92 -0.02
CA PRO A 111 -25.63 -17.68 1.01
C PRO A 111 -26.68 -18.62 0.44
N ASN A 112 -27.07 -19.62 1.23
CA ASN A 112 -28.07 -20.59 0.78
C ASN A 112 -29.18 -20.73 1.81
N LEU A 113 -29.67 -19.59 2.32
CA LEU A 113 -30.74 -19.58 3.30
C LEU A 113 -31.81 -18.57 2.92
N THR A 114 -33.04 -19.07 2.73
CA THR A 114 -34.16 -18.22 2.38
C THR A 114 -35.24 -18.24 3.45
N SER A 115 -35.18 -17.26 4.36
CA SER A 115 -36.15 -17.17 5.44
C SER A 115 -37.34 -16.30 5.04
N ASP A 116 -38.54 -16.77 5.34
CA ASP A 116 -39.76 -16.04 5.01
C ASP A 116 -40.20 -15.17 6.18
N THR A 117 -40.91 -14.09 5.88
CA THR A 117 -41.39 -13.18 6.90
C THR A 117 -42.92 -13.15 6.94
N LYS A 118 -43.49 -13.45 8.11
CA LYS A 118 -44.94 -13.45 8.27
C LYS A 118 -45.53 -12.10 7.91
N ASP A 119 -46.85 -12.06 7.74
CA ASP A 119 -47.54 -10.83 7.39
C ASP A 119 -48.74 -10.60 8.29
N LYS A 120 -49.05 -9.34 8.57
CA LYS A 120 -50.18 -8.99 9.42
C LYS A 120 -51.34 -9.95 9.20
N GLU A 121 -52.04 -10.30 10.27
CA GLU A 121 -53.17 -11.21 10.18
C GLU A 121 -54.40 -10.60 10.86
N TYR A 122 -55.54 -11.28 10.72
CA TYR A 122 -56.78 -10.81 11.32
C TYR A 122 -56.65 -10.71 12.84
N GLY A 1 4.91 19.18 -9.46
CA GLY A 1 6.29 18.78 -9.37
C GLY A 1 7.20 19.90 -8.90
N SER A 2 7.70 19.77 -7.67
CA SER A 2 8.57 20.79 -7.09
C SER A 2 9.97 20.23 -6.85
N SER A 3 10.91 20.58 -7.72
CA SER A 3 12.29 20.11 -7.60
C SER A 3 13.25 21.28 -7.43
N GLY A 4 14.42 21.00 -6.86
CA GLY A 4 15.41 22.04 -6.64
C GLY A 4 16.81 21.59 -7.02
N SER A 5 17.65 21.36 -6.02
CA SER A 5 19.01 20.93 -6.25
C SER A 5 19.30 19.61 -5.54
N SER A 6 18.33 18.71 -5.57
CA SER A 6 18.48 17.40 -4.93
C SER A 6 17.89 16.30 -5.79
N GLY A 7 18.40 15.08 -5.61
CA GLY A 7 17.92 13.95 -6.39
C GLY A 7 16.50 13.54 -6.00
N GLU A 8 15.63 13.41 -7.00
CA GLU A 8 14.25 13.03 -6.75
C GLU A 8 14.07 11.52 -6.95
N ALA A 9 15.09 10.75 -6.60
CA ALA A 9 15.04 9.30 -6.72
C ALA A 9 13.95 8.70 -5.83
N GLN A 10 13.94 9.14 -4.57
CA GLN A 10 12.95 8.65 -3.61
C GLN A 10 11.55 9.14 -3.96
N THR A 11 11.49 10.23 -4.73
CA THR A 11 10.22 10.80 -5.14
C THR A 11 9.69 10.16 -6.40
N ARG A 12 10.61 9.82 -7.32
CA ARG A 12 10.24 9.18 -8.57
C ARG A 12 9.61 7.82 -8.34
N VAL A 13 10.30 6.97 -7.58
CA VAL A 13 9.81 5.64 -7.28
C VAL A 13 8.42 5.69 -6.65
N LYS A 14 8.26 6.60 -5.69
CA LYS A 14 6.98 6.76 -5.00
C LYS A 14 5.87 7.13 -5.98
N LEU A 15 6.15 8.10 -6.85
CA LEU A 15 5.19 8.55 -7.84
C LEU A 15 4.73 7.39 -8.72
N ASN A 16 5.69 6.64 -9.25
CA ASN A 16 5.39 5.51 -10.12
C ASN A 16 4.16 4.77 -9.61
N PHE A 17 4.25 4.23 -8.40
CA PHE A 17 3.15 3.49 -7.80
C PHE A 17 1.89 4.36 -7.72
N LEU A 18 1.96 5.40 -6.91
CA LEU A 18 0.84 6.32 -6.73
C LEU A 18 0.11 6.55 -8.06
N ASP A 19 0.85 6.42 -9.16
CA ASP A 19 0.28 6.62 -10.48
C ASP A 19 -0.46 5.36 -10.94
N GLN A 20 0.20 4.21 -10.81
CA GLN A 20 -0.39 2.94 -11.22
C GLN A 20 -1.61 2.61 -10.37
N ILE A 21 -1.68 3.22 -9.19
CA ILE A 21 -2.80 2.99 -8.28
C ILE A 21 -3.92 4.01 -8.51
N ALA A 22 -3.53 5.26 -8.76
CA ALA A 22 -4.50 6.32 -9.00
C ALA A 22 -5.24 6.10 -10.31
N LYS A 23 -4.50 5.68 -11.34
CA LYS A 23 -5.10 5.43 -12.65
C LYS A 23 -6.22 4.41 -12.56
N TYR A 24 -5.99 3.34 -11.80
CA TYR A 24 -6.98 2.29 -11.63
C TYR A 24 -8.32 2.88 -11.23
N TRP A 25 -8.30 3.97 -10.48
CA TRP A 25 -9.51 4.64 -10.04
C TRP A 25 -10.11 5.50 -11.15
N GLU A 26 -9.27 6.31 -11.77
CA GLU A 26 -9.71 7.19 -12.85
C GLU A 26 -10.58 6.43 -13.84
N LEU A 27 -10.19 5.19 -14.13
CA LEU A 27 -10.94 4.35 -15.06
C LEU A 27 -12.34 4.04 -14.53
N GLN A 28 -12.41 3.68 -13.25
CA GLN A 28 -13.69 3.37 -12.61
C GLN A 28 -14.57 4.60 -12.55
N GLY A 29 -13.95 5.77 -12.39
CA GLY A 29 -14.71 7.00 -12.31
C GLY A 29 -14.74 7.58 -10.90
N SER A 30 -13.60 7.52 -10.22
CA SER A 30 -13.49 8.03 -8.86
C SER A 30 -12.13 8.66 -8.63
N THR A 31 -12.10 9.70 -7.78
CA THR A 31 -10.86 10.38 -7.46
C THR A 31 -10.13 9.71 -6.30
N LEU A 32 -8.81 9.75 -6.34
CA LEU A 32 -7.99 9.15 -5.29
C LEU A 32 -7.57 10.19 -4.26
N LYS A 33 -8.04 10.02 -3.03
CA LYS A 33 -7.71 10.95 -1.95
C LYS A 33 -6.73 10.31 -0.97
N ILE A 34 -5.60 10.98 -0.75
CA ILE A 34 -4.58 10.48 0.17
C ILE A 34 -5.02 10.65 1.61
N PRO A 35 -5.01 9.55 2.38
CA PRO A 35 -5.40 9.55 3.79
C PRO A 35 -4.39 10.28 4.66
N HIS A 36 -4.83 10.68 5.85
CA HIS A 36 -3.95 11.40 6.79
C HIS A 36 -3.92 10.69 8.14
N VAL A 37 -2.79 10.07 8.46
CA VAL A 37 -2.63 9.37 9.72
C VAL A 37 -1.85 10.21 10.72
N GLU A 38 -2.48 10.46 11.87
CA GLU A 38 -1.85 11.26 12.91
C GLU A 38 -1.42 12.63 12.38
N ARG A 39 -2.31 13.27 11.63
CA ARG A 39 -2.02 14.58 11.06
C ARG A 39 -0.79 14.51 10.16
N LYS A 40 -0.68 13.45 9.38
CA LYS A 40 0.46 13.27 8.47
C LYS A 40 0.02 12.57 7.19
N ILE A 41 0.75 12.83 6.11
CA ILE A 41 0.45 12.21 4.82
C ILE A 41 0.90 10.75 4.78
N LEU A 42 -0.05 9.84 4.71
CA LEU A 42 0.26 8.42 4.65
C LEU A 42 0.65 7.99 3.25
N ASP A 43 1.92 7.69 3.04
CA ASP A 43 2.42 7.27 1.74
C ASP A 43 2.22 5.77 1.54
N LEU A 44 1.06 5.40 1.01
CA LEU A 44 0.75 3.99 0.78
C LEU A 44 1.97 3.24 0.27
N PHE A 45 2.44 3.61 -0.92
CA PHE A 45 3.61 2.98 -1.52
C PHE A 45 4.65 2.64 -0.45
N GLN A 46 5.23 3.67 0.14
CA GLN A 46 6.24 3.48 1.18
C GLN A 46 5.76 2.50 2.25
N LEU A 47 4.66 2.85 2.91
CA LEU A 47 4.09 2.00 3.94
C LEU A 47 4.24 0.52 3.59
N ASN A 48 3.48 0.09 2.58
CA ASN A 48 3.53 -1.30 2.15
C ASN A 48 4.97 -1.75 1.93
N LYS A 49 5.75 -0.93 1.23
CA LYS A 49 7.15 -1.25 0.97
C LYS A 49 7.87 -1.66 2.24
N LEU A 50 7.81 -0.80 3.25
CA LEU A 50 8.45 -1.07 4.54
C LEU A 50 8.04 -2.44 5.07
N VAL A 51 6.75 -2.70 5.09
CA VAL A 51 6.22 -3.98 5.56
C VAL A 51 6.98 -5.15 4.95
N ALA A 52 7.13 -5.12 3.63
CA ALA A 52 7.84 -6.18 2.92
C ALA A 52 9.27 -6.32 3.42
N GLU A 53 9.95 -5.19 3.60
CA GLU A 53 11.32 -5.19 4.08
C GLU A 53 11.42 -5.86 5.45
N GLU A 54 10.37 -5.72 6.25
CA GLU A 54 10.33 -6.29 7.58
C GLU A 54 9.94 -7.77 7.52
N GLY A 55 9.45 -8.20 6.37
CA GLY A 55 9.05 -9.59 6.20
C GLY A 55 7.97 -9.75 5.15
N GLY A 56 6.82 -9.13 5.38
CA GLY A 56 5.72 -9.23 4.43
C GLY A 56 4.37 -9.08 5.09
N PHE A 57 3.32 -8.97 4.29
CA PHE A 57 1.96 -8.82 4.80
C PHE A 57 1.57 -10.02 5.66
N ALA A 58 2.03 -11.20 5.26
CA ALA A 58 1.74 -12.43 5.99
C ALA A 58 2.51 -12.48 7.31
N VAL A 59 3.83 -12.58 7.21
CA VAL A 59 4.67 -12.64 8.39
C VAL A 59 4.34 -11.53 9.38
N VAL A 60 4.25 -10.30 8.87
CA VAL A 60 3.92 -9.15 9.69
C VAL A 60 2.54 -9.29 10.32
N CYS A 61 1.52 -9.34 9.47
CA CYS A 61 0.15 -9.47 9.93
C CYS A 61 0.03 -10.55 11.00
N LYS A 62 0.65 -11.70 10.74
CA LYS A 62 0.63 -12.82 11.68
C LYS A 62 1.31 -12.45 12.99
N ASP A 63 2.57 -12.00 12.89
CA ASP A 63 3.33 -11.62 14.06
C ASP A 63 2.99 -10.19 14.48
N ARG A 64 1.89 -9.67 13.96
CA ARG A 64 1.46 -8.31 14.28
C ARG A 64 2.66 -7.37 14.36
N LYS A 65 3.49 -7.36 13.31
CA LYS A 65 4.66 -6.52 13.27
C LYS A 65 4.37 -5.21 12.54
N TRP A 66 3.19 -4.64 12.83
CA TRP A 66 2.79 -3.38 12.20
C TRP A 66 3.42 -2.19 12.91
N THR A 67 3.46 -2.25 14.24
CA THR A 67 4.04 -1.18 15.04
C THR A 67 5.33 -0.66 14.41
N LYS A 68 6.24 -1.57 14.10
CA LYS A 68 7.52 -1.21 13.49
C LYS A 68 7.30 -0.28 12.29
N ILE A 69 6.72 -0.84 11.23
CA ILE A 69 6.46 -0.06 10.03
C ILE A 69 5.92 1.33 10.37
N ALA A 70 4.72 1.36 10.93
CA ALA A 70 4.08 2.62 11.32
C ALA A 70 5.09 3.58 11.93
N THR A 71 5.84 3.09 12.93
CA THR A 71 6.84 3.91 13.60
C THR A 71 7.82 4.51 12.59
N LYS A 72 8.41 3.66 11.76
CA LYS A 72 9.37 4.11 10.76
C LYS A 72 8.77 5.20 9.89
N MET A 73 7.45 5.19 9.74
CA MET A 73 6.75 6.18 8.95
C MET A 73 6.61 7.50 9.70
N GLY A 74 7.30 7.59 10.83
CA GLY A 74 7.23 8.80 11.64
C GLY A 74 6.09 8.78 12.64
N PHE A 75 5.23 7.78 12.51
CA PHE A 75 4.08 7.65 13.41
C PHE A 75 4.53 7.23 14.81
N ALA A 76 3.69 7.54 15.80
CA ALA A 76 4.01 7.20 17.18
C ALA A 76 3.85 5.70 17.43
N PRO A 77 4.73 5.15 18.27
CA PRO A 77 4.70 3.72 18.61
C PRO A 77 3.50 3.35 19.47
N GLY A 78 2.38 3.02 18.82
CA GLY A 78 1.18 2.65 19.55
C GLY A 78 0.42 1.53 18.88
N LYS A 79 -0.80 1.28 19.34
CA LYS A 79 -1.63 0.22 18.78
C LYS A 79 -2.55 0.76 17.70
N ALA A 80 -3.22 1.87 18.00
CA ALA A 80 -4.13 2.50 17.05
C ALA A 80 -3.57 2.45 15.63
N VAL A 81 -2.39 3.04 15.46
CA VAL A 81 -1.74 3.06 14.15
C VAL A 81 -1.47 1.65 13.64
N GLY A 82 -1.23 0.72 14.56
CA GLY A 82 -0.97 -0.65 14.18
C GLY A 82 -2.06 -1.24 13.33
N SER A 83 -3.31 -1.09 13.79
CA SER A 83 -4.46 -1.62 13.06
C SER A 83 -4.76 -0.77 11.83
N HIS A 84 -4.53 0.54 11.95
CA HIS A 84 -4.77 1.46 10.84
C HIS A 84 -4.11 0.97 9.57
N ILE A 85 -2.81 0.70 9.64
CA ILE A 85 -2.06 0.22 8.48
C ILE A 85 -2.90 -0.76 7.66
N ARG A 86 -3.49 -1.74 8.34
CA ARG A 86 -4.31 -2.73 7.66
C ARG A 86 -5.56 -2.09 7.05
N GLY A 87 -6.30 -1.35 7.87
CA GLY A 87 -7.50 -0.70 7.37
C GLY A 87 -7.24 0.14 6.14
N HIS A 88 -6.33 1.10 6.26
CA HIS A 88 -5.99 1.97 5.15
C HIS A 88 -5.87 1.19 3.85
N TYR A 89 -5.45 -0.08 3.96
CA TYR A 89 -5.29 -0.93 2.80
C TYR A 89 -6.64 -1.49 2.34
N GLU A 90 -7.49 -1.81 3.30
CA GLU A 90 -8.81 -2.35 2.99
C GLU A 90 -9.76 -1.24 2.56
N ARG A 91 -9.33 0.00 2.74
CA ARG A 91 -10.15 1.16 2.37
C ARG A 91 -9.74 1.70 1.00
N ILE A 92 -8.45 1.60 0.69
CA ILE A 92 -7.93 2.09 -0.58
C ILE A 92 -7.28 0.95 -1.37
N LEU A 93 -6.42 0.19 -0.70
CA LEU A 93 -5.73 -0.93 -1.34
C LEU A 93 -6.61 -2.18 -1.35
N ASN A 94 -7.91 -1.97 -1.21
CA ASN A 94 -8.85 -3.09 -1.19
C ASN A 94 -8.99 -3.71 -2.58
N PRO A 95 -9.41 -2.89 -3.56
CA PRO A 95 -9.59 -3.33 -4.94
C PRO A 95 -8.25 -3.62 -5.63
N TYR A 96 -7.33 -2.68 -5.53
CA TYR A 96 -6.01 -2.83 -6.14
C TYR A 96 -5.46 -4.22 -5.89
N ASN A 97 -5.35 -4.60 -4.62
CA ASN A 97 -4.83 -5.91 -4.25
C ASN A 97 -5.85 -7.01 -4.54
N LEU A 98 -7.12 -6.70 -4.29
CA LEU A 98 -8.19 -7.66 -4.52
C LEU A 98 -8.22 -8.10 -5.98
N PHE A 99 -7.67 -7.27 -6.85
CA PHE A 99 -7.62 -7.58 -8.28
C PHE A 99 -6.27 -8.16 -8.67
N LEU A 100 -5.20 -7.57 -8.15
CA LEU A 100 -3.86 -8.03 -8.44
C LEU A 100 -3.71 -9.52 -8.16
N SER A 101 -4.24 -9.95 -7.02
CA SER A 101 -4.17 -11.35 -6.63
C SER A 101 -5.05 -12.22 -7.52
N GLY A 102 -6.28 -11.76 -7.74
CA GLY A 102 -7.20 -12.50 -8.59
C GLY A 102 -8.60 -11.91 -8.58
N ASP A 103 -9.26 -11.94 -9.73
CA ASP A 103 -10.60 -11.39 -9.86
C ASP A 103 -11.54 -12.43 -10.46
N SER A 104 -12.85 -12.23 -10.25
CA SER A 104 -13.85 -13.15 -10.78
C SER A 104 -14.34 -12.69 -12.15
N LEU A 105 -14.62 -11.40 -12.27
CA LEU A 105 -15.10 -10.83 -13.52
C LEU A 105 -14.18 -11.21 -14.68
N ARG A 106 -12.88 -11.06 -14.47
CA ARG A 106 -11.90 -11.40 -15.49
C ARG A 106 -12.15 -12.80 -16.05
N CYS A 107 -11.98 -12.95 -17.36
CA CYS A 107 -12.18 -14.24 -18.02
C CYS A 107 -11.10 -15.23 -17.61
N LEU A 108 -11.25 -16.47 -18.06
CA LEU A 108 -10.29 -17.52 -17.75
C LEU A 108 -8.97 -17.28 -18.47
N GLN A 109 -7.86 -17.48 -17.77
CA GLN A 109 -6.53 -17.29 -18.35
C GLN A 109 -5.81 -18.61 -18.50
N LYS A 110 -4.96 -18.71 -19.53
CA LYS A 110 -4.20 -19.93 -19.78
C LYS A 110 -3.46 -20.38 -18.52
N PRO A 111 -3.33 -21.70 -18.35
CA PRO A 111 -2.64 -22.29 -17.20
C PRO A 111 -1.14 -22.05 -17.24
N ASN A 112 -0.66 -21.43 -18.32
CA ASN A 112 0.75 -21.15 -18.49
C ASN A 112 1.26 -20.26 -17.34
N LEU A 113 2.41 -20.62 -16.79
CA LEU A 113 3.00 -19.86 -15.69
C LEU A 113 4.53 -19.88 -15.77
N THR A 114 5.13 -18.70 -15.78
CA THR A 114 6.59 -18.58 -15.86
C THR A 114 7.10 -17.46 -14.96
N SER A 115 7.70 -17.83 -13.84
CA SER A 115 8.23 -16.85 -12.90
C SER A 115 9.72 -17.09 -12.65
N ASP A 116 10.51 -16.03 -12.79
CA ASP A 116 11.96 -16.12 -12.59
C ASP A 116 12.28 -16.26 -11.10
N THR A 117 12.20 -17.49 -10.59
CA THR A 117 12.48 -17.76 -9.19
C THR A 117 13.42 -18.94 -9.03
N LYS A 118 14.68 -18.66 -8.71
CA LYS A 118 15.68 -19.70 -8.52
C LYS A 118 15.43 -20.47 -7.24
N ASP A 119 16.04 -21.64 -7.13
CA ASP A 119 15.89 -22.48 -5.94
C ASP A 119 16.43 -21.77 -4.71
N LYS A 120 15.61 -21.69 -3.67
CA LYS A 120 16.02 -21.04 -2.42
C LYS A 120 15.98 -22.02 -1.26
N GLU A 121 16.64 -21.65 -0.17
CA GLU A 121 16.69 -22.51 1.01
C GLU A 121 15.28 -22.78 1.54
N TYR A 122 15.14 -23.85 2.32
CA TYR A 122 13.85 -24.22 2.89
C TYR A 122 13.06 -22.99 3.29
N GLY A 1 28.42 19.06 -24.83
CA GLY A 1 27.13 19.00 -24.16
C GLY A 1 26.92 17.67 -23.44
N SER A 2 27.81 17.35 -22.51
CA SER A 2 27.71 16.10 -21.77
C SER A 2 26.77 16.27 -20.57
N SER A 3 26.49 15.16 -19.90
CA SER A 3 25.60 15.18 -18.74
C SER A 3 26.27 14.54 -17.53
N GLY A 4 26.96 13.42 -17.77
CA GLY A 4 27.63 12.73 -16.69
C GLY A 4 27.25 11.27 -16.59
N SER A 5 26.42 10.94 -15.61
CA SER A 5 25.97 9.56 -15.41
C SER A 5 24.61 9.53 -14.71
N SER A 6 24.00 8.35 -14.69
CA SER A 6 22.70 8.18 -14.06
C SER A 6 22.65 6.90 -13.24
N GLY A 7 21.91 6.94 -12.13
CA GLY A 7 21.80 5.77 -11.27
C GLY A 7 20.36 5.44 -10.93
N GLU A 8 20.00 5.65 -9.66
CA GLU A 8 18.64 5.37 -9.21
C GLU A 8 18.00 6.61 -8.59
N ALA A 9 16.69 6.71 -8.71
CA ALA A 9 15.97 7.85 -8.15
C ALA A 9 14.66 7.41 -7.51
N GLN A 10 14.39 7.91 -6.31
CA GLN A 10 13.17 7.55 -5.58
C GLN A 10 11.95 8.16 -6.27
N THR A 11 11.92 9.49 -6.36
CA THR A 11 10.81 10.18 -6.98
C THR A 11 10.22 9.36 -8.14
N ARG A 12 11.10 8.66 -8.86
CA ARG A 12 10.67 7.84 -9.99
C ARG A 12 9.62 6.82 -9.56
N VAL A 13 9.99 5.99 -8.58
CA VAL A 13 9.09 4.97 -8.08
C VAL A 13 7.97 5.58 -7.26
N LYS A 14 8.26 6.69 -6.60
CA LYS A 14 7.28 7.38 -5.78
C LYS A 14 6.03 7.71 -6.58
N LEU A 15 6.22 8.30 -7.75
CA LEU A 15 5.10 8.67 -8.62
C LEU A 15 4.57 7.44 -9.36
N ASN A 16 5.47 6.66 -9.95
CA ASN A 16 5.09 5.46 -10.68
C ASN A 16 3.93 4.75 -9.98
N PHE A 17 4.17 4.29 -8.76
CA PHE A 17 3.15 3.59 -8.00
C PHE A 17 1.87 4.42 -7.91
N LEU A 18 1.96 5.58 -7.25
CA LEU A 18 0.82 6.46 -7.09
C LEU A 18 0.07 6.62 -8.42
N ASP A 19 0.78 6.44 -9.52
CA ASP A 19 0.19 6.56 -10.84
C ASP A 19 -0.51 5.27 -11.25
N GLN A 20 0.12 4.14 -10.93
CA GLN A 20 -0.44 2.83 -11.26
C GLN A 20 -1.60 2.49 -10.34
N ILE A 21 -1.61 3.09 -9.15
CA ILE A 21 -2.66 2.85 -8.17
C ILE A 21 -3.85 3.78 -8.39
N ALA A 22 -3.54 5.07 -8.62
CA ALA A 22 -4.57 6.06 -8.86
C ALA A 22 -5.33 5.78 -10.15
N LYS A 23 -4.58 5.50 -11.21
CA LYS A 23 -5.18 5.22 -12.51
C LYS A 23 -6.29 4.19 -12.39
N TYR A 24 -6.04 3.13 -11.63
CA TYR A 24 -7.03 2.08 -11.43
C TYR A 24 -8.36 2.66 -10.96
N TRP A 25 -8.29 3.63 -10.05
CA TRP A 25 -9.48 4.27 -9.52
C TRP A 25 -10.18 5.10 -10.59
N GLU A 26 -9.41 5.92 -11.30
CA GLU A 26 -9.95 6.76 -12.36
C GLU A 26 -10.88 5.97 -13.26
N LEU A 27 -10.45 4.78 -13.65
CA LEU A 27 -11.25 3.92 -14.51
C LEU A 27 -12.66 3.75 -13.96
N GLN A 28 -12.76 3.66 -12.64
CA GLN A 28 -14.07 3.51 -11.99
C GLN A 28 -14.81 4.83 -11.93
N GLY A 29 -14.06 5.93 -12.00
CA GLY A 29 -14.68 7.25 -11.95
C GLY A 29 -14.65 7.85 -10.56
N SER A 30 -13.66 7.45 -9.77
CA SER A 30 -13.53 7.95 -8.40
C SER A 30 -12.11 8.45 -8.14
N THR A 31 -12.00 9.60 -7.50
CA THR A 31 -10.70 10.18 -7.18
C THR A 31 -10.10 9.56 -5.93
N LEU A 32 -8.79 9.42 -5.91
CA LEU A 32 -8.09 8.82 -4.77
C LEU A 32 -7.68 9.92 -3.77
N LYS A 33 -8.22 9.84 -2.56
CA LYS A 33 -7.92 10.80 -1.52
C LYS A 33 -7.07 10.17 -0.42
N ILE A 34 -5.84 10.63 -0.27
CA ILE A 34 -4.93 10.11 0.74
C ILE A 34 -5.38 10.53 2.14
N PRO A 35 -5.53 9.54 3.03
CA PRO A 35 -5.95 9.78 4.42
C PRO A 35 -4.87 10.48 5.23
N HIS A 36 -5.22 10.85 6.46
CA HIS A 36 -4.28 11.54 7.35
C HIS A 36 -4.10 10.76 8.65
N VAL A 37 -2.87 10.35 8.93
CA VAL A 37 -2.57 9.62 10.14
C VAL A 37 -1.76 10.46 11.13
N GLU A 38 -2.24 10.53 12.36
CA GLU A 38 -1.55 11.31 13.40
C GLU A 38 -1.33 12.75 12.94
N ARG A 39 -2.35 13.32 12.31
CA ARG A 39 -2.26 14.69 11.81
C ARG A 39 -1.11 14.85 10.82
N LYS A 40 -1.00 13.89 9.89
CA LYS A 40 0.05 13.92 8.89
C LYS A 40 -0.34 13.10 7.67
N ILE A 41 0.22 13.45 6.53
CA ILE A 41 -0.07 12.75 5.28
C ILE A 41 0.57 11.36 5.27
N LEU A 42 -0.26 10.33 5.45
CA LEU A 42 0.23 8.96 5.46
C LEU A 42 0.76 8.56 4.09
N ASP A 43 2.06 8.27 4.03
CA ASP A 43 2.69 7.87 2.77
C ASP A 43 2.42 6.39 2.48
N LEU A 44 1.58 6.14 1.48
CA LEU A 44 1.25 4.77 1.10
C LEU A 44 2.46 4.05 0.53
N PHE A 45 3.10 4.66 -0.45
CA PHE A 45 4.28 4.09 -1.09
C PHE A 45 5.27 3.60 -0.03
N GLN A 46 5.84 4.53 0.72
CA GLN A 46 6.80 4.20 1.76
C GLN A 46 6.22 3.18 2.73
N LEU A 47 5.01 3.44 3.19
CA LEU A 47 4.34 2.54 4.13
C LEU A 47 4.38 1.11 3.64
N ASN A 48 3.60 0.82 2.60
CA ASN A 48 3.55 -0.52 2.02
C ASN A 48 4.96 -1.07 1.77
N LYS A 49 5.83 -0.21 1.23
CA LYS A 49 7.20 -0.60 0.95
C LYS A 49 7.86 -1.23 2.17
N LEU A 50 7.81 -0.52 3.30
CA LEU A 50 8.39 -1.01 4.54
C LEU A 50 7.81 -2.37 4.91
N VAL A 51 6.50 -2.49 4.83
CA VAL A 51 5.81 -3.74 5.15
C VAL A 51 6.48 -4.92 4.46
N ALA A 52 6.70 -4.79 3.16
CA ALA A 52 7.33 -5.84 2.38
C ALA A 52 8.77 -6.08 2.83
N GLU A 53 9.44 -5.01 3.23
CA GLU A 53 10.82 -5.10 3.68
C GLU A 53 10.91 -5.85 5.01
N GLU A 54 9.99 -5.55 5.91
CA GLU A 54 9.96 -6.19 7.22
C GLU A 54 9.48 -7.64 7.11
N GLY A 55 8.89 -7.97 5.96
CA GLY A 55 8.40 -9.31 5.74
C GLY A 55 7.27 -9.36 4.74
N GLY A 56 6.17 -8.68 5.05
CA GLY A 56 5.02 -8.67 4.15
C GLY A 56 3.71 -8.54 4.90
N PHE A 57 2.63 -8.28 4.16
CA PHE A 57 1.31 -8.15 4.76
C PHE A 57 0.94 -9.40 5.54
N ALA A 58 1.23 -10.56 4.98
CA ALA A 58 0.92 -11.83 5.62
C ALA A 58 1.75 -12.01 6.89
N VAL A 59 3.05 -12.14 6.73
CA VAL A 59 3.95 -12.33 7.86
C VAL A 59 3.74 -11.23 8.91
N VAL A 60 3.55 -10.01 8.44
CA VAL A 60 3.34 -8.87 9.34
C VAL A 60 1.97 -8.97 10.02
N CYS A 61 1.03 -9.64 9.37
CA CYS A 61 -0.31 -9.80 9.91
C CYS A 61 -0.33 -10.90 10.97
N LYS A 62 0.50 -11.91 10.80
CA LYS A 62 0.57 -13.02 11.74
C LYS A 62 1.43 -12.65 12.95
N ASP A 63 2.59 -12.04 12.68
CA ASP A 63 3.50 -11.64 13.75
C ASP A 63 3.17 -10.23 14.23
N ARG A 64 1.96 -9.78 13.96
CA ARG A 64 1.52 -8.44 14.36
C ARG A 64 2.71 -7.47 14.37
N LYS A 65 3.48 -7.48 13.29
CA LYS A 65 4.64 -6.61 13.18
C LYS A 65 4.25 -5.26 12.57
N TRP A 66 3.08 -4.77 12.95
CA TRP A 66 2.58 -3.50 12.46
C TRP A 66 3.12 -2.34 13.29
N THR A 67 3.13 -2.52 14.61
CA THR A 67 3.63 -1.49 15.51
C THR A 67 5.01 -1.01 15.10
N LYS A 68 5.93 -1.96 14.95
CA LYS A 68 7.30 -1.63 14.56
C LYS A 68 7.32 -0.66 13.39
N ILE A 69 6.62 -1.02 12.32
CA ILE A 69 6.55 -0.16 11.13
C ILE A 69 5.98 1.20 11.47
N ALA A 70 4.70 1.23 11.81
CA ALA A 70 4.02 2.47 12.16
C ALA A 70 4.97 3.43 12.88
N THR A 71 5.65 2.92 13.90
CA THR A 71 6.59 3.72 14.67
C THR A 71 7.69 4.29 13.79
N LYS A 72 8.30 3.43 12.98
CA LYS A 72 9.36 3.84 12.07
C LYS A 72 8.95 5.06 11.26
N MET A 73 7.75 4.98 10.66
CA MET A 73 7.24 6.09 9.86
C MET A 73 7.38 7.42 10.59
N GLY A 74 7.38 7.36 11.92
CA GLY A 74 7.51 8.56 12.72
C GLY A 74 6.34 8.76 13.65
N PHE A 75 5.32 7.93 13.51
CA PHE A 75 4.13 8.02 14.35
C PHE A 75 4.39 7.43 15.73
N ALA A 76 3.46 7.66 16.66
CA ALA A 76 3.59 7.14 18.01
C ALA A 76 3.16 5.68 18.09
N PRO A 77 3.84 4.91 18.96
CA PRO A 77 3.55 3.49 19.14
C PRO A 77 2.21 3.25 19.83
N GLY A 78 1.15 3.08 19.05
CA GLY A 78 -0.16 2.84 19.61
C GLY A 78 -1.00 1.93 18.75
N LYS A 79 -1.68 0.98 19.39
CA LYS A 79 -2.53 0.03 18.67
C LYS A 79 -3.37 0.74 17.62
N ALA A 80 -3.59 2.03 17.82
CA ALA A 80 -4.37 2.82 16.87
C ALA A 80 -3.72 2.83 15.49
N VAL A 81 -2.49 3.32 15.43
CA VAL A 81 -1.76 3.38 14.17
C VAL A 81 -1.42 1.99 13.66
N GLY A 82 -1.03 1.10 14.57
CA GLY A 82 -0.69 -0.26 14.19
C GLY A 82 -1.77 -0.91 13.34
N SER A 83 -3.03 -0.69 13.71
CA SER A 83 -4.14 -1.26 12.99
C SER A 83 -4.50 -0.41 11.77
N HIS A 84 -4.29 0.89 11.90
CA HIS A 84 -4.60 1.82 10.82
C HIS A 84 -3.89 1.40 9.53
N ILE A 85 -2.65 0.96 9.66
CA ILE A 85 -1.86 0.53 8.51
C ILE A 85 -2.64 -0.46 7.65
N ARG A 86 -3.00 -1.59 8.23
CA ARG A 86 -3.75 -2.62 7.52
C ARG A 86 -5.05 -2.05 6.95
N GLY A 87 -5.83 -1.40 7.81
CA GLY A 87 -7.09 -0.82 7.36
C GLY A 87 -6.92 0.03 6.13
N HIS A 88 -5.87 0.84 6.10
CA HIS A 88 -5.59 1.72 4.96
C HIS A 88 -5.49 0.90 3.67
N TYR A 89 -4.86 -0.26 3.75
CA TYR A 89 -4.69 -1.12 2.59
C TYR A 89 -5.98 -1.84 2.25
N GLU A 90 -6.71 -2.27 3.27
CA GLU A 90 -7.97 -2.97 3.08
C GLU A 90 -9.09 -1.99 2.71
N ARG A 91 -8.78 -0.69 2.83
CA ARG A 91 -9.76 0.35 2.50
C ARG A 91 -9.45 0.98 1.15
N ILE A 92 -8.17 1.00 0.80
CA ILE A 92 -7.74 1.59 -0.47
C ILE A 92 -7.06 0.55 -1.35
N LEU A 93 -6.06 -0.13 -0.79
CA LEU A 93 -5.32 -1.15 -1.53
C LEU A 93 -6.06 -2.48 -1.49
N ASN A 94 -7.36 -2.42 -1.18
CA ASN A 94 -8.18 -3.63 -1.12
C ASN A 94 -8.41 -4.21 -2.51
N PRO A 95 -9.03 -3.41 -3.40
CA PRO A 95 -9.32 -3.82 -4.77
C PRO A 95 -8.05 -3.94 -5.62
N TYR A 96 -7.14 -2.98 -5.45
CA TYR A 96 -5.89 -2.96 -6.20
C TYR A 96 -5.26 -4.35 -6.21
N ASN A 97 -5.10 -4.94 -5.03
CA ASN A 97 -4.51 -6.26 -4.90
C ASN A 97 -5.54 -7.35 -5.21
N LEU A 98 -6.74 -7.18 -4.69
CA LEU A 98 -7.82 -8.14 -4.91
C LEU A 98 -7.96 -8.46 -6.39
N PHE A 99 -7.67 -7.48 -7.24
CA PHE A 99 -7.76 -7.66 -8.68
C PHE A 99 -6.45 -8.16 -9.26
N LEU A 100 -5.37 -7.43 -8.98
CA LEU A 100 -4.04 -7.80 -9.47
C LEU A 100 -3.82 -9.31 -9.35
N SER A 101 -4.06 -9.85 -8.16
CA SER A 101 -3.87 -11.27 -7.91
C SER A 101 -4.85 -12.10 -8.75
N GLY A 102 -6.09 -11.61 -8.85
CA GLY A 102 -7.09 -12.31 -9.62
C GLY A 102 -6.56 -12.82 -10.95
N ASP A 103 -6.52 -11.94 -11.94
CA ASP A 103 -6.03 -12.29 -13.27
C ASP A 103 -4.89 -11.38 -13.69
N SER A 104 -3.70 -11.96 -13.85
CA SER A 104 -2.52 -11.20 -14.25
C SER A 104 -2.31 -11.27 -15.75
N LEU A 105 -2.88 -12.30 -16.37
CA LEU A 105 -2.75 -12.49 -17.81
C LEU A 105 -3.63 -11.49 -18.57
N ARG A 106 -4.30 -10.63 -17.83
CA ARG A 106 -5.16 -9.62 -18.43
C ARG A 106 -4.94 -8.24 -17.80
N CYS A 107 -3.94 -7.53 -18.30
CA CYS A 107 -3.61 -6.21 -17.79
C CYS A 107 -3.10 -5.30 -18.90
N LEU A 108 -2.78 -4.07 -18.55
CA LEU A 108 -2.27 -3.10 -19.52
C LEU A 108 -1.20 -2.21 -18.90
N GLN A 109 -0.40 -1.58 -19.75
CA GLN A 109 0.66 -0.69 -19.28
C GLN A 109 0.66 0.62 -20.06
N LYS A 110 0.70 1.73 -19.33
CA LYS A 110 0.69 3.05 -19.95
C LYS A 110 2.12 3.51 -20.24
N PRO A 111 2.31 4.19 -21.39
CA PRO A 111 3.62 4.70 -21.80
C PRO A 111 4.09 5.86 -20.93
N ASN A 112 5.31 5.76 -20.43
CA ASN A 112 5.88 6.80 -19.58
C ASN A 112 7.25 7.22 -20.09
N LEU A 113 7.41 8.53 -20.33
CA LEU A 113 8.68 9.06 -20.81
C LEU A 113 8.93 10.47 -20.26
N THR A 114 9.88 10.58 -19.34
CA THR A 114 10.21 11.85 -18.73
C THR A 114 11.63 12.28 -19.09
N SER A 115 11.93 13.56 -18.89
CA SER A 115 13.25 14.09 -19.19
C SER A 115 13.80 14.88 -18.00
N ASP A 116 14.97 14.47 -17.52
CA ASP A 116 15.61 15.13 -16.39
C ASP A 116 16.98 15.67 -16.78
N THR A 117 17.12 16.99 -16.77
CA THR A 117 18.38 17.62 -17.13
C THR A 117 19.05 18.23 -15.90
N LYS A 118 18.24 18.66 -14.93
CA LYS A 118 18.76 19.26 -13.71
C LYS A 118 18.72 18.26 -12.55
N ASP A 119 19.90 17.80 -12.15
CA ASP A 119 20.01 16.84 -11.05
C ASP A 119 19.46 17.43 -9.76
N LYS A 120 19.47 18.76 -9.67
CA LYS A 120 18.97 19.45 -8.48
C LYS A 120 18.40 20.81 -8.85
N GLU A 121 17.10 20.98 -8.62
CA GLU A 121 16.43 22.24 -8.92
C GLU A 121 17.11 23.41 -8.22
N TYR A 122 17.79 23.11 -7.11
CA TYR A 122 18.48 24.13 -6.34
C TYR A 122 19.79 24.53 -7.02
N GLY A 1 13.88 17.62 -19.77
CA GLY A 1 14.16 16.23 -19.41
C GLY A 1 15.12 16.11 -18.25
N SER A 2 16.38 16.46 -18.49
CA SER A 2 17.40 16.37 -17.44
C SER A 2 18.70 17.04 -17.90
N SER A 3 19.40 17.68 -16.96
CA SER A 3 20.64 18.36 -17.27
C SER A 3 21.73 17.96 -16.28
N GLY A 4 22.95 18.47 -16.50
CA GLY A 4 24.06 18.16 -15.62
C GLY A 4 24.25 16.66 -15.45
N SER A 5 24.05 16.18 -14.23
CA SER A 5 24.21 14.76 -13.93
C SER A 5 23.01 14.23 -13.15
N SER A 6 21.82 14.65 -13.55
CA SER A 6 20.59 14.22 -12.89
C SER A 6 20.69 12.76 -12.48
N GLY A 7 20.55 12.51 -11.18
CA GLY A 7 20.63 11.15 -10.67
C GLY A 7 19.27 10.60 -10.31
N GLU A 8 19.25 9.61 -9.41
CA GLU A 8 18.00 8.99 -8.98
C GLU A 8 17.05 10.04 -8.41
N ALA A 9 15.80 9.62 -8.19
CA ALA A 9 14.79 10.51 -7.64
C ALA A 9 14.16 9.93 -6.39
N GLN A 10 13.61 10.80 -5.54
CA GLN A 10 12.97 10.36 -4.31
C GLN A 10 11.46 10.52 -4.39
N THR A 11 11.01 11.56 -5.08
CA THR A 11 9.58 11.83 -5.24
C THR A 11 9.01 11.04 -6.41
N ARG A 12 9.78 10.94 -7.48
CA ARG A 12 9.35 10.21 -8.68
C ARG A 12 9.08 8.74 -8.35
N VAL A 13 10.09 8.07 -7.81
CA VAL A 13 9.95 6.66 -7.45
C VAL A 13 8.63 6.40 -6.74
N LYS A 14 8.19 7.35 -5.94
CA LYS A 14 6.93 7.22 -5.21
C LYS A 14 5.74 7.49 -6.13
N LEU A 15 5.74 8.66 -6.77
CA LEU A 15 4.67 9.03 -7.68
C LEU A 15 4.30 7.88 -8.61
N ASN A 16 5.33 7.29 -9.22
CA ASN A 16 5.13 6.16 -10.14
C ASN A 16 3.99 5.27 -9.66
N PHE A 17 4.19 4.62 -8.52
CA PHE A 17 3.18 3.73 -7.96
C PHE A 17 1.85 4.46 -7.79
N LEU A 18 1.82 5.42 -6.87
CA LEU A 18 0.61 6.19 -6.60
C LEU A 18 -0.16 6.45 -7.90
N ASP A 19 0.56 6.55 -9.00
CA ASP A 19 -0.05 6.79 -10.30
C ASP A 19 -0.63 5.51 -10.87
N GLN A 20 0.15 4.43 -10.81
CA GLN A 20 -0.29 3.14 -11.32
C GLN A 20 -1.45 2.59 -10.50
N ILE A 21 -1.62 3.13 -9.30
CA ILE A 21 -2.70 2.69 -8.41
C ILE A 21 -3.90 3.61 -8.52
N ALA A 22 -3.65 4.89 -8.72
CA ALA A 22 -4.71 5.88 -8.84
C ALA A 22 -5.52 5.66 -10.12
N LYS A 23 -4.81 5.38 -11.21
CA LYS A 23 -5.45 5.16 -12.50
C LYS A 23 -6.51 4.06 -12.39
N TYR A 24 -6.15 2.96 -11.74
CA TYR A 24 -7.08 1.85 -11.57
C TYR A 24 -8.43 2.32 -11.08
N TRP A 25 -8.42 3.34 -10.22
CA TRP A 25 -9.65 3.89 -9.67
C TRP A 25 -10.38 4.74 -10.72
N GLU A 26 -9.64 5.64 -11.36
CA GLU A 26 -10.22 6.52 -12.37
C GLU A 26 -11.15 5.73 -13.30
N LEU A 27 -10.62 4.65 -13.87
CA LEU A 27 -11.40 3.82 -14.78
C LEU A 27 -12.78 3.53 -14.21
N GLN A 28 -12.83 3.28 -12.90
CA GLN A 28 -14.10 2.99 -12.22
C GLN A 28 -14.95 4.25 -12.10
N GLY A 29 -14.30 5.35 -11.70
CA GLY A 29 -15.02 6.60 -11.55
C GLY A 29 -15.04 7.08 -10.12
N SER A 30 -13.95 6.84 -9.40
CA SER A 30 -13.85 7.25 -8.00
C SER A 30 -12.46 7.84 -7.71
N THR A 31 -12.45 9.09 -7.27
CA THR A 31 -11.19 9.77 -6.95
C THR A 31 -10.50 9.11 -5.76
N LEU A 32 -9.17 9.14 -5.77
CA LEU A 32 -8.40 8.55 -4.69
C LEU A 32 -7.70 9.63 -3.87
N LYS A 33 -8.15 9.80 -2.63
CA LYS A 33 -7.57 10.80 -1.74
C LYS A 33 -6.68 10.14 -0.69
N ILE A 34 -5.56 10.78 -0.39
CA ILE A 34 -4.62 10.26 0.60
C ILE A 34 -5.02 10.68 2.01
N PRO A 35 -5.22 9.69 2.89
CA PRO A 35 -5.59 9.94 4.28
C PRO A 35 -4.46 10.56 5.09
N HIS A 36 -4.77 10.94 6.33
CA HIS A 36 -3.78 11.55 7.20
C HIS A 36 -3.63 10.76 8.50
N VAL A 37 -2.40 10.35 8.80
CA VAL A 37 -2.12 9.58 10.00
C VAL A 37 -1.27 10.39 10.98
N GLU A 38 -1.67 10.36 12.26
CA GLU A 38 -0.96 11.09 13.30
C GLU A 38 -0.65 12.51 12.85
N ARG A 39 -1.63 13.16 12.21
CA ARG A 39 -1.47 14.52 11.73
C ARG A 39 -0.28 14.62 10.77
N LYS A 40 -0.20 13.68 9.84
CA LYS A 40 0.88 13.66 8.86
C LYS A 40 0.53 12.73 7.69
N ILE A 41 0.71 13.24 6.49
CA ILE A 41 0.42 12.47 5.28
C ILE A 41 1.02 11.07 5.37
N LEU A 42 0.21 10.07 5.04
CA LEU A 42 0.66 8.68 5.08
C LEU A 42 1.15 8.22 3.71
N ASP A 43 2.47 8.13 3.57
CA ASP A 43 3.08 7.69 2.32
C ASP A 43 2.86 6.20 2.09
N LEU A 44 1.86 5.87 1.29
CA LEU A 44 1.55 4.47 1.00
C LEU A 44 2.74 3.77 0.37
N PHE A 45 3.23 4.31 -0.75
CA PHE A 45 4.36 3.74 -1.45
C PHE A 45 5.45 3.31 -0.47
N GLN A 46 6.04 4.28 0.21
CA GLN A 46 7.10 4.01 1.17
C GLN A 46 6.62 3.02 2.24
N LEU A 47 5.49 3.35 2.87
CA LEU A 47 4.93 2.49 3.90
C LEU A 47 4.89 1.04 3.45
N ASN A 48 4.01 0.74 2.51
CA ASN A 48 3.88 -0.62 1.98
C ASN A 48 5.25 -1.25 1.75
N LYS A 49 6.13 -0.51 1.09
CA LYS A 49 7.47 -0.99 0.80
C LYS A 49 8.13 -1.56 2.06
N LEU A 50 8.19 -0.75 3.10
CA LEU A 50 8.78 -1.17 4.36
C LEU A 50 8.17 -2.47 4.85
N VAL A 51 6.86 -2.59 4.70
CA VAL A 51 6.14 -3.79 5.11
C VAL A 51 6.74 -5.04 4.47
N ALA A 52 6.83 -5.03 3.15
CA ALA A 52 7.38 -6.17 2.43
C ALA A 52 8.82 -6.45 2.86
N GLU A 53 9.54 -5.39 3.21
CA GLU A 53 10.94 -5.53 3.64
C GLU A 53 11.03 -6.33 4.92
N GLU A 54 10.05 -6.13 5.82
CA GLU A 54 10.03 -6.84 7.10
C GLU A 54 9.45 -8.24 6.92
N GLY A 55 8.72 -8.44 5.83
CA GLY A 55 8.11 -9.73 5.57
C GLY A 55 6.97 -9.65 4.59
N GLY A 56 5.96 -8.83 4.91
CA GLY A 56 4.82 -8.69 4.05
C GLY A 56 3.54 -8.39 4.82
N PHE A 57 2.55 -7.85 4.12
CA PHE A 57 1.27 -7.50 4.75
C PHE A 57 0.69 -8.72 5.48
N ALA A 58 0.93 -9.91 4.92
CA ALA A 58 0.43 -11.14 5.52
C ALA A 58 1.26 -11.54 6.74
N VAL A 59 2.52 -11.88 6.51
CA VAL A 59 3.42 -12.27 7.59
C VAL A 59 3.43 -11.24 8.71
N VAL A 60 3.23 -9.97 8.33
CA VAL A 60 3.21 -8.89 9.30
C VAL A 60 1.90 -8.87 10.09
N CYS A 61 0.78 -8.83 9.37
CA CYS A 61 -0.53 -8.81 9.99
C CYS A 61 -0.73 -10.03 10.89
N LYS A 62 -0.45 -11.21 10.35
CA LYS A 62 -0.59 -12.45 11.08
C LYS A 62 0.13 -12.37 12.43
N ASP A 63 1.34 -11.81 12.41
CA ASP A 63 2.14 -11.68 13.61
C ASP A 63 1.85 -10.35 14.31
N ARG A 64 0.95 -9.57 13.73
CA ARG A 64 0.59 -8.26 14.28
C ARG A 64 1.83 -7.42 14.53
N LYS A 65 2.68 -7.31 13.51
CA LYS A 65 3.91 -6.53 13.63
C LYS A 65 3.76 -5.18 12.93
N TRP A 66 2.56 -4.61 12.99
CA TRP A 66 2.29 -3.32 12.36
C TRP A 66 2.97 -2.19 13.13
N THR A 67 3.10 -2.36 14.44
CA THR A 67 3.74 -1.36 15.29
C THR A 67 5.12 -0.99 14.76
N LYS A 68 6.02 -1.98 14.74
CA LYS A 68 7.38 -1.77 14.25
C LYS A 68 7.38 -0.85 13.03
N ILE A 69 6.69 -1.27 11.98
CA ILE A 69 6.62 -0.48 10.75
C ILE A 69 6.11 0.93 11.04
N ALA A 70 4.87 1.03 11.51
CA ALA A 70 4.28 2.32 11.81
C ALA A 70 5.29 3.25 12.46
N THR A 71 6.06 2.72 13.41
CA THR A 71 7.06 3.51 14.12
C THR A 71 8.14 4.00 13.16
N LYS A 72 8.64 3.11 12.32
CA LYS A 72 9.67 3.45 11.35
C LYS A 72 9.25 4.67 10.52
N MET A 73 8.02 4.66 10.05
CA MET A 73 7.49 5.76 9.25
C MET A 73 7.62 7.09 10.01
N GLY A 74 7.61 7.01 11.34
CA GLY A 74 7.72 8.21 12.15
C GLY A 74 6.54 8.38 13.09
N PHE A 75 5.54 7.54 12.92
CA PHE A 75 4.34 7.61 13.76
C PHE A 75 4.64 7.09 15.17
N ALA A 76 4.15 7.81 16.18
CA ALA A 76 4.36 7.43 17.56
C ALA A 76 3.96 5.98 17.80
N PRO A 77 4.72 5.29 18.65
CA PRO A 77 4.46 3.88 18.99
C PRO A 77 3.20 3.70 19.82
N GLY A 78 2.29 2.86 19.34
CA GLY A 78 1.06 2.61 20.06
C GLY A 78 0.25 1.47 19.47
N LYS A 79 -1.08 1.60 19.52
CA LYS A 79 -1.96 0.57 18.98
C LYS A 79 -2.85 1.13 17.88
N ALA A 80 -3.17 2.42 17.98
CA ALA A 80 -4.01 3.08 17.00
C ALA A 80 -3.37 3.05 15.61
N VAL A 81 -2.17 3.60 15.51
CA VAL A 81 -1.45 3.63 14.24
C VAL A 81 -1.23 2.22 13.70
N GLY A 82 -0.82 1.32 14.58
CA GLY A 82 -0.57 -0.06 14.17
C GLY A 82 -1.73 -0.63 13.38
N SER A 83 -2.95 -0.33 13.81
CA SER A 83 -4.14 -0.84 13.14
C SER A 83 -4.45 -0.01 11.89
N HIS A 84 -4.06 1.25 11.92
CA HIS A 84 -4.30 2.15 10.79
C HIS A 84 -3.66 1.60 9.51
N ILE A 85 -2.38 1.26 9.60
CA ILE A 85 -1.65 0.72 8.46
C ILE A 85 -2.46 -0.37 7.76
N ARG A 86 -2.80 -1.41 8.52
CA ARG A 86 -3.58 -2.52 7.97
C ARG A 86 -4.82 -2.01 7.23
N GLY A 87 -5.62 -1.21 7.92
CA GLY A 87 -6.82 -0.67 7.33
C GLY A 87 -6.55 0.04 6.01
N HIS A 88 -5.60 0.97 6.03
CA HIS A 88 -5.25 1.72 4.83
C HIS A 88 -5.13 0.80 3.63
N TYR A 89 -4.67 -0.42 3.86
CA TYR A 89 -4.52 -1.40 2.79
C TYR A 89 -5.86 -2.04 2.43
N GLU A 90 -6.69 -2.25 3.45
CA GLU A 90 -8.01 -2.86 3.24
C GLU A 90 -9.03 -1.80 2.82
N ARG A 91 -8.63 -0.54 2.88
CA ARG A 91 -9.51 0.56 2.50
C ARG A 91 -9.16 1.08 1.12
N ILE A 92 -7.88 1.00 0.76
CA ILE A 92 -7.41 1.47 -0.53
C ILE A 92 -6.77 0.34 -1.33
N LEU A 93 -5.84 -0.36 -0.69
CA LEU A 93 -5.15 -1.48 -1.34
C LEU A 93 -5.97 -2.75 -1.25
N ASN A 94 -7.27 -2.60 -0.98
CA ASN A 94 -8.17 -3.75 -0.88
C ASN A 94 -8.41 -4.37 -2.25
N PRO A 95 -8.94 -3.57 -3.19
CA PRO A 95 -9.22 -4.02 -4.55
C PRO A 95 -7.96 -4.29 -5.35
N TYR A 96 -7.05 -3.32 -5.36
CA TYR A 96 -5.80 -3.45 -6.09
C TYR A 96 -5.20 -4.83 -5.90
N ASN A 97 -5.25 -5.32 -4.66
CA ASN A 97 -4.71 -6.64 -4.35
C ASN A 97 -5.55 -7.74 -4.98
N LEU A 98 -6.80 -7.86 -4.55
CA LEU A 98 -7.70 -8.87 -5.08
C LEU A 98 -7.54 -9.02 -6.58
N PHE A 99 -7.29 -7.89 -7.26
CA PHE A 99 -7.11 -7.90 -8.71
C PHE A 99 -5.78 -8.56 -9.09
N LEU A 100 -4.70 -8.09 -8.47
CA LEU A 100 -3.37 -8.64 -8.74
C LEU A 100 -3.39 -10.16 -8.73
N SER A 101 -4.07 -10.74 -7.72
CA SER A 101 -4.16 -12.18 -7.60
C SER A 101 -4.97 -12.78 -8.76
N GLY A 102 -6.07 -12.13 -9.10
CA GLY A 102 -6.91 -12.61 -10.18
C GLY A 102 -8.31 -12.03 -10.12
N ASP A 103 -8.89 -11.76 -11.29
CA ASP A 103 -10.24 -11.21 -11.37
C ASP A 103 -11.27 -12.24 -10.93
N SER A 104 -12.53 -11.80 -10.83
CA SER A 104 -13.61 -12.67 -10.42
C SER A 104 -14.13 -13.48 -11.60
N LEU A 105 -13.63 -13.19 -12.78
CA LEU A 105 -14.05 -13.88 -13.99
C LEU A 105 -13.19 -15.11 -14.24
N ARG A 106 -11.94 -15.07 -13.76
CA ARG A 106 -11.02 -16.18 -13.92
C ARG A 106 -11.66 -17.49 -13.46
N CYS A 107 -12.30 -17.46 -12.30
CA CYS A 107 -12.96 -18.63 -11.75
C CYS A 107 -14.47 -18.55 -11.90
N LEU A 108 -15.16 -19.66 -11.67
CA LEU A 108 -16.61 -19.70 -11.79
C LEU A 108 -17.25 -19.89 -10.42
N GLN A 109 -17.99 -18.87 -9.97
CA GLN A 109 -18.66 -18.93 -8.68
C GLN A 109 -19.97 -18.15 -8.72
N LYS A 110 -20.92 -18.56 -7.90
CA LYS A 110 -22.23 -17.90 -7.83
C LYS A 110 -22.57 -17.52 -6.39
N PRO A 111 -23.23 -16.36 -6.24
CA PRO A 111 -23.63 -15.85 -4.92
C PRO A 111 -24.74 -16.68 -4.29
N ASN A 112 -24.42 -17.36 -3.20
CA ASN A 112 -25.39 -18.20 -2.51
C ASN A 112 -26.48 -17.35 -1.88
N LEU A 113 -27.55 -18.00 -1.41
CA LEU A 113 -28.66 -17.30 -0.78
C LEU A 113 -28.97 -17.89 0.59
N THR A 114 -29.27 -17.01 1.55
CA THR A 114 -29.59 -17.45 2.90
C THR A 114 -30.94 -16.90 3.35
N SER A 115 -31.68 -17.72 4.10
CA SER A 115 -33.00 -17.33 4.59
C SER A 115 -32.88 -16.50 5.86
N ASP A 116 -33.67 -15.43 5.95
CA ASP A 116 -33.65 -14.56 7.11
C ASP A 116 -34.98 -14.62 7.85
N THR A 117 -34.93 -14.97 9.14
CA THR A 117 -36.13 -15.06 9.95
C THR A 117 -36.66 -13.68 10.31
N LYS A 118 -37.92 -13.42 9.97
CA LYS A 118 -38.55 -12.14 10.27
C LYS A 118 -39.16 -12.14 11.66
N ASP A 119 -39.18 -10.97 12.29
CA ASP A 119 -39.74 -10.83 13.63
C ASP A 119 -40.88 -9.82 13.64
N LYS A 120 -40.90 -8.96 12.63
CA LYS A 120 -41.94 -7.94 12.52
C LYS A 120 -43.10 -8.44 11.67
N GLU A 121 -44.24 -8.67 12.31
CA GLU A 121 -45.43 -9.14 11.61
C GLU A 121 -45.96 -8.08 10.65
N TYR A 122 -45.57 -8.20 9.37
CA TYR A 122 -45.99 -7.26 8.35
C TYR A 122 -47.51 -7.16 8.29
N GLY A 1 30.27 11.37 -20.30
CA GLY A 1 31.00 10.36 -19.56
C GLY A 1 30.08 9.27 -19.01
N SER A 2 29.56 8.44 -19.92
CA SER A 2 28.67 7.36 -19.51
C SER A 2 27.73 7.81 -18.39
N SER A 3 27.24 9.03 -18.50
CA SER A 3 26.34 9.58 -17.49
C SER A 3 25.01 8.85 -17.48
N GLY A 4 24.36 8.81 -16.32
CA GLY A 4 23.08 8.14 -16.21
C GLY A 4 21.94 9.09 -15.94
N SER A 5 21.65 9.95 -16.92
CA SER A 5 20.58 10.92 -16.78
C SER A 5 19.22 10.23 -16.70
N SER A 6 18.48 10.50 -15.62
CA SER A 6 17.17 9.90 -15.43
C SER A 6 17.27 8.38 -15.36
N GLY A 7 18.27 7.89 -14.63
CA GLY A 7 18.47 6.46 -14.49
C GLY A 7 17.77 5.89 -13.27
N GLU A 8 17.95 6.55 -12.13
CA GLU A 8 17.34 6.10 -10.89
C GLU A 8 16.78 7.28 -10.10
N ALA A 9 15.60 7.11 -9.52
CA ALA A 9 14.96 8.15 -8.73
C ALA A 9 14.38 7.60 -7.44
N GLN A 10 14.29 8.45 -6.42
CA GLN A 10 13.75 8.05 -5.13
C GLN A 10 12.34 8.58 -4.94
N THR A 11 12.09 9.79 -5.43
CA THR A 11 10.78 10.42 -5.31
C THR A 11 9.86 9.99 -6.44
N ARG A 12 10.32 10.18 -7.68
CA ARG A 12 9.54 9.82 -8.86
C ARG A 12 8.96 8.42 -8.71
N VAL A 13 9.82 7.46 -8.38
CA VAL A 13 9.39 6.07 -8.21
C VAL A 13 8.14 5.98 -7.35
N LYS A 14 8.06 6.86 -6.35
CA LYS A 14 6.90 6.89 -5.45
C LYS A 14 5.68 7.47 -6.15
N LEU A 15 5.85 8.61 -6.80
CA LEU A 15 4.77 9.25 -7.51
C LEU A 15 4.20 8.35 -8.60
N ASN A 16 5.09 7.61 -9.28
CA ASN A 16 4.68 6.71 -10.33
C ASN A 16 3.62 5.73 -9.83
N PHE A 17 3.92 5.04 -8.74
CA PHE A 17 2.99 4.08 -8.17
C PHE A 17 1.67 4.74 -7.80
N LEU A 18 1.76 5.88 -7.11
CA LEU A 18 0.57 6.62 -6.70
C LEU A 18 -0.28 6.99 -7.91
N ASP A 19 0.38 7.32 -9.02
CA ASP A 19 -0.33 7.69 -10.24
C ASP A 19 -0.99 6.47 -10.88
N GLN A 20 -0.28 5.36 -10.89
CA GLN A 20 -0.80 4.12 -11.47
C GLN A 20 -1.99 3.61 -10.67
N ILE A 21 -1.80 3.45 -9.37
CA ILE A 21 -2.86 2.98 -8.49
C ILE A 21 -4.12 3.83 -8.63
N ALA A 22 -3.95 5.14 -8.55
CA ALA A 22 -5.07 6.07 -8.66
C ALA A 22 -5.85 5.83 -9.95
N LYS A 23 -5.13 5.74 -11.07
CA LYS A 23 -5.75 5.52 -12.37
C LYS A 23 -6.83 4.44 -12.27
N TYR A 24 -6.45 3.29 -11.72
CA TYR A 24 -7.39 2.17 -11.57
C TYR A 24 -8.74 2.66 -11.06
N TRP A 25 -8.70 3.56 -10.09
CA TRP A 25 -9.93 4.11 -9.51
C TRP A 25 -10.61 5.06 -10.49
N GLU A 26 -9.84 5.98 -11.06
CA GLU A 26 -10.38 6.94 -12.01
C GLU A 26 -11.30 6.26 -13.02
N LEU A 27 -10.81 5.18 -13.62
CA LEU A 27 -11.59 4.44 -14.61
C LEU A 27 -12.94 4.02 -14.03
N GLN A 28 -12.93 3.53 -12.79
CA GLN A 28 -14.15 3.10 -12.13
C GLN A 28 -15.12 4.27 -11.96
N GLY A 29 -14.58 5.45 -11.66
CA GLY A 29 -15.41 6.62 -11.48
C GLY A 29 -15.39 7.13 -10.06
N SER A 30 -14.25 7.01 -9.39
CA SER A 30 -14.11 7.45 -8.01
C SER A 30 -12.75 8.10 -7.79
N THR A 31 -12.76 9.29 -7.19
CA THR A 31 -11.53 10.03 -6.91
C THR A 31 -10.68 9.30 -5.87
N LEU A 32 -9.37 9.30 -6.09
CA LEU A 32 -8.46 8.65 -5.16
C LEU A 32 -7.58 9.67 -4.44
N LYS A 33 -7.20 9.36 -3.21
CA LYS A 33 -6.37 10.25 -2.41
C LYS A 33 -5.88 9.55 -1.15
N ILE A 34 -4.63 9.82 -0.78
CA ILE A 34 -4.04 9.22 0.41
C ILE A 34 -4.57 9.87 1.68
N PRO A 35 -4.99 9.03 2.64
CA PRO A 35 -5.54 9.51 3.92
C PRO A 35 -4.46 10.14 4.81
N HIS A 36 -4.89 10.82 5.85
CA HIS A 36 -3.97 11.48 6.78
C HIS A 36 -3.77 10.63 8.04
N VAL A 37 -2.55 10.17 8.26
CA VAL A 37 -2.24 9.37 9.42
C VAL A 37 -1.40 10.14 10.44
N GLU A 38 -1.92 10.30 11.65
CA GLU A 38 -1.22 11.01 12.69
C GLU A 38 -1.00 12.47 12.30
N ARG A 39 -2.03 13.09 11.73
CA ARG A 39 -1.94 14.49 11.30
C ARG A 39 -0.82 14.67 10.28
N LYS A 40 -0.71 13.73 9.36
CA LYS A 40 0.32 13.79 8.32
C LYS A 40 0.08 12.73 7.26
N ILE A 41 0.18 13.14 5.99
CA ILE A 41 -0.03 12.23 4.88
C ILE A 41 0.75 10.93 5.08
N LEU A 42 0.22 9.83 4.55
CA LEU A 42 0.86 8.53 4.68
C LEU A 42 1.25 7.98 3.31
N ASP A 43 2.54 7.91 3.05
CA ASP A 43 3.05 7.40 1.78
C ASP A 43 2.87 5.89 1.69
N LEU A 44 1.90 5.46 0.89
CA LEU A 44 1.63 4.03 0.72
C LEU A 44 2.85 3.31 0.16
N PHE A 45 3.41 3.84 -0.92
CA PHE A 45 4.58 3.25 -1.55
C PHE A 45 5.61 2.84 -0.50
N GLN A 46 6.03 3.81 0.31
CA GLN A 46 7.02 3.55 1.35
C GLN A 46 6.48 2.57 2.38
N LEU A 47 5.34 2.89 2.96
CA LEU A 47 4.72 2.04 3.97
C LEU A 47 4.83 0.56 3.57
N ASN A 48 4.08 0.18 2.54
CA ASN A 48 4.09 -1.19 2.06
C ASN A 48 5.52 -1.73 1.99
N LYS A 49 6.41 -0.95 1.39
CA LYS A 49 7.81 -1.34 1.26
C LYS A 49 8.38 -1.79 2.60
N LEU A 50 8.18 -0.96 3.62
CA LEU A 50 8.68 -1.27 4.96
C LEU A 50 8.12 -2.60 5.45
N VAL A 51 6.86 -2.87 5.13
CA VAL A 51 6.22 -4.11 5.54
C VAL A 51 6.97 -5.32 5.00
N ALA A 52 7.10 -5.39 3.68
CA ALA A 52 7.79 -6.50 3.04
C ALA A 52 9.17 -6.71 3.67
N GLU A 53 9.87 -5.61 3.94
CA GLU A 53 11.20 -5.67 4.53
C GLU A 53 11.16 -6.36 5.89
N GLU A 54 10.09 -6.09 6.64
CA GLU A 54 9.93 -6.68 7.97
C GLU A 54 9.43 -8.11 7.88
N GLY A 55 8.97 -8.50 6.69
CA GLY A 55 8.47 -9.84 6.48
C GLY A 55 7.41 -9.91 5.40
N GLY A 56 6.29 -9.23 5.62
CA GLY A 56 5.21 -9.23 4.64
C GLY A 56 3.89 -8.77 5.24
N PHE A 57 2.91 -8.53 4.37
CA PHE A 57 1.60 -8.08 4.82
C PHE A 57 0.95 -9.12 5.73
N ALA A 58 1.16 -10.39 5.41
CA ALA A 58 0.60 -11.49 6.19
C ALA A 58 1.41 -11.72 7.47
N VAL A 59 2.65 -12.17 7.29
CA VAL A 59 3.53 -12.43 8.42
C VAL A 59 3.43 -11.33 9.47
N VAL A 60 3.15 -10.11 9.01
CA VAL A 60 3.04 -8.96 9.89
C VAL A 60 1.66 -8.92 10.56
N CYS A 61 0.62 -9.03 9.75
CA CYS A 61 -0.74 -9.00 10.25
C CYS A 61 -0.97 -10.11 11.27
N LYS A 62 -0.38 -11.27 11.01
CA LYS A 62 -0.52 -12.41 11.90
C LYS A 62 0.39 -12.26 13.12
N ASP A 63 1.50 -11.56 12.94
CA ASP A 63 2.44 -11.33 14.03
C ASP A 63 2.24 -9.96 14.66
N ARG A 64 1.23 -9.24 14.17
CA ARG A 64 0.93 -7.90 14.70
C ARG A 64 2.16 -7.01 14.66
N LYS A 65 3.04 -7.25 13.68
CA LYS A 65 4.26 -6.47 13.54
C LYS A 65 3.98 -5.18 12.77
N TRP A 66 2.88 -4.51 13.11
CA TRP A 66 2.51 -3.26 12.47
C TRP A 66 3.18 -2.08 13.16
N THR A 67 3.14 -2.07 14.49
CA THR A 67 3.74 -0.99 15.25
C THR A 67 5.16 -0.68 14.77
N LYS A 68 5.97 -1.72 14.63
CA LYS A 68 7.34 -1.57 14.15
C LYS A 68 7.40 -0.71 12.90
N ILE A 69 6.65 -1.11 11.88
CA ILE A 69 6.61 -0.38 10.62
C ILE A 69 6.17 1.07 10.84
N ALA A 70 4.96 1.24 11.37
CA ALA A 70 4.43 2.57 11.63
C ALA A 70 5.50 3.48 12.21
N THR A 71 6.20 2.99 13.23
CA THR A 71 7.25 3.75 13.89
C THR A 71 8.34 4.15 12.89
N LYS A 72 8.81 3.17 12.13
CA LYS A 72 9.86 3.42 11.13
C LYS A 72 9.49 4.61 10.25
N MET A 73 8.25 4.65 9.81
CA MET A 73 7.78 5.75 8.96
C MET A 73 7.97 7.09 9.64
N GLY A 74 8.09 7.07 10.97
CA GLY A 74 8.27 8.30 11.71
C GLY A 74 7.09 8.62 12.61
N PHE A 75 6.10 7.73 12.62
CA PHE A 75 4.91 7.92 13.43
C PHE A 75 5.18 7.55 14.89
N ALA A 76 4.18 7.73 15.74
CA ALA A 76 4.31 7.41 17.16
C ALA A 76 3.98 5.95 17.42
N PRO A 77 4.72 5.34 18.37
CA PRO A 77 4.52 3.94 18.73
C PRO A 77 3.21 3.72 19.49
N GLY A 78 2.36 2.83 18.95
CA GLY A 78 1.09 2.54 19.59
C GLY A 78 0.34 1.42 18.90
N LYS A 79 -0.94 1.28 19.24
CA LYS A 79 -1.76 0.23 18.65
C LYS A 79 -2.72 0.81 17.60
N ALA A 80 -2.97 2.12 17.69
CA ALA A 80 -3.85 2.79 16.77
C ALA A 80 -3.29 2.77 15.34
N VAL A 81 -2.10 3.34 15.18
CA VAL A 81 -1.45 3.38 13.88
C VAL A 81 -1.16 1.97 13.36
N GLY A 82 -0.94 1.04 14.28
CA GLY A 82 -0.67 -0.33 13.88
C GLY A 82 -1.79 -0.94 13.08
N SER A 83 -3.02 -0.81 13.57
CA SER A 83 -4.18 -1.35 12.89
C SER A 83 -4.56 -0.49 11.69
N HIS A 84 -4.22 0.79 11.75
CA HIS A 84 -4.52 1.71 10.66
C HIS A 84 -3.88 1.24 9.36
N ILE A 85 -2.57 1.01 9.40
CA ILE A 85 -1.85 0.56 8.22
C ILE A 85 -2.68 -0.43 7.41
N ARG A 86 -2.97 -1.58 8.00
CA ARG A 86 -3.75 -2.60 7.33
C ARG A 86 -5.06 -2.02 6.78
N GLY A 87 -5.79 -1.30 7.63
CA GLY A 87 -7.04 -0.70 7.21
C GLY A 87 -6.89 0.13 5.95
N HIS A 88 -5.84 0.94 5.91
CA HIS A 88 -5.58 1.79 4.76
C HIS A 88 -5.38 0.96 3.49
N TYR A 89 -4.84 -0.24 3.66
CA TYR A 89 -4.60 -1.13 2.54
C TYR A 89 -5.85 -1.93 2.19
N GLU A 90 -6.74 -2.07 3.16
CA GLU A 90 -7.98 -2.81 2.97
C GLU A 90 -9.09 -1.89 2.49
N ARG A 91 -8.84 -0.58 2.55
CA ARG A 91 -9.83 0.40 2.13
C ARG A 91 -9.44 1.00 0.77
N ILE A 92 -8.16 0.98 0.46
CA ILE A 92 -7.66 1.51 -0.79
C ILE A 92 -6.97 0.43 -1.63
N LEU A 93 -6.02 -0.26 -1.01
CA LEU A 93 -5.29 -1.32 -1.70
C LEU A 93 -6.01 -2.66 -1.55
N ASN A 94 -7.33 -2.60 -1.40
CA ASN A 94 -8.13 -3.80 -1.26
C ASN A 94 -8.29 -4.52 -2.59
N PRO A 95 -8.93 -3.85 -3.56
CA PRO A 95 -9.15 -4.40 -4.90
C PRO A 95 -7.87 -4.52 -5.70
N TYR A 96 -7.08 -3.44 -5.73
CA TYR A 96 -5.82 -3.43 -6.46
C TYR A 96 -5.08 -4.76 -6.29
N ASN A 97 -5.05 -5.25 -5.06
CA ASN A 97 -4.37 -6.51 -4.76
C ASN A 97 -5.15 -7.69 -5.32
N LEU A 98 -6.47 -7.66 -5.12
CA LEU A 98 -7.34 -8.73 -5.60
C LEU A 98 -7.18 -8.93 -7.10
N PHE A 99 -7.36 -7.86 -7.87
CA PHE A 99 -7.24 -7.92 -9.32
C PHE A 99 -5.84 -8.38 -9.72
N LEU A 100 -4.82 -7.74 -9.15
CA LEU A 100 -3.43 -8.08 -9.47
C LEU A 100 -3.21 -9.58 -9.32
N SER A 101 -3.67 -10.15 -8.21
CA SER A 101 -3.51 -11.58 -7.97
C SER A 101 -4.10 -12.40 -9.11
N GLY A 102 -5.31 -12.04 -9.53
CA GLY A 102 -5.96 -12.75 -10.61
C GLY A 102 -7.35 -12.23 -10.89
N ASP A 103 -7.59 -11.84 -12.14
CA ASP A 103 -8.90 -11.31 -12.53
C ASP A 103 -9.65 -12.33 -13.39
N SER A 104 -10.28 -13.30 -12.73
CA SER A 104 -11.03 -14.34 -13.43
C SER A 104 -12.45 -13.86 -13.73
N LEU A 105 -13.09 -13.29 -12.73
CA LEU A 105 -14.47 -12.79 -12.90
C LEU A 105 -14.62 -12.04 -14.21
N ARG A 106 -13.56 -11.35 -14.63
CA ARG A 106 -13.58 -10.60 -15.88
C ARG A 106 -12.25 -10.73 -16.61
N CYS A 107 -12.32 -11.01 -17.91
CA CYS A 107 -11.12 -11.16 -18.72
C CYS A 107 -11.13 -10.19 -19.89
N LEU A 108 -9.96 -9.65 -20.22
CA LEU A 108 -9.84 -8.70 -21.32
C LEU A 108 -9.73 -9.43 -22.65
N GLN A 109 -10.79 -9.36 -23.45
CA GLN A 109 -10.82 -10.00 -24.75
C GLN A 109 -10.47 -9.01 -25.86
N LYS A 110 -9.19 -8.97 -26.23
CA LYS A 110 -8.73 -8.07 -27.29
C LYS A 110 -7.96 -8.83 -28.35
N PRO A 111 -8.13 -8.42 -29.61
CA PRO A 111 -7.45 -9.05 -30.75
C PRO A 111 -5.95 -8.76 -30.77
N ASN A 112 -5.16 -9.75 -30.34
CA ASN A 112 -3.72 -9.60 -30.29
C ASN A 112 -3.09 -10.03 -31.62
N LEU A 113 -1.84 -9.62 -31.84
CA LEU A 113 -1.13 -9.97 -33.07
C LEU A 113 0.36 -10.17 -32.79
N THR A 114 1.10 -10.58 -33.82
CA THR A 114 2.52 -10.80 -33.70
C THR A 114 3.26 -10.41 -34.98
N SER A 115 4.28 -9.57 -34.83
CA SER A 115 5.06 -9.11 -35.97
C SER A 115 6.51 -9.58 -35.86
N ASP A 116 7.18 -9.70 -37.01
CA ASP A 116 8.57 -10.14 -37.04
C ASP A 116 9.41 -9.19 -37.88
N THR A 117 10.73 -9.29 -37.73
CA THR A 117 11.66 -8.44 -38.47
C THR A 117 12.96 -9.16 -38.75
N LYS A 118 13.67 -8.71 -39.78
CA LYS A 118 14.95 -9.32 -40.15
C LYS A 118 16.12 -8.43 -39.72
N ASP A 119 17.13 -9.04 -39.10
CA ASP A 119 18.30 -8.31 -38.65
C ASP A 119 19.55 -8.74 -39.41
N LYS A 120 20.64 -8.03 -39.19
CA LYS A 120 21.91 -8.34 -39.86
C LYS A 120 22.69 -9.39 -39.08
N GLU A 121 23.24 -10.36 -39.81
CA GLU A 121 24.02 -11.43 -39.18
C GLU A 121 25.51 -11.22 -39.42
N TYR A 122 25.88 -10.96 -40.67
CA TYR A 122 27.27 -10.75 -41.04
C TYR A 122 27.61 -9.25 -41.07
N GLY A 1 9.72 34.89 -10.52
CA GLY A 1 9.08 33.90 -9.66
C GLY A 1 9.93 32.66 -9.48
N SER A 2 9.28 31.52 -9.33
CA SER A 2 9.99 30.25 -9.13
C SER A 2 9.77 29.33 -10.33
N SER A 3 10.87 28.95 -10.98
CA SER A 3 10.80 28.07 -12.14
C SER A 3 11.35 26.68 -11.79
N GLY A 4 10.45 25.71 -11.71
CA GLY A 4 10.85 24.35 -11.38
C GLY A 4 10.90 24.09 -9.89
N SER A 5 10.09 23.14 -9.43
CA SER A 5 10.04 22.81 -8.01
C SER A 5 11.20 21.90 -7.62
N SER A 6 11.53 21.90 -6.33
CA SER A 6 12.62 21.07 -5.83
C SER A 6 12.28 20.48 -4.46
N GLY A 7 12.98 19.41 -4.09
CA GLY A 7 12.74 18.78 -2.81
C GLY A 7 13.48 17.47 -2.67
N GLU A 8 12.75 16.39 -2.39
CA GLU A 8 13.36 15.07 -2.23
C GLU A 8 13.89 14.55 -3.56
N ALA A 9 14.69 13.49 -3.50
CA ALA A 9 15.26 12.90 -4.69
C ALA A 9 14.41 11.72 -5.19
N GLN A 10 13.97 10.89 -4.25
CA GLN A 10 13.15 9.73 -4.60
C GLN A 10 11.69 10.14 -4.78
N THR A 11 11.47 11.22 -5.51
CA THR A 11 10.12 11.71 -5.77
C THR A 11 9.48 10.98 -6.94
N ARG A 12 10.27 10.74 -7.98
CA ARG A 12 9.77 10.05 -9.17
C ARG A 12 9.36 8.61 -8.83
N VAL A 13 10.17 7.96 -7.98
CA VAL A 13 9.89 6.59 -7.58
C VAL A 13 8.60 6.49 -6.78
N LYS A 14 8.24 7.60 -6.13
CA LYS A 14 7.02 7.64 -5.32
C LYS A 14 5.79 7.86 -6.21
N LEU A 15 5.95 8.68 -7.25
CA LEU A 15 4.86 8.97 -8.16
C LEU A 15 4.52 7.74 -9.01
N ASN A 16 5.55 7.08 -9.52
CA ASN A 16 5.36 5.89 -10.35
C ASN A 16 4.24 5.02 -9.80
N PHE A 17 4.38 4.59 -8.55
CA PHE A 17 3.38 3.74 -7.91
C PHE A 17 2.02 4.41 -7.94
N LEU A 18 1.92 5.57 -7.27
CA LEU A 18 0.66 6.31 -7.22
C LEU A 18 -0.02 6.33 -8.58
N ASP A 19 0.77 6.43 -9.65
CA ASP A 19 0.24 6.45 -11.00
C ASP A 19 -0.45 5.12 -11.33
N GLN A 20 0.27 4.02 -11.16
CA GLN A 20 -0.28 2.71 -11.44
C GLN A 20 -1.54 2.45 -10.63
N ILE A 21 -1.43 2.61 -9.31
CA ILE A 21 -2.56 2.40 -8.42
C ILE A 21 -3.70 3.35 -8.74
N ALA A 22 -3.34 4.57 -9.14
CA ALA A 22 -4.33 5.58 -9.49
C ALA A 22 -5.13 5.18 -10.72
N LYS A 23 -4.43 4.64 -11.71
CA LYS A 23 -5.07 4.21 -12.95
C LYS A 23 -6.18 3.20 -12.68
N TYR A 24 -6.01 2.44 -11.59
CA TYR A 24 -7.01 1.44 -11.22
C TYR A 24 -8.28 2.09 -10.71
N TRP A 25 -8.13 3.24 -10.06
CA TRP A 25 -9.27 3.97 -9.52
C TRP A 25 -9.90 4.87 -10.58
N GLU A 26 -9.07 5.71 -11.21
CA GLU A 26 -9.54 6.62 -12.23
C GLU A 26 -10.52 5.91 -13.18
N LEU A 27 -10.23 4.66 -13.49
CA LEU A 27 -11.08 3.88 -14.38
C LEU A 27 -12.47 3.70 -13.78
N GLN A 28 -12.52 3.31 -12.51
CA GLN A 28 -13.78 3.10 -11.82
C GLN A 28 -14.60 4.38 -11.78
N GLY A 29 -13.92 5.51 -11.57
CA GLY A 29 -14.60 6.79 -11.51
C GLY A 29 -14.54 7.42 -10.13
N SER A 30 -13.41 7.23 -9.45
CA SER A 30 -13.23 7.79 -8.11
C SER A 30 -11.80 8.28 -7.92
N THR A 31 -11.67 9.57 -7.66
CA THR A 31 -10.35 10.18 -7.45
C THR A 31 -9.65 9.58 -6.23
N LEU A 32 -8.41 9.14 -6.43
CA LEU A 32 -7.63 8.55 -5.35
C LEU A 32 -7.07 9.63 -4.42
N LYS A 33 -7.31 9.47 -3.13
CA LYS A 33 -6.82 10.43 -2.14
C LYS A 33 -6.01 9.73 -1.06
N ILE A 34 -4.94 10.38 -0.60
CA ILE A 34 -4.09 9.82 0.43
C ILE A 34 -4.65 10.10 1.82
N PRO A 35 -4.74 9.05 2.65
CA PRO A 35 -5.25 9.16 4.02
C PRO A 35 -4.30 9.93 4.93
N HIS A 36 -4.84 10.45 6.03
CA HIS A 36 -4.04 11.20 7.00
C HIS A 36 -4.06 10.53 8.37
N VAL A 37 -2.88 10.11 8.83
CA VAL A 37 -2.76 9.46 10.13
C VAL A 37 -2.03 10.34 11.13
N GLU A 38 -2.45 10.28 12.38
CA GLU A 38 -1.84 11.08 13.44
C GLU A 38 -1.47 12.46 12.92
N ARG A 39 -2.37 13.06 12.13
CA ARG A 39 -2.12 14.38 11.57
C ARG A 39 -0.86 14.40 10.72
N LYS A 40 -0.69 13.35 9.91
CA LYS A 40 0.48 13.24 9.05
C LYS A 40 0.13 12.50 7.75
N ILE A 41 0.71 12.95 6.65
CA ILE A 41 0.47 12.35 5.35
C ILE A 41 1.01 10.93 5.30
N LEU A 42 0.13 9.95 5.47
CA LEU A 42 0.52 8.54 5.44
C LEU A 42 0.98 8.13 4.05
N ASP A 43 2.29 8.19 3.83
CA ASP A 43 2.86 7.82 2.54
C ASP A 43 2.62 6.35 2.23
N LEU A 44 1.62 6.08 1.39
CA LEU A 44 1.28 4.71 1.02
C LEU A 44 2.44 4.04 0.30
N PHE A 45 2.94 4.70 -0.75
CA PHE A 45 4.05 4.16 -1.52
C PHE A 45 5.11 3.55 -0.61
N GLN A 46 5.65 4.37 0.29
CA GLN A 46 6.68 3.90 1.23
C GLN A 46 6.09 2.90 2.22
N LEU A 47 5.02 3.30 2.90
CA LEU A 47 4.36 2.44 3.88
C LEU A 47 4.35 0.98 3.40
N ASN A 48 3.53 0.71 2.40
CA ASN A 48 3.42 -0.64 1.86
C ASN A 48 4.80 -1.23 1.57
N LYS A 49 5.65 -0.43 0.91
CA LYS A 49 7.00 -0.86 0.58
C LYS A 49 7.69 -1.48 1.79
N LEU A 50 7.62 -0.80 2.92
CA LEU A 50 8.23 -1.29 4.15
C LEU A 50 7.59 -2.61 4.60
N VAL A 51 6.27 -2.69 4.44
CA VAL A 51 5.55 -3.90 4.83
C VAL A 51 6.15 -5.13 4.17
N ALA A 52 6.39 -5.07 2.87
CA ALA A 52 6.97 -6.18 2.13
C ALA A 52 8.42 -6.42 2.55
N GLU A 53 9.15 -5.34 2.79
CA GLU A 53 10.55 -5.44 3.20
C GLU A 53 10.68 -6.19 4.52
N GLU A 54 9.72 -5.97 5.42
CA GLU A 54 9.72 -6.62 6.72
C GLU A 54 9.20 -8.05 6.62
N GLY A 55 8.49 -8.33 5.53
CA GLY A 55 7.93 -9.66 5.33
C GLY A 55 6.77 -9.68 4.37
N GLY A 56 5.72 -8.92 4.71
CA GLY A 56 4.55 -8.86 3.86
C GLY A 56 3.30 -8.50 4.62
N PHE A 57 2.19 -8.29 3.90
CA PHE A 57 0.92 -7.94 4.52
C PHE A 57 0.42 -9.08 5.41
N ALA A 58 0.63 -10.31 4.96
CA ALA A 58 0.20 -11.48 5.72
C ALA A 58 1.11 -11.73 6.92
N VAL A 59 2.36 -12.07 6.66
CA VAL A 59 3.33 -12.33 7.71
C VAL A 59 3.26 -11.25 8.79
N VAL A 60 3.20 -9.99 8.36
CA VAL A 60 3.14 -8.87 9.29
C VAL A 60 1.83 -8.87 10.07
N CYS A 61 0.72 -8.63 9.38
CA CYS A 61 -0.58 -8.60 10.01
C CYS A 61 -0.72 -9.76 11.00
N LYS A 62 -0.32 -10.95 10.58
CA LYS A 62 -0.40 -12.13 11.42
C LYS A 62 0.38 -11.93 12.72
N ASP A 63 1.65 -11.59 12.60
CA ASP A 63 2.50 -11.36 13.76
C ASP A 63 2.34 -9.93 14.28
N ARG A 64 1.19 -9.33 14.00
CA ARG A 64 0.92 -7.97 14.42
C ARG A 64 2.19 -7.12 14.42
N LYS A 65 3.04 -7.35 13.42
CA LYS A 65 4.30 -6.62 13.30
C LYS A 65 4.06 -5.23 12.69
N TRP A 66 3.02 -4.56 13.16
CA TRP A 66 2.70 -3.23 12.67
C TRP A 66 3.40 -2.16 13.48
N THR A 67 3.29 -2.25 14.80
CA THR A 67 3.91 -1.28 15.69
C THR A 67 5.27 -0.84 15.16
N LYS A 68 6.07 -1.81 14.72
CA LYS A 68 7.39 -1.52 14.17
C LYS A 68 7.31 -0.55 13.00
N ILE A 69 6.76 -1.03 11.88
CA ILE A 69 6.61 -0.21 10.70
C ILE A 69 6.06 1.18 11.04
N ALA A 70 4.89 1.20 11.65
CA ALA A 70 4.26 2.46 12.04
C ALA A 70 5.28 3.42 12.63
N THR A 71 5.98 2.97 13.67
CA THR A 71 6.98 3.80 14.33
C THR A 71 7.96 4.37 13.33
N LYS A 72 8.51 3.51 12.48
CA LYS A 72 9.46 3.94 11.46
C LYS A 72 8.88 5.04 10.59
N MET A 73 7.55 5.05 10.45
CA MET A 73 6.87 6.04 9.64
C MET A 73 6.73 7.36 10.42
N GLY A 74 7.44 7.46 11.53
CA GLY A 74 7.38 8.67 12.33
C GLY A 74 6.27 8.63 13.35
N PHE A 75 5.34 7.70 13.19
CA PHE A 75 4.21 7.55 14.09
C PHE A 75 4.69 7.15 15.49
N ALA A 76 3.76 7.16 16.45
CA ALA A 76 4.09 6.79 17.82
C ALA A 76 3.98 5.28 18.02
N PRO A 77 4.88 4.73 18.85
CA PRO A 77 4.91 3.29 19.14
C PRO A 77 3.72 2.85 19.98
N GLY A 78 2.61 2.52 19.30
CA GLY A 78 1.42 2.08 19.99
C GLY A 78 0.66 1.02 19.23
N LYS A 79 -0.62 0.87 19.53
CA LYS A 79 -1.46 -0.12 18.87
C LYS A 79 -2.38 0.55 17.85
N ALA A 80 -2.90 1.72 18.21
CA ALA A 80 -3.79 2.46 17.33
C ALA A 80 -3.21 2.56 15.92
N VAL A 81 -2.03 3.16 15.83
CA VAL A 81 -1.37 3.33 14.53
C VAL A 81 -1.01 1.98 13.92
N GLY A 82 -0.61 1.03 14.77
CA GLY A 82 -0.25 -0.29 14.30
C GLY A 82 -1.35 -0.92 13.47
N SER A 83 -2.53 -1.08 14.06
CA SER A 83 -3.66 -1.68 13.38
C SER A 83 -4.12 -0.81 12.21
N HIS A 84 -3.95 0.50 12.35
CA HIS A 84 -4.34 1.45 11.31
C HIS A 84 -3.72 1.06 9.97
N ILE A 85 -2.40 0.97 9.94
CA ILE A 85 -1.69 0.60 8.72
C ILE A 85 -2.39 -0.52 7.98
N ARG A 86 -2.78 -1.57 8.72
CA ARG A 86 -3.47 -2.70 8.14
C ARG A 86 -4.77 -2.28 7.48
N GLY A 87 -5.59 -1.54 8.23
CA GLY A 87 -6.86 -1.08 7.71
C GLY A 87 -6.69 -0.21 6.47
N HIS A 88 -5.73 0.71 6.52
CA HIS A 88 -5.48 1.61 5.41
C HIS A 88 -5.25 0.82 4.11
N TYR A 89 -4.86 -0.43 4.26
CA TYR A 89 -4.60 -1.29 3.11
C TYR A 89 -5.85 -2.06 2.72
N GLU A 90 -6.79 -2.20 3.66
CA GLU A 90 -8.04 -2.91 3.41
C GLU A 90 -9.12 -1.95 2.91
N ARG A 91 -8.84 -0.65 3.02
CA ARG A 91 -9.80 0.36 2.58
C ARG A 91 -9.35 0.99 1.25
N ILE A 92 -8.05 0.94 0.99
CA ILE A 92 -7.50 1.50 -0.23
C ILE A 92 -6.79 0.44 -1.06
N LEU A 93 -5.87 -0.28 -0.41
CA LEU A 93 -5.11 -1.33 -1.09
C LEU A 93 -5.91 -2.64 -1.11
N ASN A 94 -7.22 -2.53 -0.92
CA ASN A 94 -8.08 -3.71 -0.91
C ASN A 94 -8.24 -4.26 -2.32
N PRO A 95 -8.77 -3.44 -3.23
CA PRO A 95 -8.99 -3.82 -4.62
C PRO A 95 -7.68 -3.98 -5.40
N TYR A 96 -6.80 -3.01 -5.24
CA TYR A 96 -5.50 -3.04 -5.92
C TYR A 96 -4.93 -4.46 -5.95
N ASN A 97 -4.80 -5.06 -4.78
CA ASN A 97 -4.26 -6.41 -4.66
C ASN A 97 -5.31 -7.44 -5.09
N LEU A 98 -6.57 -7.15 -4.80
CA LEU A 98 -7.66 -8.05 -5.15
C LEU A 98 -7.71 -8.28 -6.66
N PHE A 99 -7.24 -7.30 -7.42
CA PHE A 99 -7.23 -7.41 -8.88
C PHE A 99 -5.94 -8.07 -9.37
N LEU A 100 -4.80 -7.50 -8.97
CA LEU A 100 -3.51 -8.03 -9.36
C LEU A 100 -3.48 -9.55 -9.23
N SER A 101 -4.00 -10.05 -8.12
CA SER A 101 -4.04 -11.50 -7.87
C SER A 101 -4.99 -12.19 -8.85
N GLY A 102 -6.18 -11.62 -9.00
CA GLY A 102 -7.17 -12.19 -9.90
C GLY A 102 -8.32 -11.24 -10.18
N ASP A 103 -9.20 -11.63 -11.09
CA ASP A 103 -10.35 -10.81 -11.44
C ASP A 103 -11.54 -11.12 -10.54
N SER A 104 -11.29 -11.20 -9.23
CA SER A 104 -12.34 -11.50 -8.27
C SER A 104 -13.58 -10.67 -8.54
N LEU A 105 -13.37 -9.45 -9.05
CA LEU A 105 -14.48 -8.55 -9.35
C LEU A 105 -15.57 -9.27 -10.14
N ARG A 106 -15.17 -9.90 -11.24
CA ARG A 106 -16.11 -10.64 -12.08
C ARG A 106 -17.18 -11.33 -11.23
N CYS A 107 -18.41 -10.87 -11.36
CA CYS A 107 -19.52 -11.45 -10.61
C CYS A 107 -20.82 -11.36 -11.40
N LEU A 108 -21.88 -11.95 -10.86
CA LEU A 108 -23.19 -11.94 -11.52
C LEU A 108 -23.60 -10.53 -11.89
N GLN A 109 -23.38 -10.16 -13.16
CA GLN A 109 -23.74 -8.83 -13.65
C GLN A 109 -25.23 -8.59 -13.50
N LYS A 110 -25.61 -7.79 -12.51
CA LYS A 110 -27.00 -7.47 -12.26
C LYS A 110 -27.17 -6.01 -11.85
N PRO A 111 -28.23 -5.37 -12.34
CA PRO A 111 -28.53 -3.97 -12.04
C PRO A 111 -28.96 -3.77 -10.59
N ASN A 112 -29.16 -2.51 -10.21
CA ASN A 112 -29.58 -2.19 -8.85
C ASN A 112 -30.63 -1.09 -8.85
N LEU A 113 -31.15 -0.76 -7.66
CA LEU A 113 -32.17 0.27 -7.53
C LEU A 113 -31.59 1.52 -6.90
N THR A 114 -32.32 2.63 -7.00
CA THR A 114 -31.88 3.90 -6.45
C THR A 114 -32.95 4.50 -5.54
N SER A 115 -32.56 5.49 -4.74
CA SER A 115 -33.48 6.14 -3.82
C SER A 115 -34.05 7.42 -4.43
N ASP A 116 -35.01 8.02 -3.74
CA ASP A 116 -35.64 9.25 -4.22
C ASP A 116 -35.33 10.42 -3.28
N THR A 117 -35.84 11.59 -3.63
CA THR A 117 -35.62 12.79 -2.82
C THR A 117 -36.92 13.55 -2.60
N LYS A 118 -37.17 13.93 -1.36
CA LYS A 118 -38.38 14.67 -1.01
C LYS A 118 -38.31 16.10 -1.52
N ASP A 119 -39.33 16.89 -1.21
CA ASP A 119 -39.38 18.28 -1.64
C ASP A 119 -39.72 19.20 -0.47
N LYS A 120 -39.71 20.51 -0.72
CA LYS A 120 -40.01 21.49 0.31
C LYS A 120 -41.52 21.73 0.40
N GLU A 121 -42.01 21.93 1.62
CA GLU A 121 -43.44 22.17 1.84
C GLU A 121 -43.68 23.63 2.21
N TYR A 122 -42.77 24.19 3.00
CA TYR A 122 -42.90 25.58 3.43
C TYR A 122 -42.84 26.53 2.24
N GLY A 1 1.40 16.96 -15.03
CA GLY A 1 2.69 17.60 -15.13
C GLY A 1 3.82 16.69 -14.70
N SER A 2 4.38 15.95 -15.65
CA SER A 2 5.47 15.04 -15.36
C SER A 2 6.72 15.41 -16.15
N SER A 3 7.80 15.72 -15.44
CA SER A 3 9.05 16.10 -16.08
C SER A 3 10.20 15.23 -15.58
N GLY A 4 11.14 14.92 -16.47
CA GLY A 4 12.27 14.09 -16.10
C GLY A 4 13.34 14.87 -15.37
N SER A 5 14.29 14.16 -14.79
CA SER A 5 15.38 14.78 -14.05
C SER A 5 16.62 13.90 -14.03
N SER A 6 17.76 14.49 -14.39
CA SER A 6 19.02 13.74 -14.43
C SER A 6 19.60 13.59 -13.03
N GLY A 7 19.77 12.35 -12.60
CA GLY A 7 20.32 12.09 -11.28
C GLY A 7 19.75 10.84 -10.65
N GLU A 8 19.42 10.91 -9.36
CA GLU A 8 18.87 9.77 -8.65
C GLU A 8 17.36 9.92 -8.47
N ALA A 9 16.62 8.90 -8.89
CA ALA A 9 15.16 8.92 -8.78
C ALA A 9 14.73 8.65 -7.34
N GLN A 10 14.23 9.68 -6.67
CA GLN A 10 13.77 9.56 -5.29
C GLN A 10 12.29 9.88 -5.18
N THR A 11 11.85 10.92 -5.89
CA THR A 11 10.46 11.33 -5.86
C THR A 11 9.66 10.64 -6.96
N ARG A 12 10.33 10.35 -8.08
CA ARG A 12 9.69 9.69 -9.21
C ARG A 12 9.16 8.31 -8.81
N VAL A 13 9.99 7.56 -8.07
CA VAL A 13 9.61 6.22 -7.63
C VAL A 13 8.26 6.24 -6.92
N LYS A 14 8.01 7.30 -6.15
CA LYS A 14 6.76 7.43 -5.42
C LYS A 14 5.61 7.74 -6.38
N LEU A 15 5.74 8.84 -7.11
CA LEU A 15 4.71 9.25 -8.07
C LEU A 15 4.32 8.09 -8.98
N ASN A 16 5.32 7.32 -9.40
CA ASN A 16 5.10 6.18 -10.28
C ASN A 16 3.94 5.32 -9.77
N PHE A 17 4.12 4.74 -8.58
CA PHE A 17 3.10 3.89 -7.99
C PHE A 17 1.75 4.60 -7.96
N LEU A 18 1.66 5.66 -7.15
CA LEU A 18 0.43 6.43 -7.03
C LEU A 18 -0.26 6.57 -8.38
N ASP A 19 0.53 6.81 -9.42
CA ASP A 19 0.00 6.95 -10.77
C ASP A 19 -0.70 5.69 -11.22
N GLN A 20 0.00 4.56 -11.13
CA GLN A 20 -0.56 3.28 -11.53
C GLN A 20 -1.84 2.98 -10.78
N ILE A 21 -1.79 3.09 -9.45
CA ILE A 21 -2.96 2.83 -8.61
C ILE A 21 -4.10 3.78 -8.97
N ALA A 22 -3.78 5.05 -9.12
CA ALA A 22 -4.78 6.05 -9.46
C ALA A 22 -5.52 5.68 -10.74
N LYS A 23 -4.77 5.31 -11.77
CA LYS A 23 -5.36 4.93 -13.05
C LYS A 23 -6.61 4.08 -12.84
N TYR A 24 -6.45 2.96 -12.13
CA TYR A 24 -7.56 2.06 -11.86
C TYR A 24 -8.80 2.84 -11.46
N TRP A 25 -8.64 3.76 -10.52
CA TRP A 25 -9.75 4.58 -10.05
C TRP A 25 -10.25 5.51 -11.15
N GLU A 26 -9.34 6.28 -11.73
CA GLU A 26 -9.68 7.21 -12.79
C GLU A 26 -10.69 6.59 -13.76
N LEU A 27 -10.36 5.39 -14.23
CA LEU A 27 -11.24 4.68 -15.17
C LEU A 27 -12.65 4.56 -14.62
N GLN A 28 -12.76 4.13 -13.36
CA GLN A 28 -14.06 3.99 -12.72
C GLN A 28 -14.75 5.34 -12.57
N GLY A 29 -13.97 6.37 -12.27
CA GLY A 29 -14.52 7.70 -12.11
C GLY A 29 -14.45 8.19 -10.67
N SER A 30 -13.36 7.87 -10.00
CA SER A 30 -13.17 8.27 -8.62
C SER A 30 -11.78 8.89 -8.41
N THR A 31 -11.72 9.94 -7.59
CA THR A 31 -10.46 10.61 -7.31
C THR A 31 -9.71 9.93 -6.17
N LEU A 32 -8.42 9.73 -6.37
CA LEU A 32 -7.58 9.09 -5.36
C LEU A 32 -6.89 10.13 -4.47
N LYS A 33 -7.31 10.19 -3.21
CA LYS A 33 -6.75 11.14 -2.26
C LYS A 33 -6.08 10.40 -1.09
N ILE A 34 -4.76 10.55 -0.98
CA ILE A 34 -4.02 9.91 0.10
C ILE A 34 -4.47 10.42 1.47
N PRO A 35 -4.77 9.48 2.37
CA PRO A 35 -5.21 9.82 3.73
C PRO A 35 -4.09 10.41 4.58
N HIS A 36 -4.47 11.16 5.61
CA HIS A 36 -3.50 11.80 6.49
C HIS A 36 -3.45 11.09 7.84
N VAL A 37 -2.36 10.35 8.08
CA VAL A 37 -2.20 9.62 9.33
C VAL A 37 -1.30 10.39 10.29
N GLU A 38 -1.85 10.71 11.47
CA GLU A 38 -1.09 11.44 12.48
C GLU A 38 -0.54 12.75 11.91
N ARG A 39 -1.40 13.48 11.20
CA ARG A 39 -1.00 14.75 10.60
C ARG A 39 0.19 14.56 9.68
N LYS A 40 0.27 13.40 9.04
CA LYS A 40 1.36 13.10 8.13
C LYS A 40 0.86 12.31 6.92
N ILE A 41 1.30 12.72 5.73
CA ILE A 41 0.89 12.05 4.50
C ILE A 41 1.33 10.59 4.51
N LEU A 42 0.40 9.70 4.83
CA LEU A 42 0.68 8.27 4.87
C LEU A 42 0.98 7.74 3.47
N ASP A 43 2.26 7.49 3.20
CA ASP A 43 2.68 6.97 1.90
C ASP A 43 2.30 5.51 1.75
N LEU A 44 1.43 5.23 0.77
CA LEU A 44 0.97 3.86 0.52
C LEU A 44 2.11 2.99 0.00
N PHE A 45 2.72 3.42 -1.10
CA PHE A 45 3.83 2.69 -1.68
C PHE A 45 4.90 2.36 -0.63
N GLN A 46 5.37 3.41 0.04
CA GLN A 46 6.40 3.24 1.07
C GLN A 46 5.89 2.33 2.20
N LEU A 47 4.66 2.56 2.63
CA LEU A 47 4.07 1.77 3.70
C LEU A 47 4.26 0.28 3.44
N ASN A 48 3.54 -0.26 2.47
CA ASN A 48 3.63 -1.67 2.12
C ASN A 48 5.09 -2.09 1.94
N LYS A 49 5.88 -1.20 1.33
CA LYS A 49 7.29 -1.48 1.09
C LYS A 49 8.00 -1.85 2.39
N LEU A 50 7.89 -0.99 3.39
CA LEU A 50 8.52 -1.22 4.68
C LEU A 50 8.05 -2.54 5.28
N VAL A 51 6.75 -2.82 5.15
CA VAL A 51 6.18 -4.05 5.68
C VAL A 51 6.93 -5.27 5.15
N ALA A 52 7.12 -5.32 3.83
CA ALA A 52 7.82 -6.43 3.21
C ALA A 52 9.25 -6.54 3.72
N GLU A 53 9.90 -5.39 3.91
CA GLU A 53 11.28 -5.36 4.39
C GLU A 53 11.37 -5.93 5.81
N GLU A 54 10.40 -5.55 6.65
CA GLU A 54 10.37 -6.02 8.03
C GLU A 54 10.10 -7.52 8.09
N GLY A 55 9.58 -8.07 6.99
CA GLY A 55 9.27 -9.48 6.94
C GLY A 55 8.22 -9.82 5.91
N GLY A 56 7.06 -9.17 6.02
CA GLY A 56 5.97 -9.42 5.08
C GLY A 56 4.61 -9.27 5.72
N PHE A 57 3.57 -9.20 4.89
CA PHE A 57 2.20 -9.05 5.38
C PHE A 57 1.82 -10.21 6.29
N ALA A 58 2.20 -11.42 5.88
CA ALA A 58 1.90 -12.62 6.66
C ALA A 58 2.69 -12.64 7.96
N VAL A 59 4.02 -12.74 7.83
CA VAL A 59 4.89 -12.77 8.99
C VAL A 59 4.54 -11.65 9.98
N VAL A 60 4.33 -10.46 9.45
CA VAL A 60 4.00 -9.30 10.29
C VAL A 60 2.65 -9.51 10.98
N CYS A 61 1.59 -9.59 10.19
CA CYS A 61 0.25 -9.78 10.74
C CYS A 61 0.22 -10.93 11.74
N LYS A 62 1.01 -11.97 11.45
CA LYS A 62 1.08 -13.13 12.32
C LYS A 62 1.70 -12.77 13.67
N ASP A 63 2.87 -12.13 13.61
CA ASP A 63 3.57 -11.72 14.83
C ASP A 63 3.23 -10.27 15.19
N ARG A 64 2.14 -9.77 14.64
CA ARG A 64 1.71 -8.39 14.89
C ARG A 64 2.89 -7.44 14.81
N LYS A 65 3.63 -7.51 13.70
CA LYS A 65 4.78 -6.64 13.49
C LYS A 65 4.37 -5.31 12.88
N TRP A 66 3.10 -4.93 13.08
CA TRP A 66 2.58 -3.70 12.54
C TRP A 66 3.21 -2.49 13.24
N THR A 67 3.39 -2.60 14.55
CA THR A 67 3.99 -1.53 15.33
C THR A 67 5.34 -1.11 14.76
N LYS A 68 6.12 -2.10 14.33
CA LYS A 68 7.44 -1.84 13.76
C LYS A 68 7.32 -1.02 12.47
N ILE A 69 6.24 -1.25 11.73
CA ILE A 69 6.02 -0.53 10.48
C ILE A 69 5.60 0.92 10.74
N ALA A 70 4.47 1.09 11.42
CA ALA A 70 3.97 2.42 11.74
C ALA A 70 5.08 3.31 12.25
N THR A 71 5.81 2.83 13.26
CA THR A 71 6.90 3.59 13.84
C THR A 71 7.97 3.92 12.81
N LYS A 72 8.42 2.89 12.09
CA LYS A 72 9.44 3.07 11.06
C LYS A 72 9.03 4.16 10.07
N MET A 73 7.78 4.12 9.65
CA MET A 73 7.26 5.11 8.70
C MET A 73 7.39 6.52 9.26
N GLY A 74 7.62 6.61 10.56
CA GLY A 74 7.76 7.91 11.20
C GLY A 74 6.62 8.22 12.14
N PHE A 75 5.59 7.37 12.13
CA PHE A 75 4.43 7.57 12.99
C PHE A 75 4.77 7.28 14.45
N ALA A 76 3.84 7.60 15.34
CA ALA A 76 4.04 7.37 16.76
C ALA A 76 3.57 5.99 17.17
N PRO A 77 4.28 5.36 18.12
CA PRO A 77 3.94 4.03 18.63
C PRO A 77 2.66 4.03 19.45
N GLY A 78 1.61 3.43 18.90
CA GLY A 78 0.34 3.37 19.61
C GLY A 78 -0.50 2.18 19.17
N LYS A 79 -1.82 2.36 19.19
CA LYS A 79 -2.74 1.29 18.81
C LYS A 79 -3.52 1.68 17.56
N ALA A 80 -3.89 2.95 17.46
CA ALA A 80 -4.63 3.44 16.32
C ALA A 80 -3.87 3.21 15.01
N VAL A 81 -2.66 3.78 14.94
CA VAL A 81 -1.82 3.64 13.76
C VAL A 81 -1.56 2.17 13.44
N GLY A 82 -1.29 1.38 14.49
CA GLY A 82 -1.02 -0.03 14.30
C GLY A 82 -2.06 -0.70 13.41
N SER A 83 -3.33 -0.54 13.75
CA SER A 83 -4.41 -1.13 12.98
C SER A 83 -4.68 -0.34 11.70
N HIS A 84 -4.36 0.94 11.74
CA HIS A 84 -4.56 1.82 10.59
C HIS A 84 -3.89 1.24 9.35
N ILE A 85 -2.65 0.81 9.51
CA ILE A 85 -1.89 0.25 8.40
C ILE A 85 -2.73 -0.78 7.62
N ARG A 86 -3.44 -1.62 8.36
CA ARG A 86 -4.29 -2.65 7.75
C ARG A 86 -5.51 -2.02 7.10
N GLY A 87 -6.35 -1.39 7.92
CA GLY A 87 -7.55 -0.76 7.40
C GLY A 87 -7.29 0.05 6.15
N HIS A 88 -6.30 0.93 6.20
CA HIS A 88 -5.96 1.76 5.06
C HIS A 88 -5.88 0.93 3.79
N TYR A 89 -5.30 -0.26 3.90
CA TYR A 89 -5.16 -1.15 2.76
C TYR A 89 -6.52 -1.64 2.28
N GLU A 90 -7.37 -2.05 3.22
CA GLU A 90 -8.70 -2.55 2.90
C GLU A 90 -9.64 -1.40 2.56
N ARG A 91 -9.18 -0.17 2.80
CA ARG A 91 -9.97 1.02 2.52
C ARG A 91 -9.60 1.62 1.16
N ILE A 92 -8.32 1.54 0.82
CA ILE A 92 -7.85 2.08 -0.45
C ILE A 92 -7.22 0.98 -1.31
N LEU A 93 -6.34 0.20 -0.70
CA LEU A 93 -5.66 -0.89 -1.40
C LEU A 93 -6.54 -2.14 -1.43
N ASN A 94 -7.83 -1.95 -1.25
CA ASN A 94 -8.78 -3.06 -1.26
C ASN A 94 -8.96 -3.61 -2.67
N PRO A 95 -9.43 -2.75 -3.59
CA PRO A 95 -9.66 -3.13 -4.99
C PRO A 95 -8.35 -3.37 -5.74
N TYR A 96 -7.44 -2.41 -5.65
CA TYR A 96 -6.15 -2.52 -6.32
C TYR A 96 -5.55 -3.91 -6.14
N ASN A 97 -5.46 -4.35 -4.88
CA ASN A 97 -4.91 -5.66 -4.58
C ASN A 97 -5.74 -6.77 -5.21
N LEU A 98 -7.04 -6.73 -4.99
CA LEU A 98 -7.95 -7.73 -5.56
C LEU A 98 -7.70 -7.91 -7.05
N PHE A 99 -7.53 -6.80 -7.76
CA PHE A 99 -7.27 -6.85 -9.19
C PHE A 99 -5.88 -7.41 -9.49
N LEU A 100 -4.87 -6.76 -8.93
CA LEU A 100 -3.49 -7.19 -9.13
C LEU A 100 -3.39 -8.72 -9.14
N SER A 101 -3.97 -9.35 -8.13
CA SER A 101 -3.95 -10.81 -8.01
C SER A 101 -4.76 -11.45 -9.14
N GLY A 102 -5.89 -10.83 -9.47
CA GLY A 102 -6.73 -11.35 -10.53
C GLY A 102 -8.18 -11.47 -10.11
N ASP A 103 -9.03 -11.90 -11.04
CA ASP A 103 -10.45 -12.06 -10.76
C ASP A 103 -10.99 -13.33 -11.41
N SER A 104 -12.03 -13.90 -10.80
CA SER A 104 -12.64 -15.12 -11.33
C SER A 104 -13.88 -14.79 -12.16
N LEU A 105 -14.87 -14.18 -11.51
CA LEU A 105 -16.11 -13.82 -12.19
C LEU A 105 -15.82 -13.07 -13.49
N ARG A 106 -14.61 -12.52 -13.59
CA ARG A 106 -14.22 -11.78 -14.79
C ARG A 106 -13.69 -12.73 -15.86
N CYS A 107 -14.39 -12.79 -16.99
CA CYS A 107 -13.99 -13.66 -18.09
C CYS A 107 -12.74 -13.13 -18.77
N LEU A 108 -12.15 -13.95 -19.63
CA LEU A 108 -10.94 -13.56 -20.36
C LEU A 108 -11.25 -12.48 -21.39
N GLN A 109 -10.63 -11.31 -21.21
CA GLN A 109 -10.85 -10.19 -22.12
C GLN A 109 -9.81 -10.21 -23.24
N LYS A 110 -10.07 -9.44 -24.30
CA LYS A 110 -9.17 -9.36 -25.43
C LYS A 110 -7.94 -8.51 -25.10
N PRO A 111 -6.77 -8.92 -25.63
CA PRO A 111 -5.52 -8.21 -25.41
C PRO A 111 -5.48 -6.85 -26.10
N ASN A 112 -5.04 -5.83 -25.37
CA ASN A 112 -4.94 -4.48 -25.92
C ASN A 112 -3.50 -4.11 -26.22
N LEU A 113 -3.21 -3.90 -27.50
CA LEU A 113 -1.87 -3.53 -27.92
C LEU A 113 -1.44 -2.21 -27.32
N THR A 114 -0.61 -2.27 -26.28
CA THR A 114 -0.13 -1.07 -25.60
C THR A 114 1.39 -1.06 -25.53
N SER A 115 1.99 0.06 -25.97
CA SER A 115 3.44 0.20 -25.95
C SER A 115 4.01 -0.19 -24.59
N ASP A 116 5.32 -0.38 -24.54
CA ASP A 116 6.00 -0.75 -23.30
C ASP A 116 7.19 0.16 -23.04
N THR A 117 7.83 -0.02 -21.89
CA THR A 117 8.98 0.79 -21.52
C THR A 117 10.20 -0.08 -21.27
N LYS A 118 11.39 0.47 -21.55
CA LYS A 118 12.63 -0.25 -21.36
C LYS A 118 13.59 0.52 -20.46
N ASP A 119 14.10 -0.15 -19.44
CA ASP A 119 15.02 0.47 -18.50
C ASP A 119 16.47 0.28 -18.95
N LYS A 120 17.37 1.09 -18.40
CA LYS A 120 18.78 1.01 -18.74
C LYS A 120 19.66 1.28 -17.53
N GLU A 121 20.36 0.24 -17.06
CA GLU A 121 21.23 0.36 -15.91
C GLU A 121 22.29 1.43 -16.13
N TYR A 122 23.17 1.62 -15.15
CA TYR A 122 24.22 2.61 -15.25
C TYR A 122 25.10 2.35 -16.47
N GLY A 1 9.38 27.73 3.48
CA GLY A 1 9.27 26.60 2.57
C GLY A 1 10.06 25.40 3.03
N SER A 2 9.70 24.22 2.53
CA SER A 2 10.37 22.99 2.90
C SER A 2 11.75 22.91 2.26
N SER A 3 12.58 22.00 2.76
CA SER A 3 13.93 21.83 2.24
C SER A 3 14.16 20.38 1.77
N GLY A 4 15.29 20.15 1.13
CA GLY A 4 15.60 18.82 0.64
C GLY A 4 17.04 18.43 0.90
N SER A 5 17.30 17.13 0.94
CA SER A 5 18.64 16.62 1.19
C SER A 5 19.32 16.18 -0.11
N SER A 6 20.27 16.98 -0.57
CA SER A 6 20.98 16.67 -1.80
C SER A 6 21.38 15.20 -1.86
N GLY A 7 21.33 14.62 -3.04
CA GLY A 7 21.68 13.23 -3.21
C GLY A 7 20.74 12.49 -4.15
N GLU A 8 20.42 11.25 -3.81
CA GLU A 8 19.54 10.43 -4.63
C GLU A 8 18.07 10.79 -4.37
N ALA A 9 17.40 11.29 -5.41
CA ALA A 9 16.00 11.67 -5.29
C ALA A 9 15.09 10.48 -5.56
N GLN A 10 14.11 10.27 -4.68
CA GLN A 10 13.17 9.17 -4.83
C GLN A 10 11.74 9.68 -4.90
N THR A 11 11.54 10.75 -5.67
CA THR A 11 10.21 11.34 -5.83
C THR A 11 9.47 10.72 -7.00
N ARG A 12 10.22 10.32 -8.02
CA ARG A 12 9.63 9.72 -9.21
C ARG A 12 9.08 8.33 -8.89
N VAL A 13 9.76 7.62 -8.00
CA VAL A 13 9.33 6.28 -7.61
C VAL A 13 8.10 6.33 -6.71
N LYS A 14 8.02 7.38 -5.89
CA LYS A 14 6.89 7.55 -4.98
C LYS A 14 5.60 7.85 -5.76
N LEU A 15 5.67 8.85 -6.63
CA LEU A 15 4.51 9.24 -7.43
C LEU A 15 4.18 8.16 -8.45
N ASN A 16 5.22 7.59 -9.07
CA ASN A 16 5.03 6.54 -10.06
C ASN A 16 4.06 5.48 -9.56
N PHE A 17 4.34 4.95 -8.38
CA PHE A 17 3.48 3.92 -7.79
C PHE A 17 2.06 4.43 -7.62
N LEU A 18 1.90 5.47 -6.82
CA LEU A 18 0.58 6.05 -6.57
C LEU A 18 -0.16 6.30 -7.88
N ASP A 19 0.59 6.37 -8.98
CA ASP A 19 0.00 6.60 -10.29
C ASP A 19 -0.63 5.32 -10.84
N GLN A 20 0.19 4.27 -10.96
CA GLN A 20 -0.27 2.99 -11.47
C GLN A 20 -1.49 2.51 -10.69
N ILE A 21 -1.54 2.85 -9.41
CA ILE A 21 -2.66 2.45 -8.56
C ILE A 21 -3.85 3.39 -8.74
N ALA A 22 -3.57 4.67 -8.88
CA ALA A 22 -4.62 5.67 -9.06
C ALA A 22 -5.48 5.34 -10.29
N LYS A 23 -4.82 5.12 -11.42
CA LYS A 23 -5.52 4.80 -12.66
C LYS A 23 -6.64 3.80 -12.40
N TYR A 24 -6.29 2.64 -11.86
CA TYR A 24 -7.28 1.61 -11.56
C TYR A 24 -8.57 2.22 -11.04
N TRP A 25 -8.44 3.20 -10.15
CA TRP A 25 -9.60 3.87 -9.58
C TRP A 25 -10.26 4.81 -10.59
N GLU A 26 -9.43 5.64 -11.23
CA GLU A 26 -9.94 6.58 -12.22
C GLU A 26 -10.97 5.92 -13.14
N LEU A 27 -10.66 4.70 -13.57
CA LEU A 27 -11.56 3.96 -14.45
C LEU A 27 -12.90 3.70 -13.77
N GLN A 28 -12.86 3.25 -12.52
CA GLN A 28 -14.07 2.97 -11.77
C GLN A 28 -14.85 4.26 -11.51
N GLY A 29 -14.15 5.38 -11.44
CA GLY A 29 -14.79 6.65 -11.20
C GLY A 29 -14.67 7.09 -9.75
N SER A 30 -13.50 6.88 -9.17
CA SER A 30 -13.26 7.25 -7.77
C SER A 30 -11.90 7.92 -7.61
N THR A 31 -11.90 9.09 -7.01
CA THR A 31 -10.66 9.84 -6.78
C THR A 31 -9.87 9.26 -5.61
N LEU A 32 -8.60 8.97 -5.84
CA LEU A 32 -7.74 8.42 -4.80
C LEU A 32 -7.05 9.53 -4.01
N LYS A 33 -7.48 9.73 -2.77
CA LYS A 33 -6.91 10.76 -1.91
C LYS A 33 -6.03 10.13 -0.84
N ILE A 34 -4.80 10.63 -0.73
CA ILE A 34 -3.86 10.13 0.26
C ILE A 34 -4.35 10.38 1.68
N PRO A 35 -4.41 9.32 2.49
CA PRO A 35 -4.86 9.41 3.89
C PRO A 35 -3.88 10.17 4.77
N HIS A 36 -4.36 10.61 5.93
CA HIS A 36 -3.52 11.36 6.86
C HIS A 36 -3.41 10.61 8.19
N VAL A 37 -2.19 10.18 8.51
CA VAL A 37 -1.94 9.45 9.75
C VAL A 37 -1.30 10.36 10.80
N GLU A 38 -1.93 10.45 11.96
CA GLU A 38 -1.42 11.27 13.05
C GLU A 38 -1.14 12.70 12.56
N ARG A 39 -2.12 13.29 11.91
CA ARG A 39 -1.97 14.65 11.38
C ARG A 39 -0.76 14.75 10.47
N LYS A 40 -0.49 13.69 9.72
CA LYS A 40 0.64 13.65 8.80
C LYS A 40 0.31 12.85 7.56
N ILE A 41 0.81 13.32 6.41
CA ILE A 41 0.56 12.64 5.14
C ILE A 41 1.25 11.28 5.10
N LEU A 42 0.45 10.22 5.20
CA LEU A 42 0.98 8.86 5.17
C LEU A 42 1.46 8.49 3.77
N ASP A 43 2.77 8.28 3.64
CA ASP A 43 3.37 7.93 2.35
C ASP A 43 3.14 6.45 2.05
N LEU A 44 2.02 6.14 1.40
CA LEU A 44 1.69 4.76 1.05
C LEU A 44 2.90 4.04 0.48
N PHE A 45 3.39 4.51 -0.66
CA PHE A 45 4.56 3.91 -1.30
C PHE A 45 5.55 3.39 -0.26
N GLN A 46 6.16 4.32 0.47
CA GLN A 46 7.13 3.95 1.49
C GLN A 46 6.54 2.95 2.48
N LEU A 47 5.42 3.33 3.10
CA LEU A 47 4.75 2.47 4.06
C LEU A 47 4.68 1.04 3.55
N ASN A 48 3.84 0.81 2.55
CA ASN A 48 3.68 -0.52 1.97
C ASN A 48 5.03 -1.17 1.73
N LYS A 49 5.87 -0.50 0.95
CA LYS A 49 7.20 -1.03 0.64
C LYS A 49 7.85 -1.63 1.87
N LEU A 50 7.80 -0.90 2.98
CA LEU A 50 8.39 -1.37 4.23
C LEU A 50 7.75 -2.68 4.67
N VAL A 51 6.43 -2.75 4.62
CA VAL A 51 5.70 -3.95 5.01
C VAL A 51 6.26 -5.18 4.30
N ALA A 52 6.47 -5.07 2.99
CA ALA A 52 7.01 -6.17 2.20
C ALA A 52 8.42 -6.52 2.65
N GLU A 53 9.22 -5.50 2.95
CA GLU A 53 10.60 -5.71 3.39
C GLU A 53 10.63 -6.44 4.73
N GLU A 54 9.78 -6.00 5.66
CA GLU A 54 9.73 -6.61 6.99
C GLU A 54 9.19 -8.04 6.90
N GLY A 55 8.53 -8.35 5.79
CA GLY A 55 7.96 -9.67 5.61
C GLY A 55 6.79 -9.68 4.64
N GLY A 56 5.75 -8.94 4.97
CA GLY A 56 4.58 -8.87 4.11
C GLY A 56 3.30 -8.65 4.90
N PHE A 57 2.24 -8.28 4.19
CA PHE A 57 0.95 -8.02 4.82
C PHE A 57 0.49 -9.24 5.63
N ALA A 58 0.81 -10.43 5.13
CA ALA A 58 0.43 -11.67 5.80
C ALA A 58 1.28 -11.89 7.04
N VAL A 59 2.57 -12.12 6.83
CA VAL A 59 3.50 -12.36 7.94
C VAL A 59 3.39 -11.26 8.99
N VAL A 60 3.18 -10.03 8.53
CA VAL A 60 3.06 -8.89 9.44
C VAL A 60 1.74 -8.92 10.18
N CYS A 61 0.64 -8.80 9.43
CA CYS A 61 -0.69 -8.81 10.02
C CYS A 61 -0.88 -10.03 10.91
N LYS A 62 -0.24 -11.13 10.54
CA LYS A 62 -0.32 -12.37 11.31
C LYS A 62 0.47 -12.27 12.61
N ASP A 63 1.71 -11.83 12.50
CA ASP A 63 2.57 -11.68 13.67
C ASP A 63 2.46 -10.28 14.26
N ARG A 64 1.42 -9.56 13.85
CA ARG A 64 1.20 -8.19 14.34
C ARG A 64 2.49 -7.38 14.31
N LYS A 65 3.12 -7.33 13.14
CA LYS A 65 4.37 -6.60 12.97
C LYS A 65 4.10 -5.20 12.42
N TRP A 66 3.00 -4.60 12.86
CA TRP A 66 2.63 -3.26 12.42
C TRP A 66 3.33 -2.19 13.25
N THR A 67 3.29 -2.36 14.57
CA THR A 67 3.93 -1.42 15.49
C THR A 67 5.31 -1.01 14.99
N LYS A 68 6.16 -2.00 14.73
CA LYS A 68 7.51 -1.75 14.25
C LYS A 68 7.49 -0.77 13.08
N ILE A 69 6.86 -1.19 11.99
CA ILE A 69 6.77 -0.34 10.79
C ILE A 69 6.19 1.02 11.14
N ALA A 70 4.94 1.04 11.58
CA ALA A 70 4.27 2.28 11.94
C ALA A 70 5.23 3.25 12.61
N THR A 71 6.01 2.75 13.57
CA THR A 71 6.96 3.57 14.29
C THR A 71 8.03 4.11 13.35
N LYS A 72 8.56 3.24 12.50
CA LYS A 72 9.59 3.62 11.54
C LYS A 72 9.17 4.87 10.76
N MET A 73 7.97 4.82 10.20
CA MET A 73 7.45 5.94 9.42
C MET A 73 7.57 7.25 10.20
N GLY A 74 7.61 7.15 11.52
CA GLY A 74 7.73 8.33 12.36
C GLY A 74 6.58 8.46 13.32
N PHE A 75 5.56 7.62 13.16
CA PHE A 75 4.38 7.66 14.01
C PHE A 75 4.71 7.13 15.41
N ALA A 76 4.05 7.70 16.42
CA ALA A 76 4.27 7.27 17.80
C ALA A 76 3.82 5.83 18.01
N PRO A 77 4.58 5.09 18.85
CA PRO A 77 4.29 3.69 19.14
C PRO A 77 3.03 3.54 19.99
N GLY A 78 2.07 2.77 19.48
CA GLY A 78 0.83 2.55 20.20
C GLY A 78 0.00 1.43 19.61
N LYS A 79 -1.30 1.67 19.46
CA LYS A 79 -2.21 0.68 18.91
C LYS A 79 -3.03 1.26 17.77
N ALA A 80 -3.37 2.54 17.89
CA ALA A 80 -4.15 3.23 16.86
C ALA A 80 -3.45 3.14 15.50
N VAL A 81 -2.23 3.66 15.44
CA VAL A 81 -1.46 3.65 14.20
C VAL A 81 -1.25 2.23 13.70
N GLY A 82 -1.17 1.28 14.63
CA GLY A 82 -0.97 -0.11 14.26
C GLY A 82 -2.05 -0.63 13.34
N SER A 83 -3.31 -0.57 13.81
CA SER A 83 -4.44 -1.05 13.03
C SER A 83 -4.65 -0.16 11.80
N HIS A 84 -4.22 1.09 11.90
CA HIS A 84 -4.38 2.04 10.81
C HIS A 84 -3.68 1.53 9.54
N ILE A 85 -2.38 1.30 9.64
CA ILE A 85 -1.60 0.82 8.51
C ILE A 85 -2.39 -0.20 7.70
N ARG A 86 -2.72 -1.33 8.33
CA ARG A 86 -3.49 -2.37 7.66
C ARG A 86 -4.74 -1.81 7.02
N GLY A 87 -5.58 -1.17 7.83
CA GLY A 87 -6.81 -0.59 7.32
C GLY A 87 -6.60 0.19 6.05
N HIS A 88 -5.67 1.13 6.07
CA HIS A 88 -5.37 1.95 4.90
C HIS A 88 -5.19 1.09 3.66
N TYR A 89 -4.60 -0.09 3.86
CA TYR A 89 -4.36 -1.01 2.74
C TYR A 89 -5.62 -1.83 2.43
N GLU A 90 -6.50 -1.94 3.42
CA GLU A 90 -7.74 -2.69 3.25
C GLU A 90 -8.84 -1.80 2.71
N ARG A 91 -8.61 -0.49 2.74
CA ARG A 91 -9.59 0.48 2.25
C ARG A 91 -9.17 1.04 0.90
N ILE A 92 -7.87 0.98 0.62
CA ILE A 92 -7.34 1.48 -0.65
C ILE A 92 -6.65 0.38 -1.44
N LEU A 93 -5.72 -0.32 -0.79
CA LEU A 93 -4.99 -1.40 -1.43
C LEU A 93 -5.75 -2.72 -1.30
N ASN A 94 -7.07 -2.63 -1.16
CA ASN A 94 -7.91 -3.81 -1.02
C ASN A 94 -8.11 -4.49 -2.38
N PRO A 95 -8.75 -3.77 -3.31
CA PRO A 95 -9.02 -4.29 -4.65
C PRO A 95 -7.75 -4.41 -5.50
N TYR A 96 -6.95 -3.35 -5.50
CA TYR A 96 -5.71 -3.33 -6.26
C TYR A 96 -4.99 -4.68 -6.16
N ASN A 97 -4.86 -5.19 -4.94
CA ASN A 97 -4.20 -6.46 -4.71
C ASN A 97 -5.15 -7.63 -5.00
N LEU A 98 -6.43 -7.42 -4.72
CA LEU A 98 -7.43 -8.45 -4.95
C LEU A 98 -7.43 -8.91 -6.41
N PHE A 99 -7.28 -7.94 -7.32
CA PHE A 99 -7.25 -8.23 -8.75
C PHE A 99 -5.86 -8.63 -9.20
N LEU A 100 -4.89 -7.75 -8.95
CA LEU A 100 -3.50 -8.01 -9.33
C LEU A 100 -3.12 -9.46 -9.06
N SER A 101 -3.65 -10.01 -7.97
CA SER A 101 -3.36 -11.39 -7.59
C SER A 101 -4.37 -12.34 -8.22
N GLY A 102 -5.65 -11.98 -8.14
CA GLY A 102 -6.70 -12.80 -8.71
C GLY A 102 -7.85 -13.02 -7.75
N ASP A 103 -9.06 -12.69 -8.19
CA ASP A 103 -10.24 -12.85 -7.36
C ASP A 103 -10.36 -14.28 -6.85
N SER A 104 -10.71 -14.43 -5.57
CA SER A 104 -10.84 -15.74 -4.96
C SER A 104 -12.31 -16.17 -4.91
N LEU A 105 -13.21 -15.20 -5.06
CA LEU A 105 -14.64 -15.48 -5.04
C LEU A 105 -15.17 -15.70 -6.45
N ARG A 106 -14.65 -14.94 -7.41
CA ARG A 106 -15.07 -15.06 -8.79
C ARG A 106 -14.72 -16.43 -9.35
N CYS A 107 -15.74 -17.23 -9.63
CA CYS A 107 -15.54 -18.57 -10.18
C CYS A 107 -14.47 -18.58 -11.26
N LEU A 108 -13.22 -18.81 -10.85
CA LEU A 108 -12.11 -18.83 -11.78
C LEU A 108 -11.01 -19.76 -11.30
N GLN A 109 -10.76 -20.82 -12.08
CA GLN A 109 -9.72 -21.79 -11.72
C GLN A 109 -8.33 -21.16 -11.75
N LYS A 110 -7.54 -21.44 -10.73
CA LYS A 110 -6.19 -20.89 -10.64
C LYS A 110 -5.20 -21.79 -11.36
N PRO A 111 -4.20 -21.17 -12.00
CA PRO A 111 -3.17 -21.89 -12.75
C PRO A 111 -2.22 -22.66 -11.83
N ASN A 112 -1.72 -23.78 -12.31
CA ASN A 112 -0.80 -24.61 -11.52
C ASN A 112 0.39 -23.78 -11.03
N LEU A 113 0.28 -23.29 -9.80
CA LEU A 113 1.34 -22.48 -9.20
C LEU A 113 1.65 -22.95 -7.79
N THR A 114 2.74 -22.43 -7.22
CA THR A 114 3.16 -22.80 -5.87
C THR A 114 2.18 -22.25 -4.84
N SER A 115 1.37 -23.14 -4.26
CA SER A 115 0.39 -22.73 -3.25
C SER A 115 0.38 -23.72 -2.08
N ASP A 116 -0.27 -23.32 -0.99
CA ASP A 116 -0.36 -24.16 0.19
C ASP A 116 -1.80 -24.49 0.52
N THR A 117 -2.03 -25.65 1.13
CA THR A 117 -3.37 -26.08 1.50
C THR A 117 -3.46 -26.39 2.99
N LYS A 118 -4.67 -26.69 3.46
CA LYS A 118 -4.89 -27.01 4.86
C LYS A 118 -5.99 -28.05 5.02
N ASP A 119 -5.59 -29.28 5.33
CA ASP A 119 -6.54 -30.37 5.51
C ASP A 119 -7.04 -30.42 6.95
N LYS A 120 -8.06 -31.23 7.19
CA LYS A 120 -8.64 -31.37 8.53
C LYS A 120 -8.88 -32.84 8.86
N GLU A 121 -8.71 -33.19 10.13
CA GLU A 121 -8.91 -34.56 10.57
C GLU A 121 -9.77 -34.61 11.84
N TYR A 122 -10.09 -35.81 12.29
CA TYR A 122 -10.90 -35.99 13.48
C TYR A 122 -10.59 -34.91 14.52
N GLY A 1 20.31 19.29 -17.77
CA GLY A 1 19.17 18.39 -17.71
C GLY A 1 18.20 18.77 -16.61
N SER A 2 18.51 18.35 -15.38
CA SER A 2 17.65 18.64 -14.24
C SER A 2 18.47 18.91 -12.99
N SER A 3 18.05 19.90 -12.21
CA SER A 3 18.75 20.26 -10.98
C SER A 3 17.76 20.57 -9.86
N GLY A 4 18.28 20.71 -8.64
CA GLY A 4 17.44 21.01 -7.50
C GLY A 4 18.07 20.59 -6.19
N SER A 5 17.27 20.00 -5.31
CA SER A 5 17.76 19.56 -4.01
C SER A 5 18.57 18.27 -4.15
N SER A 6 19.82 18.32 -3.70
CA SER A 6 20.71 17.16 -3.78
C SER A 6 20.68 16.36 -2.48
N GLY A 7 19.65 15.52 -2.34
CA GLY A 7 19.52 14.72 -1.14
C GLY A 7 18.84 13.39 -1.42
N GLU A 8 17.72 13.44 -2.14
CA GLU A 8 16.97 12.23 -2.47
C GLU A 8 16.29 12.37 -3.82
N ALA A 9 16.71 11.55 -4.78
CA ALA A 9 16.14 11.58 -6.12
C ALA A 9 15.26 10.35 -6.36
N GLN A 10 14.48 9.97 -5.35
CA GLN A 10 13.60 8.82 -5.46
C GLN A 10 12.13 9.25 -5.37
N THR A 11 11.82 10.38 -5.99
CA THR A 11 10.45 10.90 -5.98
C THR A 11 9.61 10.25 -7.08
N ARG A 12 10.19 10.09 -8.25
CA ARG A 12 9.50 9.49 -9.38
C ARG A 12 8.97 8.10 -9.00
N VAL A 13 9.81 7.30 -8.37
CA VAL A 13 9.43 5.96 -7.95
C VAL A 13 8.21 5.99 -7.02
N LYS A 14 8.11 7.07 -6.26
CA LYS A 14 7.00 7.23 -5.31
C LYS A 14 5.70 7.56 -6.06
N LEU A 15 5.78 8.50 -6.98
CA LEU A 15 4.62 8.91 -7.77
C LEU A 15 4.16 7.78 -8.68
N ASN A 16 5.11 7.13 -9.33
CA ASN A 16 4.81 6.03 -10.24
C ASN A 16 3.75 5.10 -9.64
N PHE A 17 3.91 4.78 -8.36
CA PHE A 17 2.98 3.91 -7.66
C PHE A 17 1.62 4.60 -7.49
N LEU A 18 1.65 5.86 -7.08
CA LEU A 18 0.43 6.63 -6.88
C LEU A 18 -0.33 6.79 -8.19
N ASP A 19 0.39 6.77 -9.30
CA ASP A 19 -0.22 6.90 -10.62
C ASP A 19 -0.90 5.61 -11.03
N GLN A 20 -0.18 4.50 -10.95
CA GLN A 20 -0.72 3.20 -11.32
C GLN A 20 -1.91 2.84 -10.45
N ILE A 21 -1.86 3.26 -9.19
CA ILE A 21 -2.94 2.99 -8.25
C ILE A 21 -4.12 3.92 -8.45
N ALA A 22 -3.82 5.20 -8.67
CA ALA A 22 -4.86 6.20 -8.89
C ALA A 22 -5.59 5.95 -10.21
N LYS A 23 -4.83 5.72 -11.28
CA LYS A 23 -5.40 5.47 -12.58
C LYS A 23 -6.40 4.33 -12.53
N TYR A 24 -6.19 3.41 -11.59
CA TYR A 24 -7.08 2.27 -11.43
C TYR A 24 -8.44 2.69 -10.90
N TRP A 25 -8.44 3.76 -10.10
CA TRP A 25 -9.68 4.28 -9.52
C TRP A 25 -10.36 5.25 -10.47
N GLU A 26 -9.59 6.22 -10.97
CA GLU A 26 -10.12 7.21 -11.89
C GLU A 26 -10.96 6.56 -13.00
N LEU A 27 -10.71 5.28 -13.22
CA LEU A 27 -11.43 4.53 -14.25
C LEU A 27 -12.85 4.21 -13.79
N GLN A 28 -12.98 3.76 -12.55
CA GLN A 28 -14.29 3.43 -11.99
C GLN A 28 -15.11 4.68 -11.75
N GLY A 29 -14.46 5.74 -11.31
CA GLY A 29 -15.15 7.00 -11.06
C GLY A 29 -15.13 7.38 -9.59
N SER A 30 -14.01 7.10 -8.92
CA SER A 30 -13.88 7.41 -7.51
C SER A 30 -12.48 7.98 -7.22
N THR A 31 -12.45 9.26 -6.88
CA THR A 31 -11.18 9.93 -6.57
C THR A 31 -10.46 9.23 -5.43
N LEU A 32 -9.13 9.25 -5.47
CA LEU A 32 -8.32 8.62 -4.44
C LEU A 32 -7.83 9.66 -3.42
N LYS A 33 -8.40 9.61 -2.23
CA LYS A 33 -8.04 10.54 -1.16
C LYS A 33 -7.00 9.91 -0.23
N ILE A 34 -5.95 10.67 0.07
CA ILE A 34 -4.89 10.18 0.95
C ILE A 34 -5.22 10.46 2.41
N PRO A 35 -5.30 9.39 3.22
CA PRO A 35 -5.60 9.50 4.65
C PRO A 35 -4.47 10.15 5.44
N HIS A 36 -4.83 10.84 6.52
CA HIS A 36 -3.85 11.51 7.36
C HIS A 36 -3.69 10.78 8.69
N VAL A 37 -2.52 10.17 8.89
CA VAL A 37 -2.25 9.43 10.12
C VAL A 37 -1.45 10.30 11.10
N GLU A 38 -1.98 10.44 12.31
CA GLU A 38 -1.32 11.24 13.34
C GLU A 38 -0.96 12.62 12.81
N ARG A 39 -1.91 13.24 12.12
CA ARG A 39 -1.69 14.57 11.55
C ARG A 39 -0.52 14.56 10.57
N LYS A 40 -0.31 13.42 9.92
CA LYS A 40 0.78 13.28 8.95
C LYS A 40 0.32 12.50 7.73
N ILE A 41 0.91 12.79 6.58
CA ILE A 41 0.57 12.11 5.34
C ILE A 41 1.15 10.69 5.31
N LEU A 42 0.31 9.72 5.00
CA LEU A 42 0.73 8.32 4.93
C LEU A 42 1.18 7.96 3.52
N ASP A 43 2.49 7.79 3.33
CA ASP A 43 3.04 7.44 2.03
C ASP A 43 2.82 5.96 1.73
N LEU A 44 1.62 5.63 1.25
CA LEU A 44 1.28 4.26 0.92
C LEU A 44 2.46 3.54 0.26
N PHE A 45 2.91 4.07 -0.88
CA PHE A 45 4.03 3.49 -1.60
C PHE A 45 5.05 2.90 -0.63
N GLN A 46 5.72 3.78 0.12
CA GLN A 46 6.72 3.35 1.08
C GLN A 46 6.12 2.39 2.11
N LEU A 47 5.06 2.84 2.77
CA LEU A 47 4.39 2.02 3.78
C LEU A 47 4.42 0.55 3.39
N ASN A 48 3.63 0.19 2.38
CA ASN A 48 3.56 -1.19 1.91
C ASN A 48 4.96 -1.75 1.68
N LYS A 49 5.75 -1.05 0.88
CA LYS A 49 7.11 -1.47 0.57
C LYS A 49 7.79 -2.03 1.82
N LEU A 50 7.86 -1.23 2.88
CA LEU A 50 8.48 -1.66 4.12
C LEU A 50 7.87 -2.96 4.62
N VAL A 51 6.54 -3.01 4.64
CA VAL A 51 5.83 -4.20 5.10
C VAL A 51 6.41 -5.47 4.48
N ALA A 52 6.58 -5.45 3.16
CA ALA A 52 7.14 -6.59 2.44
C ALA A 52 8.57 -6.85 2.86
N GLU A 53 9.32 -5.79 3.11
CA GLU A 53 10.71 -5.91 3.51
C GLU A 53 10.82 -6.62 4.86
N GLU A 54 9.88 -6.34 5.76
CA GLU A 54 9.87 -6.95 7.08
C GLU A 54 9.30 -8.36 7.02
N GLY A 55 8.66 -8.69 5.91
CA GLY A 55 8.07 -10.01 5.75
C GLY A 55 6.88 -10.01 4.80
N GLY A 56 5.84 -9.29 5.17
CA GLY A 56 4.65 -9.21 4.34
C GLY A 56 3.40 -8.90 5.14
N PHE A 57 2.33 -8.52 4.44
CA PHE A 57 1.07 -8.18 5.09
C PHE A 57 0.59 -9.34 5.97
N ALA A 58 0.78 -10.56 5.49
CA ALA A 58 0.37 -11.74 6.23
C ALA A 58 1.26 -11.97 7.45
N VAL A 59 2.52 -12.27 7.20
CA VAL A 59 3.47 -12.52 8.29
C VAL A 59 3.41 -11.40 9.32
N VAL A 60 3.38 -10.16 8.85
CA VAL A 60 3.32 -9.01 9.75
C VAL A 60 1.98 -8.95 10.48
N CYS A 61 0.92 -8.65 9.74
CA CYS A 61 -0.41 -8.57 10.32
C CYS A 61 -0.63 -9.68 11.34
N LYS A 62 -0.18 -10.89 11.00
CA LYS A 62 -0.34 -12.04 11.88
C LYS A 62 0.46 -11.84 13.16
N ASP A 63 1.74 -11.50 13.02
CA ASP A 63 2.61 -11.28 14.18
C ASP A 63 2.47 -9.85 14.70
N ARG A 64 1.32 -9.25 14.44
CA ARG A 64 1.06 -7.88 14.89
C ARG A 64 2.34 -7.05 14.84
N LYS A 65 3.11 -7.23 13.77
CA LYS A 65 4.36 -6.49 13.60
C LYS A 65 4.10 -5.15 12.94
N TRP A 66 3.03 -4.48 13.34
CA TRP A 66 2.67 -3.18 12.77
C TRP A 66 3.39 -2.06 13.52
N THR A 67 3.36 -2.11 14.85
CA THR A 67 4.00 -1.10 15.67
C THR A 67 5.33 -0.67 15.07
N LYS A 68 6.12 -1.64 14.63
CA LYS A 68 7.42 -1.37 14.04
C LYS A 68 7.28 -0.44 12.82
N ILE A 69 6.58 -0.93 11.80
CA ILE A 69 6.37 -0.15 10.58
C ILE A 69 5.80 1.22 10.91
N ALA A 70 4.65 1.25 11.58
CA ALA A 70 4.01 2.50 11.95
C ALA A 70 5.02 3.48 12.53
N THR A 71 5.81 3.01 13.50
CA THR A 71 6.82 3.85 14.14
C THR A 71 7.88 4.28 13.15
N LYS A 72 8.25 3.38 12.25
CA LYS A 72 9.27 3.67 11.25
C LYS A 72 8.79 4.75 10.27
N MET A 73 7.47 4.84 10.11
CA MET A 73 6.89 5.84 9.22
C MET A 73 6.92 7.22 9.85
N GLY A 74 7.40 7.28 11.09
CA GLY A 74 7.49 8.56 11.79
C GLY A 74 6.37 8.74 12.79
N PHE A 75 5.41 7.81 12.79
CA PHE A 75 4.28 7.87 13.71
C PHE A 75 4.68 7.38 15.10
N ALA A 76 3.83 7.64 16.08
CA ALA A 76 4.09 7.21 17.46
C ALA A 76 3.87 5.71 17.62
N PRO A 77 4.69 5.08 18.46
CA PRO A 77 4.60 3.64 18.74
C PRO A 77 3.35 3.28 19.52
N GLY A 78 2.25 3.07 18.81
CA GLY A 78 1.00 2.71 19.45
C GLY A 78 0.18 1.74 18.64
N LYS A 79 -0.88 1.20 19.25
CA LYS A 79 -1.74 0.25 18.57
C LYS A 79 -2.64 0.95 17.55
N ALA A 80 -3.04 2.18 17.88
CA ALA A 80 -3.90 2.96 16.99
C ALA A 80 -3.32 3.01 15.58
N VAL A 81 -2.10 3.50 15.45
CA VAL A 81 -1.44 3.61 14.16
C VAL A 81 -1.12 2.23 13.60
N GLY A 82 -0.61 1.35 14.45
CA GLY A 82 -0.27 0.01 14.03
C GLY A 82 -1.37 -0.63 13.19
N SER A 83 -2.59 -0.56 13.67
CA SER A 83 -3.73 -1.14 12.96
C SER A 83 -4.13 -0.26 11.77
N HIS A 84 -4.02 1.05 11.94
CA HIS A 84 -4.36 1.99 10.88
C HIS A 84 -3.71 1.59 9.56
N ILE A 85 -2.47 1.12 9.65
CA ILE A 85 -1.74 0.71 8.46
C ILE A 85 -2.48 -0.38 7.70
N ARG A 86 -2.75 -1.50 8.37
CA ARG A 86 -3.45 -2.61 7.75
C ARG A 86 -4.75 -2.13 7.10
N GLY A 87 -5.65 -1.58 7.92
CA GLY A 87 -6.91 -1.08 7.40
C GLY A 87 -6.75 -0.29 6.13
N HIS A 88 -5.81 0.66 6.13
CA HIS A 88 -5.56 1.49 4.97
C HIS A 88 -5.39 0.64 3.71
N TYR A 89 -4.60 -0.43 3.84
CA TYR A 89 -4.35 -1.33 2.72
C TYR A 89 -5.63 -2.02 2.28
N GLU A 90 -6.40 -2.49 3.26
CA GLU A 90 -7.65 -3.18 2.98
C GLU A 90 -8.77 -2.20 2.66
N ARG A 91 -8.49 -0.91 2.88
CA ARG A 91 -9.47 0.14 2.63
C ARG A 91 -9.22 0.80 1.29
N ILE A 92 -7.95 0.84 0.87
CA ILE A 92 -7.57 1.45 -0.39
C ILE A 92 -6.90 0.44 -1.31
N LEU A 93 -5.87 -0.23 -0.78
CA LEU A 93 -5.14 -1.23 -1.56
C LEU A 93 -5.84 -2.59 -1.50
N ASN A 94 -7.16 -2.56 -1.31
CA ASN A 94 -7.94 -3.78 -1.24
C ASN A 94 -8.08 -4.41 -2.62
N PRO A 95 -8.68 -3.65 -3.56
CA PRO A 95 -8.90 -4.12 -4.94
C PRO A 95 -7.59 -4.23 -5.71
N TYR A 96 -6.77 -3.18 -5.64
CA TYR A 96 -5.49 -3.16 -6.35
C TYR A 96 -4.76 -4.48 -6.18
N ASN A 97 -4.80 -5.01 -4.96
CA ASN A 97 -4.13 -6.28 -4.67
C ASN A 97 -4.86 -7.45 -5.33
N LEU A 98 -6.19 -7.39 -5.33
CA LEU A 98 -7.00 -8.44 -5.93
C LEU A 98 -6.64 -8.63 -7.40
N PHE A 99 -6.33 -7.53 -8.07
CA PHE A 99 -5.98 -7.58 -9.49
C PHE A 99 -4.50 -7.98 -9.66
N LEU A 100 -3.65 -7.41 -8.82
CA LEU A 100 -2.22 -7.70 -8.88
C LEU A 100 -1.95 -9.17 -8.62
N SER A 101 -2.78 -9.79 -7.77
CA SER A 101 -2.63 -11.19 -7.44
C SER A 101 -3.25 -12.08 -8.52
N GLY A 102 -3.63 -11.46 -9.63
CA GLY A 102 -4.23 -12.21 -10.72
C GLY A 102 -3.27 -13.21 -11.35
N ASP A 103 -3.19 -13.20 -12.67
CA ASP A 103 -2.30 -14.11 -13.39
C ASP A 103 -0.89 -13.55 -13.46
N SER A 104 -0.17 -13.58 -12.35
CA SER A 104 1.19 -13.07 -12.30
C SER A 104 2.21 -14.20 -12.46
N LEU A 105 1.77 -15.41 -12.14
CA LEU A 105 2.65 -16.59 -12.24
C LEU A 105 2.59 -17.18 -13.65
N ARG A 106 1.79 -16.58 -14.50
CA ARG A 106 1.64 -17.05 -15.88
C ARG A 106 2.82 -16.61 -16.72
N CYS A 107 3.67 -17.57 -17.09
CA CYS A 107 4.85 -17.29 -17.91
C CYS A 107 4.44 -16.99 -19.35
N LEU A 108 3.47 -17.74 -19.86
CA LEU A 108 3.01 -17.55 -21.23
C LEU A 108 1.91 -16.49 -21.28
N GLN A 109 1.88 -15.62 -20.29
CA GLN A 109 0.88 -14.56 -20.22
C GLN A 109 0.75 -13.86 -21.58
N LYS A 110 -0.24 -12.97 -21.68
CA LYS A 110 -0.47 -12.23 -22.91
C LYS A 110 0.82 -11.58 -23.41
N PRO A 111 0.97 -11.52 -24.74
CA PRO A 111 2.15 -10.91 -25.38
C PRO A 111 2.20 -9.41 -25.20
N ASN A 112 3.40 -8.88 -24.99
CA ASN A 112 3.58 -7.44 -24.80
C ASN A 112 4.90 -6.97 -25.41
N LEU A 113 4.97 -5.69 -25.74
CA LEU A 113 6.17 -5.12 -26.34
C LEU A 113 7.18 -4.73 -25.27
N THR A 114 8.06 -5.66 -24.92
CA THR A 114 9.08 -5.41 -23.91
C THR A 114 10.46 -5.85 -24.40
N SER A 115 11.33 -4.87 -24.64
CA SER A 115 12.68 -5.15 -25.11
C SER A 115 13.72 -4.79 -24.06
N ASP A 116 14.31 -5.79 -23.43
CA ASP A 116 15.32 -5.57 -22.39
C ASP A 116 16.42 -4.65 -22.91
N THR A 117 16.50 -3.46 -22.34
CA THR A 117 17.51 -2.49 -22.73
C THR A 117 18.77 -2.60 -21.86
N LYS A 118 19.65 -3.51 -22.25
CA LYS A 118 20.90 -3.72 -21.51
C LYS A 118 22.09 -3.14 -22.26
N ASP A 119 23.03 -2.56 -21.52
CA ASP A 119 24.21 -1.96 -22.11
C ASP A 119 25.45 -2.22 -21.25
N LYS A 120 26.56 -2.54 -21.91
CA LYS A 120 27.81 -2.82 -21.21
C LYS A 120 28.66 -1.56 -21.10
N GLU A 121 28.97 -1.16 -19.87
CA GLU A 121 29.78 0.02 -19.63
C GLU A 121 31.04 -0.34 -18.85
N TYR A 122 32.20 -0.05 -19.44
CA TYR A 122 33.47 -0.34 -18.80
C TYR A 122 34.08 0.92 -18.18
N GLY A 1 17.68 -14.47 -8.74
CA GLY A 1 17.65 -13.76 -10.01
C GLY A 1 18.20 -12.36 -9.90
N SER A 2 17.92 -11.53 -10.91
CA SER A 2 18.40 -10.16 -10.94
C SER A 2 18.34 -9.54 -9.54
N SER A 3 19.51 -9.32 -8.95
CA SER A 3 19.60 -8.74 -7.61
C SER A 3 20.61 -7.59 -7.60
N GLY A 4 20.15 -6.43 -7.10
CA GLY A 4 21.02 -5.27 -7.02
C GLY A 4 20.92 -4.55 -5.70
N SER A 5 21.10 -3.23 -5.73
CA SER A 5 21.03 -2.42 -4.53
C SER A 5 20.07 -1.24 -4.71
N SER A 6 19.60 -0.68 -3.61
CA SER A 6 18.68 0.44 -3.65
C SER A 6 19.22 1.55 -4.56
N GLY A 7 18.41 2.58 -4.77
CA GLY A 7 18.82 3.69 -5.62
C GLY A 7 19.14 4.93 -4.81
N GLU A 8 19.18 6.07 -5.49
CA GLU A 8 19.48 7.35 -4.83
C GLU A 8 18.28 8.29 -4.90
N ALA A 9 17.42 8.07 -5.88
CA ALA A 9 16.23 8.89 -6.05
C ALA A 9 14.96 8.10 -5.77
N GLN A 10 13.99 8.75 -5.13
CA GLN A 10 12.72 8.10 -4.81
C GLN A 10 11.55 8.82 -5.48
N THR A 11 11.55 10.15 -5.37
CA THR A 11 10.49 10.95 -5.96
C THR A 11 9.99 10.32 -7.26
N ARG A 12 10.88 9.70 -8.01
CA ARG A 12 10.54 9.06 -9.27
C ARG A 12 9.60 7.88 -9.03
N VAL A 13 10.06 6.92 -8.23
CA VAL A 13 9.27 5.74 -7.93
C VAL A 13 8.02 6.10 -7.13
N LYS A 14 8.17 7.03 -6.20
CA LYS A 14 7.05 7.46 -5.37
C LYS A 14 5.87 7.90 -6.23
N LEU A 15 6.13 8.84 -7.15
CA LEU A 15 5.09 9.33 -8.04
C LEU A 15 4.63 8.25 -9.01
N ASN A 16 5.59 7.47 -9.50
CA ASN A 16 5.28 6.38 -10.44
C ASN A 16 4.15 5.51 -9.92
N PHE A 17 4.29 5.06 -8.67
CA PHE A 17 3.28 4.21 -8.05
C PHE A 17 1.94 4.93 -7.99
N LEU A 18 1.87 6.00 -7.22
CA LEU A 18 0.65 6.77 -7.07
C LEU A 18 -0.07 6.92 -8.41
N ASP A 19 0.71 7.05 -9.48
CA ASP A 19 0.15 7.19 -10.82
C ASP A 19 -0.48 5.88 -11.28
N GLN A 20 0.32 4.82 -11.31
CA GLN A 20 -0.18 3.52 -11.74
C GLN A 20 -1.39 3.09 -10.93
N ILE A 21 -1.27 3.17 -9.60
CA ILE A 21 -2.35 2.79 -8.71
C ILE A 21 -3.56 3.72 -8.89
N ALA A 22 -3.28 4.99 -9.13
CA ALA A 22 -4.35 5.97 -9.34
C ALA A 22 -5.23 5.60 -10.52
N LYS A 23 -4.59 5.30 -11.65
CA LYS A 23 -5.31 4.91 -12.86
C LYS A 23 -6.40 3.90 -12.54
N TYR A 24 -6.01 2.79 -11.94
CA TYR A 24 -6.95 1.73 -11.59
C TYR A 24 -8.26 2.33 -11.07
N TRP A 25 -8.16 3.38 -10.27
CA TRP A 25 -9.33 4.04 -9.71
C TRP A 25 -10.01 4.91 -10.76
N GLU A 26 -9.24 5.76 -11.42
CA GLU A 26 -9.77 6.65 -12.45
C GLU A 26 -10.77 5.91 -13.33
N LEU A 27 -10.48 4.65 -13.62
CA LEU A 27 -11.36 3.83 -14.46
C LEU A 27 -12.76 3.77 -13.87
N GLN A 28 -12.83 3.56 -12.57
CA GLN A 28 -14.12 3.47 -11.88
C GLN A 28 -14.76 4.84 -11.74
N GLY A 29 -13.93 5.85 -11.52
CA GLY A 29 -14.44 7.20 -11.38
C GLY A 29 -14.29 7.74 -9.96
N SER A 30 -13.26 7.27 -9.27
CA SER A 30 -13.01 7.70 -7.89
C SER A 30 -11.67 8.42 -7.79
N THR A 31 -11.65 9.50 -7.01
CA THR A 31 -10.43 10.28 -6.81
C THR A 31 -9.56 9.68 -5.71
N LEU A 32 -8.28 9.48 -6.03
CA LEU A 32 -7.34 8.93 -5.07
C LEU A 32 -6.60 10.03 -4.32
N LYS A 33 -6.77 10.04 -2.99
CA LYS A 33 -6.12 11.03 -2.15
C LYS A 33 -5.46 10.39 -0.94
N ILE A 34 -4.31 10.91 -0.54
CA ILE A 34 -3.58 10.38 0.60
C ILE A 34 -4.16 10.91 1.91
N PRO A 35 -4.57 9.98 2.78
CA PRO A 35 -5.16 10.32 4.09
C PRO A 35 -4.11 10.90 5.04
N HIS A 36 -4.55 11.19 6.27
CA HIS A 36 -3.65 11.74 7.28
C HIS A 36 -3.69 10.90 8.55
N VAL A 37 -2.51 10.47 9.00
CA VAL A 37 -2.40 9.67 10.21
C VAL A 37 -1.70 10.43 11.33
N GLU A 38 -2.32 10.47 12.50
CA GLU A 38 -1.74 11.16 13.65
C GLU A 38 -1.39 12.59 13.28
N ARG A 39 -2.28 13.26 12.55
CA ARG A 39 -2.04 14.64 12.12
C ARG A 39 -0.80 14.74 11.27
N LYS A 40 -0.46 13.65 10.57
CA LYS A 40 0.71 13.63 9.71
C LYS A 40 0.46 12.78 8.47
N ILE A 41 0.73 13.34 7.30
CA ILE A 41 0.54 12.63 6.04
C ILE A 41 0.99 11.18 6.16
N LEU A 42 0.30 10.30 5.44
CA LEU A 42 0.62 8.88 5.46
C LEU A 42 0.98 8.38 4.06
N ASP A 43 2.26 8.46 3.72
CA ASP A 43 2.73 8.01 2.41
C ASP A 43 2.36 6.57 2.16
N LEU A 44 1.33 6.35 1.35
CA LEU A 44 0.86 5.01 1.03
C LEU A 44 1.99 4.17 0.41
N PHE A 45 2.47 4.61 -0.75
CA PHE A 45 3.54 3.91 -1.45
C PHE A 45 4.57 3.37 -0.46
N GLN A 46 5.21 4.28 0.27
CA GLN A 46 6.21 3.89 1.25
C GLN A 46 5.65 2.89 2.24
N LEU A 47 4.60 3.28 2.95
CA LEU A 47 3.95 2.42 3.93
C LEU A 47 3.93 0.97 3.44
N ASN A 48 3.08 0.70 2.46
CA ASN A 48 2.96 -0.65 1.90
C ASN A 48 4.33 -1.24 1.61
N LYS A 49 5.19 -0.44 0.97
CA LYS A 49 6.54 -0.89 0.63
C LYS A 49 7.22 -1.52 1.84
N LEU A 50 7.35 -0.75 2.91
CA LEU A 50 7.98 -1.24 4.14
C LEU A 50 7.37 -2.57 4.57
N VAL A 51 6.05 -2.66 4.49
CA VAL A 51 5.34 -3.88 4.88
C VAL A 51 5.92 -5.10 4.18
N ALA A 52 6.06 -5.00 2.86
CA ALA A 52 6.61 -6.10 2.06
C ALA A 52 8.06 -6.37 2.44
N GLU A 53 8.78 -5.32 2.81
CA GLU A 53 10.19 -5.46 3.19
C GLU A 53 10.32 -6.17 4.53
N GLU A 54 9.45 -5.81 5.47
CA GLU A 54 9.47 -6.42 6.80
C GLU A 54 8.95 -7.85 6.75
N GLY A 55 8.34 -8.22 5.62
CA GLY A 55 7.82 -9.56 5.47
C GLY A 55 6.63 -9.61 4.53
N GLY A 56 5.58 -8.88 4.86
CA GLY A 56 4.39 -8.86 4.03
C GLY A 56 3.12 -8.70 4.84
N PHE A 57 1.99 -8.58 4.15
CA PHE A 57 0.70 -8.42 4.80
C PHE A 57 0.35 -9.65 5.64
N ALA A 58 0.72 -10.82 5.13
CA ALA A 58 0.45 -12.07 5.83
C ALA A 58 1.33 -12.21 7.07
N VAL A 59 2.63 -12.34 6.86
CA VAL A 59 3.57 -12.47 7.96
C VAL A 59 3.37 -11.38 9.00
N VAL A 60 3.26 -10.14 8.54
CA VAL A 60 3.05 -9.00 9.43
C VAL A 60 1.76 -9.16 10.23
N CYS A 61 0.70 -9.58 9.55
CA CYS A 61 -0.60 -9.77 10.20
C CYS A 61 -0.55 -10.93 11.18
N LYS A 62 0.25 -11.94 10.85
CA LYS A 62 0.38 -13.11 11.71
C LYS A 62 1.15 -12.78 12.98
N ASP A 63 2.30 -12.13 12.82
CA ASP A 63 3.12 -11.74 13.96
C ASP A 63 2.89 -10.29 14.33
N ARG A 64 1.85 -9.69 13.76
CA ARG A 64 1.51 -8.30 14.03
C ARG A 64 2.76 -7.42 13.97
N LYS A 65 3.49 -7.52 12.88
CA LYS A 65 4.70 -6.73 12.69
C LYS A 65 4.37 -5.33 12.20
N TRP A 66 3.32 -4.75 12.75
CA TRP A 66 2.89 -3.41 12.37
C TRP A 66 3.63 -2.35 13.19
N THR A 67 3.70 -2.58 14.50
CA THR A 67 4.38 -1.65 15.40
C THR A 67 5.67 -1.12 14.78
N LYS A 68 6.49 -2.03 14.27
CA LYS A 68 7.75 -1.66 13.65
C LYS A 68 7.53 -0.68 12.50
N ILE A 69 6.75 -1.10 11.51
CA ILE A 69 6.46 -0.26 10.36
C ILE A 69 5.95 1.11 10.80
N ALA A 70 4.71 1.14 11.29
CA ALA A 70 4.11 2.38 11.75
C ALA A 70 5.14 3.28 12.43
N THR A 71 5.86 2.71 13.40
CA THR A 71 6.87 3.45 14.14
C THR A 71 7.96 3.98 13.21
N LYS A 72 8.38 3.13 12.27
CA LYS A 72 9.41 3.50 11.30
C LYS A 72 8.95 4.67 10.44
N MET A 73 7.63 4.85 10.33
CA MET A 73 7.08 5.93 9.54
C MET A 73 7.09 7.24 10.32
N GLY A 74 7.72 7.23 11.49
CA GLY A 74 7.78 8.41 12.32
C GLY A 74 6.72 8.43 13.39
N PHE A 75 5.72 7.57 13.25
CA PHE A 75 4.63 7.49 14.22
C PHE A 75 5.12 6.91 15.54
N ALA A 76 4.35 7.12 16.60
CA ALA A 76 4.71 6.62 17.93
C ALA A 76 4.36 5.14 18.06
N PRO A 77 5.21 4.39 18.78
CA PRO A 77 5.01 2.96 19.00
C PRO A 77 3.82 2.67 19.92
N GLY A 78 2.63 2.63 19.34
CA GLY A 78 1.43 2.37 20.12
C GLY A 78 0.59 1.27 19.52
N LYS A 79 -0.73 1.45 19.53
CA LYS A 79 -1.65 0.46 18.99
C LYS A 79 -2.55 1.08 17.91
N ALA A 80 -3.13 2.23 18.23
CA ALA A 80 -4.01 2.93 17.29
C ALA A 80 -3.42 2.91 15.88
N VAL A 81 -2.20 3.44 15.75
CA VAL A 81 -1.53 3.49 14.46
C VAL A 81 -1.36 2.10 13.87
N GLY A 82 -1.05 1.13 14.73
CA GLY A 82 -0.87 -0.24 14.27
C GLY A 82 -2.04 -0.73 13.45
N SER A 83 -3.25 -0.53 13.96
CA SER A 83 -4.46 -0.96 13.27
C SER A 83 -4.73 -0.09 12.05
N HIS A 84 -4.37 1.19 12.15
CA HIS A 84 -4.58 2.14 11.06
C HIS A 84 -3.96 1.62 9.77
N ILE A 85 -2.66 1.29 9.83
CA ILE A 85 -1.95 0.77 8.67
C ILE A 85 -2.80 -0.23 7.91
N ARG A 86 -3.30 -1.24 8.62
CA ARG A 86 -4.13 -2.27 8.01
C ARG A 86 -5.34 -1.66 7.31
N GLY A 87 -6.19 -1.00 8.08
CA GLY A 87 -7.37 -0.38 7.51
C GLY A 87 -7.08 0.35 6.22
N HIS A 88 -6.09 1.23 6.25
CA HIS A 88 -5.71 2.01 5.07
C HIS A 88 -5.51 1.09 3.87
N TYR A 89 -4.88 -0.06 4.10
CA TYR A 89 -4.63 -1.02 3.02
C TYR A 89 -5.92 -1.70 2.58
N GLU A 90 -6.73 -2.12 3.56
CA GLU A 90 -7.99 -2.78 3.26
C GLU A 90 -9.05 -1.78 2.83
N ARG A 91 -8.72 -0.49 2.95
CA ARG A 91 -9.64 0.57 2.57
C ARG A 91 -9.21 1.21 1.26
N ILE A 92 -7.91 1.20 1.00
CA ILE A 92 -7.36 1.79 -0.22
C ILE A 92 -6.71 0.71 -1.09
N LEU A 93 -5.80 -0.04 -0.51
CA LEU A 93 -5.10 -1.10 -1.23
C LEU A 93 -5.82 -2.44 -1.07
N ASN A 94 -7.15 -2.39 -1.02
CA ASN A 94 -7.96 -3.59 -0.88
C ASN A 94 -8.01 -4.37 -2.19
N PRO A 95 -8.59 -3.74 -3.23
CA PRO A 95 -8.71 -4.36 -4.55
C PRO A 95 -7.37 -4.50 -5.25
N TYR A 96 -6.61 -3.42 -5.29
CA TYR A 96 -5.30 -3.42 -5.93
C TYR A 96 -4.54 -4.70 -5.61
N ASN A 97 -4.37 -4.98 -4.32
CA ASN A 97 -3.66 -6.17 -3.88
C ASN A 97 -4.43 -7.43 -4.25
N LEU A 98 -5.73 -7.42 -3.96
CA LEU A 98 -6.58 -8.56 -4.27
C LEU A 98 -6.42 -9.00 -5.72
N PHE A 99 -6.25 -8.02 -6.61
CA PHE A 99 -6.08 -8.30 -8.03
C PHE A 99 -4.72 -8.94 -8.30
N LEU A 100 -3.66 -8.27 -7.85
CA LEU A 100 -2.30 -8.76 -8.04
C LEU A 100 -2.18 -10.22 -7.61
N SER A 101 -2.90 -10.57 -6.54
CA SER A 101 -2.88 -11.94 -6.04
C SER A 101 -3.75 -12.85 -6.88
N GLY A 102 -4.97 -12.41 -7.16
CA GLY A 102 -5.89 -13.20 -7.96
C GLY A 102 -7.14 -12.44 -8.34
N ASP A 103 -8.28 -13.12 -8.30
CA ASP A 103 -9.56 -12.49 -8.65
C ASP A 103 -10.46 -12.41 -7.42
N SER A 104 -11.49 -11.57 -7.51
CA SER A 104 -12.44 -11.40 -6.41
C SER A 104 -13.69 -12.23 -6.64
N LEU A 105 -14.22 -12.17 -7.86
CA LEU A 105 -15.43 -12.91 -8.20
C LEU A 105 -15.30 -14.37 -7.78
N ARG A 106 -14.15 -14.97 -8.06
CA ARG A 106 -13.90 -16.36 -7.71
C ARG A 106 -14.59 -16.72 -6.39
N CYS A 107 -15.53 -17.65 -6.46
CA CYS A 107 -16.27 -18.08 -5.28
C CYS A 107 -15.31 -18.44 -4.14
N LEU A 108 -15.84 -18.57 -2.94
CA LEU A 108 -15.04 -18.92 -1.78
C LEU A 108 -14.40 -20.30 -1.94
N GLN A 109 -13.22 -20.47 -1.35
CA GLN A 109 -12.51 -21.75 -1.44
C GLN A 109 -12.96 -22.70 -0.33
N LYS A 110 -12.78 -23.99 -0.57
CA LYS A 110 -13.17 -25.01 0.40
C LYS A 110 -12.90 -24.53 1.82
N PRO A 111 -13.82 -24.86 2.75
CA PRO A 111 -13.71 -24.48 4.15
C PRO A 111 -12.58 -25.23 4.87
N ASN A 112 -12.44 -24.98 6.17
CA ASN A 112 -11.41 -25.63 6.96
C ASN A 112 -12.02 -26.42 8.11
N LEU A 113 -11.25 -27.36 8.65
CA LEU A 113 -11.72 -28.19 9.75
C LEU A 113 -12.04 -27.35 10.98
N THR A 114 -12.97 -27.83 11.80
CA THR A 114 -13.36 -27.11 13.01
C THR A 114 -12.15 -26.77 13.87
N SER A 115 -12.20 -25.62 14.52
CA SER A 115 -11.09 -25.18 15.38
C SER A 115 -11.41 -25.46 16.85
N ASP A 116 -10.82 -26.52 17.38
CA ASP A 116 -11.05 -26.89 18.78
C ASP A 116 -9.73 -26.91 19.54
N THR A 117 -9.63 -26.08 20.58
CA THR A 117 -8.43 -25.99 21.39
C THR A 117 -8.69 -26.49 22.81
N LYS A 118 -8.39 -27.76 23.06
CA LYS A 118 -8.59 -28.36 24.37
C LYS A 118 -7.74 -27.65 25.43
N ASP A 119 -7.96 -27.99 26.70
CA ASP A 119 -7.22 -27.39 27.79
C ASP A 119 -5.94 -28.16 28.08
N LYS A 120 -4.82 -27.68 27.55
CA LYS A 120 -3.54 -28.33 27.75
C LYS A 120 -3.01 -28.08 29.15
N GLU A 121 -2.66 -29.15 29.86
CA GLU A 121 -2.15 -29.04 31.22
C GLU A 121 -1.25 -27.82 31.36
N TYR A 122 -1.68 -26.85 32.16
CA TYR A 122 -0.91 -25.63 32.38
C TYR A 122 0.46 -25.95 32.97
N GLY A 1 16.19 16.38 -8.54
CA GLY A 1 16.96 16.73 -9.72
C GLY A 1 17.27 18.21 -9.78
N SER A 2 17.77 18.76 -8.68
CA SER A 2 18.11 20.18 -8.62
C SER A 2 19.24 20.52 -9.58
N SER A 3 20.30 19.73 -9.54
CA SER A 3 21.45 19.94 -10.40
C SER A 3 22.47 18.81 -10.27
N GLY A 4 23.19 18.53 -11.34
CA GLY A 4 24.19 17.48 -11.32
C GLY A 4 23.56 16.10 -11.21
N SER A 5 22.94 15.65 -12.30
CA SER A 5 22.29 14.35 -12.33
C SER A 5 23.16 13.29 -11.65
N SER A 6 22.67 12.73 -10.55
CA SER A 6 23.41 11.72 -9.81
C SER A 6 22.53 11.07 -8.74
N GLY A 7 22.86 9.85 -8.36
CA GLY A 7 22.09 9.15 -7.35
C GLY A 7 20.78 8.63 -7.89
N GLU A 8 20.20 7.65 -7.19
CA GLU A 8 18.93 7.06 -7.60
C GLU A 8 17.76 7.78 -6.95
N ALA A 9 16.84 8.28 -7.79
CA ALA A 9 15.67 8.99 -7.30
C ALA A 9 14.91 8.15 -6.28
N GLN A 10 14.25 8.83 -5.34
CA GLN A 10 13.48 8.15 -4.30
C GLN A 10 12.03 8.63 -4.29
N THR A 11 11.80 9.82 -4.86
CA THR A 11 10.47 10.39 -4.91
C THR A 11 9.72 9.93 -6.16
N ARG A 12 10.41 9.95 -7.30
CA ARG A 12 9.80 9.54 -8.56
C ARG A 12 9.30 8.10 -8.47
N VAL A 13 10.16 7.19 -8.02
CA VAL A 13 9.80 5.79 -7.89
C VAL A 13 8.54 5.62 -7.06
N LYS A 14 8.27 6.60 -6.19
CA LYS A 14 7.09 6.57 -5.33
C LYS A 14 5.85 7.03 -6.09
N LEU A 15 5.94 8.21 -6.71
CA LEU A 15 4.84 8.77 -7.46
C LEU A 15 4.36 7.79 -8.53
N ASN A 16 5.31 7.19 -9.25
CA ASN A 16 4.99 6.24 -10.30
C ASN A 16 3.82 5.35 -9.88
N PHE A 17 4.03 4.55 -8.84
CA PHE A 17 3.00 3.65 -8.34
C PHE A 17 1.70 4.40 -8.10
N LEU A 18 1.72 5.30 -7.13
CA LEU A 18 0.54 6.09 -6.78
C LEU A 18 -0.22 6.51 -8.04
N ASP A 19 0.53 6.88 -9.08
CA ASP A 19 -0.06 7.30 -10.34
C ASP A 19 -0.89 6.17 -10.95
N GLN A 20 -0.27 5.01 -11.11
CA GLN A 20 -0.95 3.86 -11.70
C GLN A 20 -2.23 3.55 -10.93
N ILE A 21 -2.10 3.26 -9.65
CA ILE A 21 -3.25 2.95 -8.81
C ILE A 21 -4.37 3.98 -9.00
N ALA A 22 -3.99 5.26 -8.99
CA ALA A 22 -4.94 6.34 -9.16
C ALA A 22 -5.76 6.15 -10.43
N LYS A 23 -5.09 5.77 -11.51
CA LYS A 23 -5.76 5.56 -12.79
C LYS A 23 -6.89 4.54 -12.66
N TYR A 24 -6.55 3.33 -12.24
CA TYR A 24 -7.53 2.27 -12.07
C TYR A 24 -8.83 2.83 -11.49
N TRP A 25 -8.72 3.93 -10.76
CA TRP A 25 -9.88 4.56 -10.15
C TRP A 25 -10.53 5.55 -11.11
N GLU A 26 -9.70 6.38 -11.74
CA GLU A 26 -10.20 7.37 -12.69
C GLU A 26 -11.15 6.75 -13.70
N LEU A 27 -11.09 5.42 -13.82
CA LEU A 27 -11.94 4.70 -14.74
C LEU A 27 -13.35 4.53 -14.17
N GLN A 28 -13.43 4.34 -12.85
CA GLN A 28 -14.71 4.16 -12.18
C GLN A 28 -15.38 5.51 -11.93
N GLY A 29 -14.56 6.56 -11.78
CA GLY A 29 -15.10 7.88 -11.53
C GLY A 29 -14.92 8.33 -10.10
N SER A 30 -13.79 7.92 -9.50
CA SER A 30 -13.50 8.28 -8.11
C SER A 30 -12.05 8.72 -7.97
N THR A 31 -11.86 10.01 -7.68
CA THR A 31 -10.52 10.56 -7.52
C THR A 31 -9.75 9.83 -6.41
N LEU A 32 -8.45 9.66 -6.62
CA LEU A 32 -7.60 8.98 -5.64
C LEU A 32 -6.73 9.98 -4.90
N LYS A 33 -6.26 9.60 -3.71
CA LYS A 33 -5.41 10.46 -2.91
C LYS A 33 -4.87 9.70 -1.70
N ILE A 34 -3.73 10.15 -1.18
CA ILE A 34 -3.11 9.52 -0.03
C ILE A 34 -3.62 10.13 1.27
N PRO A 35 -4.05 9.26 2.21
CA PRO A 35 -4.58 9.69 3.50
C PRO A 35 -3.49 10.26 4.40
N HIS A 36 -3.88 10.66 5.61
CA HIS A 36 -2.93 11.23 6.57
C HIS A 36 -2.88 10.40 7.84
N VAL A 37 -1.67 10.03 8.25
CA VAL A 37 -1.48 9.22 9.46
C VAL A 37 -0.73 10.01 10.53
N GLU A 38 -1.45 10.38 11.59
CA GLU A 38 -0.85 11.14 12.69
C GLU A 38 -0.33 12.49 12.20
N ARG A 39 -1.19 13.23 11.50
CA ARG A 39 -0.80 14.53 10.97
C ARG A 39 0.43 14.43 10.07
N LYS A 40 0.56 13.29 9.41
CA LYS A 40 1.69 13.06 8.51
C LYS A 40 1.29 12.16 7.35
N ILE A 41 1.54 12.62 6.12
CA ILE A 41 1.21 11.85 4.94
C ILE A 41 1.69 10.42 5.05
N LEU A 42 0.93 9.49 4.49
CA LEU A 42 1.29 8.08 4.52
C LEU A 42 1.69 7.57 3.15
N ASP A 43 2.99 7.64 2.85
CA ASP A 43 3.50 7.19 1.57
C ASP A 43 3.25 5.69 1.36
N LEU A 44 2.06 5.35 0.91
CA LEU A 44 1.69 3.96 0.68
C LEU A 44 2.86 3.18 0.07
N PHE A 45 3.33 3.65 -1.07
CA PHE A 45 4.45 3.00 -1.76
C PHE A 45 5.50 2.54 -0.76
N GLN A 46 5.94 3.45 0.09
CA GLN A 46 6.95 3.13 1.10
C GLN A 46 6.38 2.22 2.18
N LEU A 47 5.32 2.69 2.84
CA LEU A 47 4.68 1.91 3.89
C LEU A 47 4.70 0.42 3.57
N ASN A 48 3.89 0.03 2.59
CA ASN A 48 3.82 -1.37 2.17
C ASN A 48 5.21 -1.96 1.98
N LYS A 49 6.00 -1.34 1.12
CA LYS A 49 7.35 -1.80 0.85
C LYS A 49 8.06 -2.20 2.15
N LEU A 50 8.11 -1.26 3.09
CA LEU A 50 8.74 -1.52 4.38
C LEU A 50 8.24 -2.81 5.00
N VAL A 51 6.92 -3.00 4.96
CA VAL A 51 6.30 -4.19 5.52
C VAL A 51 6.94 -5.46 4.96
N ALA A 52 6.95 -5.56 3.63
CA ALA A 52 7.54 -6.72 2.96
C ALA A 52 8.98 -6.92 3.39
N GLU A 53 9.73 -5.82 3.50
CA GLU A 53 11.13 -5.89 3.90
C GLU A 53 11.27 -6.45 5.31
N GLU A 54 10.34 -6.09 6.19
CA GLU A 54 10.37 -6.56 7.57
C GLU A 54 10.02 -8.04 7.64
N GLY A 55 9.23 -8.50 6.67
CA GLY A 55 8.83 -9.90 6.64
C GLY A 55 7.75 -10.17 5.62
N GLY A 56 6.66 -9.40 5.69
CA GLY A 56 5.56 -9.58 4.76
C GLY A 56 4.22 -9.63 5.46
N PHE A 57 3.18 -9.20 4.76
CA PHE A 57 1.83 -9.19 5.33
C PHE A 57 1.57 -10.48 6.10
N ALA A 58 2.11 -11.59 5.61
CA ALA A 58 1.93 -12.88 6.25
C ALA A 58 2.62 -12.90 7.62
N VAL A 59 3.94 -12.84 7.61
CA VAL A 59 4.71 -12.86 8.85
C VAL A 59 4.38 -11.66 9.72
N VAL A 60 4.50 -10.46 9.16
CA VAL A 60 4.22 -9.24 9.89
C VAL A 60 2.89 -9.34 10.64
N CYS A 61 1.81 -9.61 9.89
CA CYS A 61 0.48 -9.74 10.48
C CYS A 61 0.47 -10.83 11.54
N LYS A 62 1.09 -11.96 11.24
CA LYS A 62 1.15 -13.08 12.17
C LYS A 62 1.72 -12.64 13.52
N ASP A 63 2.89 -12.02 13.49
CA ASP A 63 3.53 -11.55 14.70
C ASP A 63 3.11 -10.12 15.03
N ARG A 64 2.00 -9.69 14.43
CA ARG A 64 1.50 -8.34 14.66
C ARG A 64 2.63 -7.33 14.76
N LYS A 65 3.56 -7.40 13.81
CA LYS A 65 4.71 -6.50 13.80
C LYS A 65 4.37 -5.19 13.08
N TRP A 66 3.16 -4.68 13.32
CA TRP A 66 2.71 -3.45 12.69
C TRP A 66 3.27 -2.23 13.44
N THR A 67 3.08 -2.22 14.75
CA THR A 67 3.56 -1.12 15.58
C THR A 67 4.92 -0.62 15.11
N LYS A 68 5.86 -1.55 14.94
CA LYS A 68 7.19 -1.21 14.48
C LYS A 68 7.14 -0.34 13.23
N ILE A 69 6.56 -0.88 12.16
CA ILE A 69 6.45 -0.16 10.90
C ILE A 69 5.89 1.24 11.12
N ALA A 70 4.63 1.30 11.53
CA ALA A 70 3.98 2.58 11.79
C ALA A 70 4.92 3.56 12.48
N THR A 71 5.56 3.09 13.55
CA THR A 71 6.50 3.93 14.29
C THR A 71 7.68 4.34 13.43
N LYS A 72 8.13 3.42 12.57
CA LYS A 72 9.25 3.69 11.69
C LYS A 72 8.90 4.74 10.65
N MET A 73 7.60 4.90 10.40
CA MET A 73 7.13 5.88 9.43
C MET A 73 7.03 7.27 10.06
N GLY A 74 7.47 7.38 11.30
CA GLY A 74 7.42 8.66 11.99
C GLY A 74 6.18 8.80 12.85
N PHE A 75 5.32 7.79 12.82
CA PHE A 75 4.08 7.81 13.59
C PHE A 75 4.35 7.45 15.05
N ALA A 76 3.45 7.87 15.93
CA ALA A 76 3.58 7.59 17.36
C ALA A 76 3.29 6.12 17.65
N PRO A 77 4.02 5.56 18.61
CA PRO A 77 3.85 4.15 19.01
C PRO A 77 2.55 3.91 19.75
N GLY A 78 1.49 3.66 18.98
CA GLY A 78 0.17 3.42 19.58
C GLY A 78 -0.54 2.25 18.94
N LYS A 79 -1.81 2.10 19.25
CA LYS A 79 -2.62 1.01 18.70
C LYS A 79 -3.44 1.49 17.51
N ALA A 80 -3.84 2.76 17.53
CA ALA A 80 -4.63 3.34 16.45
C ALA A 80 -3.90 3.20 15.12
N VAL A 81 -2.70 3.78 15.04
CA VAL A 81 -1.90 3.72 13.82
C VAL A 81 -1.61 2.28 13.42
N GLY A 82 -1.49 1.41 14.42
CA GLY A 82 -1.21 0.01 14.15
C GLY A 82 -2.26 -0.64 13.27
N SER A 83 -3.53 -0.35 13.56
CA SER A 83 -4.64 -0.91 12.79
C SER A 83 -4.87 -0.11 11.52
N HIS A 84 -4.45 1.16 11.54
CA HIS A 84 -4.62 2.03 10.39
C HIS A 84 -3.85 1.50 9.18
N ILE A 85 -2.59 1.12 9.40
CA ILE A 85 -1.76 0.59 8.34
C ILE A 85 -2.52 -0.40 7.47
N ARG A 86 -3.16 -1.37 8.12
CA ARG A 86 -3.94 -2.38 7.41
C ARG A 86 -5.18 -1.78 6.77
N GLY A 87 -6.07 -1.26 7.60
CA GLY A 87 -7.30 -0.65 7.09
C GLY A 87 -7.06 0.14 5.82
N HIS A 88 -6.00 0.95 5.81
CA HIS A 88 -5.67 1.77 4.66
C HIS A 88 -5.59 0.91 3.39
N TYR A 89 -4.91 -0.22 3.48
CA TYR A 89 -4.77 -1.13 2.35
C TYR A 89 -6.11 -1.79 2.01
N GLU A 90 -7.00 -1.85 2.99
CA GLU A 90 -8.31 -2.46 2.79
C GLU A 90 -9.32 -1.42 2.33
N ARG A 91 -8.93 -0.14 2.38
CA ARG A 91 -9.80 0.95 1.98
C ARG A 91 -9.38 1.49 0.62
N ILE A 92 -8.10 1.38 0.30
CA ILE A 92 -7.58 1.87 -0.97
C ILE A 92 -6.95 0.73 -1.77
N LEU A 93 -6.05 -0.01 -1.13
CA LEU A 93 -5.38 -1.12 -1.79
C LEU A 93 -6.24 -2.38 -1.74
N ASN A 94 -7.52 -2.20 -1.44
CA ASN A 94 -8.45 -3.33 -1.37
C ASN A 94 -8.73 -3.89 -2.76
N PRO A 95 -9.25 -3.04 -3.65
CA PRO A 95 -9.57 -3.43 -5.02
C PRO A 95 -8.34 -3.70 -5.86
N TYR A 96 -7.40 -2.74 -5.84
CA TYR A 96 -6.17 -2.88 -6.61
C TYR A 96 -5.52 -4.24 -6.37
N ASN A 97 -5.39 -4.61 -5.10
CA ASN A 97 -4.78 -5.89 -4.74
C ASN A 97 -5.65 -7.05 -5.21
N LEU A 98 -6.82 -7.19 -4.60
CA LEU A 98 -7.74 -8.27 -4.96
C LEU A 98 -7.76 -8.49 -6.47
N PHE A 99 -7.45 -7.43 -7.22
CA PHE A 99 -7.43 -7.52 -8.68
C PHE A 99 -6.11 -8.10 -9.17
N LEU A 100 -5.01 -7.40 -8.90
CA LEU A 100 -3.69 -7.84 -9.31
C LEU A 100 -3.51 -9.33 -9.04
N SER A 101 -3.87 -9.76 -7.83
CA SER A 101 -3.74 -11.15 -7.44
C SER A 101 -4.90 -11.98 -8.00
N GLY A 102 -6.11 -11.44 -7.89
CA GLY A 102 -7.28 -12.14 -8.39
C GLY A 102 -7.11 -12.58 -9.83
N ASP A 103 -7.70 -11.84 -10.75
CA ASP A 103 -7.63 -12.16 -12.17
C ASP A 103 -6.19 -12.48 -12.57
N SER A 104 -5.93 -13.75 -12.87
CA SER A 104 -4.60 -14.19 -13.27
C SER A 104 -4.48 -14.28 -14.79
N LEU A 105 -5.34 -15.10 -15.39
CA LEU A 105 -5.33 -15.29 -16.83
C LEU A 105 -6.01 -14.10 -17.53
N ARG A 106 -6.47 -13.14 -16.74
CA ARG A 106 -7.12 -11.96 -17.29
C ARG A 106 -6.38 -10.69 -16.90
N CYS A 107 -5.39 -10.33 -17.71
CA CYS A 107 -4.58 -9.14 -17.45
C CYS A 107 -4.36 -8.34 -18.74
N LEU A 108 -4.06 -7.06 -18.58
CA LEU A 108 -3.84 -6.19 -19.73
C LEU A 108 -2.89 -6.84 -20.73
N GLN A 109 -3.09 -6.55 -22.01
CA GLN A 109 -2.26 -7.12 -23.07
C GLN A 109 -0.97 -6.32 -23.22
N LYS A 110 0.10 -6.80 -22.60
CA LYS A 110 1.39 -6.13 -22.67
C LYS A 110 2.54 -7.14 -22.74
N PRO A 111 3.62 -6.77 -23.42
CA PRO A 111 4.80 -7.64 -23.57
C PRO A 111 5.56 -7.80 -22.26
N ASN A 112 5.99 -9.04 -21.97
CA ASN A 112 6.73 -9.32 -20.76
C ASN A 112 7.86 -8.31 -20.55
N LEU A 113 8.32 -8.20 -19.32
CA LEU A 113 9.40 -7.27 -18.98
C LEU A 113 10.67 -7.62 -19.76
N THR A 114 11.69 -6.78 -19.60
CA THR A 114 12.97 -7.00 -20.28
C THR A 114 14.14 -6.89 -19.31
N SER A 115 15.30 -7.37 -19.73
CA SER A 115 16.50 -7.32 -18.90
C SER A 115 17.69 -6.78 -19.68
N ASP A 116 18.82 -6.65 -19.01
CA ASP A 116 20.03 -6.14 -19.64
C ASP A 116 21.06 -7.25 -19.83
N THR A 117 22.15 -6.92 -20.50
CA THR A 117 23.21 -7.91 -20.75
C THR A 117 24.56 -7.39 -20.26
N LYS A 118 25.53 -8.30 -20.14
CA LYS A 118 26.86 -7.94 -19.68
C LYS A 118 27.92 -8.45 -20.65
N ASP A 119 29.18 -8.15 -20.36
CA ASP A 119 30.29 -8.57 -21.20
C ASP A 119 31.36 -9.28 -20.38
N LYS A 120 32.12 -10.15 -21.02
CA LYS A 120 33.18 -10.89 -20.35
C LYS A 120 34.45 -10.91 -21.20
N GLU A 121 35.54 -11.43 -20.62
CA GLU A 121 36.81 -11.50 -21.33
C GLU A 121 37.16 -12.96 -21.64
N TYR A 122 38.23 -13.14 -22.41
CA TYR A 122 38.67 -14.48 -22.79
C TYR A 122 39.43 -15.15 -21.65
N GLY A 1 27.69 18.33 -24.18
CA GLY A 1 26.60 18.06 -23.28
C GLY A 1 26.71 16.71 -22.61
N SER A 2 27.20 16.70 -21.38
CA SER A 2 27.37 15.46 -20.63
C SER A 2 26.02 14.96 -20.10
N SER A 3 25.63 13.77 -20.55
CA SER A 3 24.36 13.18 -20.12
C SER A 3 24.58 12.22 -18.94
N GLY A 4 23.70 12.32 -17.94
CA GLY A 4 23.82 11.47 -16.78
C GLY A 4 23.34 10.06 -17.05
N SER A 5 24.25 9.09 -16.98
CA SER A 5 23.91 7.70 -17.22
C SER A 5 23.07 7.14 -16.09
N SER A 6 23.16 7.78 -14.92
CA SER A 6 22.41 7.33 -13.75
C SER A 6 21.06 8.06 -13.66
N GLY A 7 19.99 7.27 -13.57
CA GLY A 7 18.66 7.85 -13.48
C GLY A 7 17.80 7.17 -12.45
N GLU A 8 18.36 6.98 -11.25
CA GLU A 8 17.63 6.34 -10.16
C GLU A 8 17.08 7.36 -9.18
N ALA A 9 15.89 7.88 -9.49
CA ALA A 9 15.26 8.88 -8.64
C ALA A 9 14.21 8.24 -7.73
N GLN A 10 14.07 8.77 -6.52
CA GLN A 10 13.10 8.26 -5.56
C GLN A 10 11.70 8.74 -5.88
N THR A 11 11.58 10.02 -6.24
CA THR A 11 10.29 10.61 -6.56
C THR A 11 9.66 9.91 -7.76
N ARG A 12 10.48 9.53 -8.73
CA ARG A 12 10.01 8.85 -9.93
C ARG A 12 9.43 7.49 -9.58
N VAL A 13 10.27 6.61 -9.03
CA VAL A 13 9.84 5.27 -8.65
C VAL A 13 8.62 5.32 -7.73
N LYS A 14 8.58 6.33 -6.87
CA LYS A 14 7.47 6.50 -5.94
C LYS A 14 6.20 6.92 -6.68
N LEU A 15 6.30 8.00 -7.46
CA LEU A 15 5.17 8.50 -8.21
C LEU A 15 4.55 7.41 -9.08
N ASN A 16 5.41 6.57 -9.66
CA ASN A 16 4.94 5.48 -10.51
C ASN A 16 3.80 4.72 -9.84
N PHE A 17 4.01 4.30 -8.61
CA PHE A 17 3.00 3.57 -7.86
C PHE A 17 1.71 4.39 -7.74
N LEU A 18 1.80 5.49 -7.01
CA LEU A 18 0.64 6.37 -6.82
C LEU A 18 -0.10 6.60 -8.13
N ASP A 19 0.62 6.46 -9.24
CA ASP A 19 0.03 6.65 -10.56
C ASP A 19 -0.69 5.38 -11.02
N GLN A 20 -0.01 4.24 -10.90
CA GLN A 20 -0.58 2.96 -11.30
C GLN A 20 -1.75 2.59 -10.40
N ILE A 21 -1.74 3.09 -9.18
CA ILE A 21 -2.80 2.80 -8.21
C ILE A 21 -3.98 3.76 -8.41
N ALA A 22 -3.67 5.03 -8.61
CA ALA A 22 -4.71 6.04 -8.81
C ALA A 22 -5.41 5.86 -10.15
N LYS A 23 -4.62 5.56 -11.18
CA LYS A 23 -5.17 5.36 -12.52
C LYS A 23 -6.25 4.29 -12.52
N TYR A 24 -6.13 3.35 -11.58
CA TYR A 24 -7.09 2.25 -11.47
C TYR A 24 -8.44 2.77 -10.98
N TRP A 25 -8.40 3.85 -10.19
CA TRP A 25 -9.62 4.43 -9.65
C TRP A 25 -10.28 5.34 -10.67
N GLU A 26 -9.50 6.24 -11.26
CA GLU A 26 -10.02 7.16 -12.26
C GLU A 26 -10.93 6.45 -13.25
N LEU A 27 -10.53 5.24 -13.65
CA LEU A 27 -11.32 4.46 -14.60
C LEU A 27 -12.75 4.28 -14.09
N GLN A 28 -12.90 4.06 -12.80
CA GLN A 28 -14.21 3.87 -12.20
C GLN A 28 -14.93 5.21 -12.05
N GLY A 29 -14.19 6.24 -11.67
CA GLY A 29 -14.78 7.56 -11.50
C GLY A 29 -14.78 8.00 -10.04
N SER A 30 -13.78 7.58 -9.29
CA SER A 30 -13.68 7.94 -7.88
C SER A 30 -12.26 8.37 -7.53
N THR A 31 -12.06 9.68 -7.38
CA THR A 31 -10.76 10.23 -7.04
C THR A 31 -10.18 9.57 -5.80
N LEU A 32 -8.88 9.32 -5.81
CA LEU A 32 -8.21 8.69 -4.68
C LEU A 32 -7.79 9.73 -3.64
N LYS A 33 -8.22 9.53 -2.40
CA LYS A 33 -7.90 10.44 -1.32
C LYS A 33 -7.10 9.74 -0.23
N ILE A 34 -5.94 10.28 0.10
CA ILE A 34 -5.08 9.70 1.14
C ILE A 34 -5.52 10.14 2.52
N PRO A 35 -5.69 9.17 3.43
CA PRO A 35 -6.10 9.43 4.81
C PRO A 35 -5.02 10.13 5.62
N HIS A 36 -5.38 10.56 6.83
CA HIS A 36 -4.42 11.24 7.70
C HIS A 36 -4.25 10.48 9.01
N VAL A 37 -3.06 9.96 9.25
CA VAL A 37 -2.76 9.21 10.46
C VAL A 37 -2.03 10.08 11.47
N GLU A 38 -2.63 10.27 12.64
CA GLU A 38 -2.03 11.07 13.69
C GLU A 38 -1.71 12.48 13.19
N ARG A 39 -2.70 13.13 12.58
CA ARG A 39 -2.53 14.47 12.05
C ARG A 39 -1.31 14.53 11.12
N LYS A 40 -1.07 13.45 10.38
CA LYS A 40 0.05 13.39 9.45
C LYS A 40 -0.27 12.48 8.27
N ILE A 41 0.15 12.89 7.09
CA ILE A 41 -0.09 12.13 5.88
C ILE A 41 0.55 10.74 5.97
N LEU A 42 -0.11 9.74 5.39
CA LEU A 42 0.40 8.37 5.41
C LEU A 42 0.91 7.97 4.03
N ASP A 43 2.23 7.94 3.89
CA ASP A 43 2.85 7.57 2.62
C ASP A 43 2.70 6.07 2.37
N LEU A 44 1.93 5.73 1.34
CA LEU A 44 1.70 4.34 0.99
C LEU A 44 2.98 3.68 0.47
N PHE A 45 3.51 4.22 -0.63
CA PHE A 45 4.74 3.68 -1.21
C PHE A 45 5.75 3.30 -0.12
N GLN A 46 6.06 4.25 0.74
CA GLN A 46 7.01 4.02 1.83
C GLN A 46 6.45 3.03 2.84
N LEU A 47 5.23 3.28 3.30
CA LEU A 47 4.57 2.42 4.26
C LEU A 47 4.61 0.97 3.80
N ASN A 48 3.83 0.66 2.77
CA ASN A 48 3.78 -0.70 2.23
C ASN A 48 5.18 -1.24 1.99
N LYS A 49 6.02 -0.43 1.37
CA LYS A 49 7.39 -0.83 1.08
C LYS A 49 8.08 -1.40 2.32
N LEU A 50 8.02 -0.66 3.42
CA LEU A 50 8.62 -1.09 4.67
C LEU A 50 8.08 -2.45 5.10
N VAL A 51 6.76 -2.59 5.07
CA VAL A 51 6.12 -3.84 5.46
C VAL A 51 6.79 -5.03 4.77
N ALA A 52 6.87 -4.97 3.45
CA ALA A 52 7.49 -6.04 2.67
C ALA A 52 8.90 -6.34 3.18
N GLU A 53 9.70 -5.30 3.35
CA GLU A 53 11.06 -5.45 3.83
C GLU A 53 11.10 -6.23 5.15
N GLU A 54 10.13 -5.93 6.01
CA GLU A 54 10.04 -6.61 7.31
C GLU A 54 9.56 -8.04 7.15
N GLY A 55 9.01 -8.35 5.98
CA GLY A 55 8.51 -9.69 5.72
C GLY A 55 7.39 -9.70 4.70
N GLY A 56 6.29 -9.04 5.01
CA GLY A 56 5.16 -8.98 4.10
C GLY A 56 3.87 -8.62 4.80
N PHE A 57 2.81 -8.42 4.02
CA PHE A 57 1.51 -8.05 4.56
C PHE A 57 0.98 -9.16 5.48
N ALA A 58 1.07 -10.40 5.02
CA ALA A 58 0.61 -11.54 5.81
C ALA A 58 1.50 -11.77 7.02
N VAL A 59 2.75 -12.15 6.77
CA VAL A 59 3.70 -12.41 7.84
C VAL A 59 3.63 -11.32 8.90
N VAL A 60 3.42 -10.09 8.46
CA VAL A 60 3.34 -8.95 9.38
C VAL A 60 2.03 -8.97 10.16
N CYS A 61 0.93 -9.14 9.44
CA CYS A 61 -0.39 -9.17 10.06
C CYS A 61 -0.48 -10.28 11.10
N LYS A 62 0.01 -11.47 10.72
CA LYS A 62 -0.01 -12.62 11.61
C LYS A 62 0.94 -12.42 12.79
N ASP A 63 2.05 -11.72 12.53
CA ASP A 63 3.04 -11.45 13.57
C ASP A 63 2.80 -10.08 14.20
N ARG A 64 1.73 -9.42 13.80
CA ARG A 64 1.39 -8.10 14.31
C ARG A 64 2.62 -7.19 14.32
N LYS A 65 3.44 -7.31 13.28
CA LYS A 65 4.64 -6.50 13.16
C LYS A 65 4.33 -5.13 12.55
N TRP A 66 3.17 -4.59 12.92
CA TRP A 66 2.74 -3.28 12.41
C TRP A 66 3.40 -2.16 13.20
N THR A 67 3.42 -2.30 14.52
CA THR A 67 4.02 -1.30 15.39
C THR A 67 5.35 -0.80 14.82
N LYS A 68 6.20 -1.74 14.41
CA LYS A 68 7.51 -1.40 13.85
C LYS A 68 7.36 -0.38 12.72
N ILE A 69 6.64 -0.76 11.67
CA ILE A 69 6.43 0.13 10.53
C ILE A 69 5.81 1.44 10.97
N ALA A 70 4.67 1.36 11.65
CA ALA A 70 3.98 2.55 12.13
C ALA A 70 4.97 3.58 12.66
N THR A 71 5.82 3.16 13.58
CA THR A 71 6.82 4.05 14.17
C THR A 71 7.76 4.60 13.11
N LYS A 72 8.27 3.71 12.26
CA LYS A 72 9.18 4.11 11.19
C LYS A 72 8.67 5.35 10.48
N MET A 73 7.41 5.34 10.09
CA MET A 73 6.80 6.47 9.40
C MET A 73 6.84 7.73 10.27
N GLY A 74 6.87 7.52 11.59
CA GLY A 74 6.91 8.64 12.51
C GLY A 74 5.71 8.67 13.44
N PHE A 75 4.79 7.73 13.25
CA PHE A 75 3.60 7.65 14.07
C PHE A 75 3.92 7.10 15.45
N ALA A 76 3.31 7.69 16.48
CA ALA A 76 3.54 7.25 17.85
C ALA A 76 3.34 5.75 17.99
N PRO A 77 4.15 5.12 18.85
CA PRO A 77 4.08 3.67 19.09
C PRO A 77 2.82 3.27 19.85
N GLY A 78 1.73 3.07 19.10
CA GLY A 78 0.47 2.68 19.72
C GLY A 78 -0.25 1.62 18.93
N LYS A 79 -1.29 1.04 19.53
CA LYS A 79 -2.07 -0.01 18.88
C LYS A 79 -2.97 0.58 17.80
N ALA A 80 -3.53 1.76 18.06
CA ALA A 80 -4.41 2.43 17.12
C ALA A 80 -3.78 2.47 15.73
N VAL A 81 -2.60 3.09 15.63
CA VAL A 81 -1.89 3.20 14.36
C VAL A 81 -1.54 1.82 13.81
N GLY A 82 -1.19 0.90 14.70
CA GLY A 82 -0.84 -0.44 14.29
C GLY A 82 -1.90 -1.08 13.42
N SER A 83 -3.14 -1.02 13.89
CA SER A 83 -4.27 -1.61 13.15
C SER A 83 -4.62 -0.76 11.94
N HIS A 84 -4.40 0.55 12.05
CA HIS A 84 -4.70 1.47 10.97
C HIS A 84 -3.99 1.04 9.68
N ILE A 85 -2.71 0.73 9.80
CA ILE A 85 -1.93 0.30 8.64
C ILE A 85 -2.67 -0.74 7.82
N ARG A 86 -3.19 -1.76 8.50
CA ARG A 86 -3.92 -2.82 7.82
C ARG A 86 -5.18 -2.28 7.15
N GLY A 87 -6.07 -1.71 7.95
CA GLY A 87 -7.31 -1.15 7.41
C GLY A 87 -7.07 -0.31 6.18
N HIS A 88 -6.07 0.57 6.25
CA HIS A 88 -5.74 1.44 5.14
C HIS A 88 -5.62 0.64 3.84
N TYR A 89 -4.96 -0.51 3.91
CA TYR A 89 -4.77 -1.36 2.75
C TYR A 89 -6.10 -1.96 2.29
N GLU A 90 -6.92 -2.38 3.25
CA GLU A 90 -8.21 -2.97 2.94
C GLU A 90 -9.22 -1.89 2.54
N ARG A 91 -8.83 -0.63 2.72
CA ARG A 91 -9.70 0.49 2.37
C ARG A 91 -9.31 1.08 1.03
N ILE A 92 -8.02 1.03 0.71
CA ILE A 92 -7.52 1.56 -0.55
C ILE A 92 -6.86 0.46 -1.38
N LEU A 93 -5.97 -0.29 -0.75
CA LEU A 93 -5.26 -1.36 -1.43
C LEU A 93 -6.10 -2.64 -1.47
N ASN A 94 -7.40 -2.48 -1.26
CA ASN A 94 -8.33 -3.61 -1.27
C ASN A 94 -8.52 -4.13 -2.69
N PRO A 95 -9.02 -3.27 -3.58
CA PRO A 95 -9.26 -3.63 -4.99
C PRO A 95 -7.96 -3.83 -5.76
N TYR A 96 -7.04 -2.89 -5.61
CA TYR A 96 -5.75 -2.97 -6.30
C TYR A 96 -5.11 -4.33 -6.11
N ASN A 97 -5.05 -4.79 -4.86
CA ASN A 97 -4.47 -6.08 -4.54
C ASN A 97 -5.46 -7.21 -4.80
N LEU A 98 -6.72 -6.96 -4.50
CA LEU A 98 -7.78 -7.95 -4.70
C LEU A 98 -7.79 -8.43 -6.16
N PHE A 99 -7.33 -7.57 -7.06
CA PHE A 99 -7.29 -7.91 -8.48
C PHE A 99 -5.90 -8.39 -8.89
N LEU A 100 -4.88 -7.60 -8.56
CA LEU A 100 -3.50 -7.94 -8.90
C LEU A 100 -3.22 -9.41 -8.57
N SER A 101 -3.50 -9.80 -7.34
CA SER A 101 -3.26 -11.18 -6.90
C SER A 101 -4.09 -12.15 -7.73
N GLY A 102 -5.37 -11.82 -7.91
CA GLY A 102 -6.25 -12.68 -8.68
C GLY A 102 -6.56 -12.12 -10.05
N ASP A 103 -5.59 -12.21 -10.96
CA ASP A 103 -5.77 -11.70 -12.32
C ASP A 103 -5.69 -12.84 -13.33
N SER A 104 -6.80 -13.54 -13.53
CA SER A 104 -6.86 -14.65 -14.47
C SER A 104 -7.33 -14.18 -15.84
N LEU A 105 -8.44 -13.44 -15.86
CA LEU A 105 -9.00 -12.93 -17.10
C LEU A 105 -7.92 -12.30 -17.96
N ARG A 106 -7.02 -11.55 -17.32
CA ARG A 106 -5.93 -10.88 -18.03
C ARG A 106 -4.65 -10.91 -17.21
N CYS A 107 -3.55 -11.34 -17.83
CA CYS A 107 -2.27 -11.41 -17.15
C CYS A 107 -1.73 -10.01 -16.87
N LEU A 108 -0.92 -9.90 -15.82
CA LEU A 108 -0.33 -8.62 -15.44
C LEU A 108 0.48 -8.02 -16.58
N GLN A 109 0.41 -6.71 -16.73
CA GLN A 109 1.14 -6.01 -17.79
C GLN A 109 1.53 -4.61 -17.35
N LYS A 110 2.73 -4.18 -17.73
CA LYS A 110 3.23 -2.86 -17.37
C LYS A 110 3.68 -2.10 -18.61
N PRO A 111 3.23 -0.84 -18.74
CA PRO A 111 3.58 0.01 -19.87
C PRO A 111 5.04 0.44 -19.85
N ASN A 112 5.67 0.44 -21.02
CA ASN A 112 7.07 0.83 -21.13
C ASN A 112 7.21 2.18 -21.82
N LEU A 113 7.65 3.18 -21.06
CA LEU A 113 7.83 4.52 -21.58
C LEU A 113 9.25 5.02 -21.35
N THR A 114 9.70 5.95 -22.20
CA THR A 114 11.04 6.50 -22.08
C THR A 114 11.00 8.01 -21.87
N SER A 115 11.96 8.52 -21.11
CA SER A 115 12.02 9.95 -20.82
C SER A 115 13.45 10.46 -20.95
N ASP A 116 13.62 11.56 -21.69
CA ASP A 116 14.93 12.15 -21.90
C ASP A 116 15.04 13.49 -21.19
N THR A 117 14.51 13.56 -19.97
CA THR A 117 14.55 14.79 -19.18
C THR A 117 15.84 14.90 -18.38
N LYS A 118 16.65 15.90 -18.69
CA LYS A 118 17.90 16.11 -17.98
C LYS A 118 17.76 15.83 -16.49
N ASP A 119 18.45 14.80 -16.02
CA ASP A 119 18.39 14.43 -14.61
C ASP A 119 18.61 15.64 -13.72
N LYS A 120 18.24 15.51 -12.45
CA LYS A 120 18.39 16.59 -11.48
C LYS A 120 19.70 16.46 -10.71
N GLU A 121 20.42 17.57 -10.58
CA GLU A 121 21.68 17.58 -9.85
C GLU A 121 21.83 18.85 -9.02
N TYR A 122 22.83 18.86 -8.15
CA TYR A 122 23.08 20.01 -7.28
C TYR A 122 23.83 21.10 -8.04
N GLY A 1 31.65 18.78 -2.76
CA GLY A 1 30.59 17.82 -2.99
C GLY A 1 30.98 16.41 -2.59
N SER A 2 30.03 15.50 -2.64
CA SER A 2 30.28 14.11 -2.28
C SER A 2 29.95 13.17 -3.44
N SER A 3 30.41 11.92 -3.34
CA SER A 3 30.16 10.93 -4.37
C SER A 3 28.72 10.99 -4.86
N GLY A 4 27.78 10.80 -3.93
CA GLY A 4 26.37 10.84 -4.28
C GLY A 4 25.49 10.25 -3.20
N SER A 5 24.34 9.73 -3.59
CA SER A 5 23.40 9.14 -2.64
C SER A 5 22.38 8.26 -3.37
N SER A 6 22.34 6.98 -2.99
CA SER A 6 21.41 6.03 -3.60
C SER A 6 20.02 6.65 -3.73
N GLY A 7 19.62 6.94 -4.97
CA GLY A 7 18.32 7.52 -5.20
C GLY A 7 18.38 8.74 -6.10
N GLU A 8 18.80 8.53 -7.35
CA GLU A 8 18.91 9.62 -8.31
C GLU A 8 17.54 10.23 -8.60
N ALA A 9 16.57 9.38 -8.88
CA ALA A 9 15.21 9.83 -9.18
C ALA A 9 14.19 9.12 -8.29
N GLN A 10 13.89 9.73 -7.15
CA GLN A 10 12.93 9.15 -6.21
C GLN A 10 11.50 9.50 -6.62
N THR A 11 11.19 10.78 -6.66
CA THR A 11 9.86 11.24 -7.03
C THR A 11 9.30 10.43 -8.20
N ARG A 12 10.20 9.94 -9.05
CA ARG A 12 9.79 9.14 -10.20
C ARG A 12 9.19 7.82 -9.76
N VAL A 13 9.98 7.04 -9.01
CA VAL A 13 9.53 5.75 -8.53
C VAL A 13 8.43 5.90 -7.49
N LYS A 14 8.37 7.07 -6.86
CA LYS A 14 7.36 7.34 -5.85
C LYS A 14 6.02 7.67 -6.50
N LEU A 15 5.99 8.73 -7.30
CA LEU A 15 4.77 9.15 -7.98
C LEU A 15 4.31 8.08 -8.97
N ASN A 16 5.27 7.40 -9.58
CA ASN A 16 4.95 6.35 -10.55
C ASN A 16 3.84 5.44 -10.04
N PHE A 17 4.06 4.83 -8.87
CA PHE A 17 3.07 3.95 -8.27
C PHE A 17 1.73 4.67 -8.10
N LEU A 18 1.74 5.75 -7.34
CA LEU A 18 0.53 6.52 -7.10
C LEU A 18 -0.28 6.69 -8.39
N ASP A 19 0.42 6.98 -9.48
CA ASP A 19 -0.24 7.15 -10.78
C ASP A 19 -0.87 5.85 -11.25
N GLN A 20 -0.17 4.74 -11.03
CA GLN A 20 -0.67 3.43 -11.44
C GLN A 20 -1.92 3.07 -10.65
N ILE A 21 -1.84 3.16 -9.34
CA ILE A 21 -2.98 2.84 -8.47
C ILE A 21 -4.17 3.75 -8.76
N ALA A 22 -3.88 5.02 -9.05
CA ALA A 22 -4.92 5.99 -9.34
C ALA A 22 -5.62 5.66 -10.65
N LYS A 23 -4.85 5.21 -11.64
CA LYS A 23 -5.40 4.85 -12.95
C LYS A 23 -6.55 3.86 -12.80
N TYR A 24 -6.41 2.95 -11.84
CA TYR A 24 -7.44 1.95 -11.60
C TYR A 24 -8.75 2.60 -11.13
N TRP A 25 -8.61 3.64 -10.31
CA TRP A 25 -9.78 4.35 -9.79
C TRP A 25 -10.33 5.33 -10.82
N GLU A 26 -9.49 6.28 -11.24
CA GLU A 26 -9.91 7.26 -12.23
C GLU A 26 -10.78 6.64 -13.31
N LEU A 27 -10.41 5.43 -13.72
CA LEU A 27 -11.17 4.72 -14.75
C LEU A 27 -12.61 4.51 -14.31
N GLN A 28 -12.79 3.92 -13.14
CA GLN A 28 -14.12 3.67 -12.61
C GLN A 28 -14.89 4.96 -12.42
N GLY A 29 -14.19 6.02 -12.04
CA GLY A 29 -14.83 7.31 -11.83
C GLY A 29 -14.81 7.72 -10.37
N SER A 30 -13.70 7.48 -9.69
CA SER A 30 -13.57 7.83 -8.28
C SER A 30 -12.21 8.47 -8.01
N THR A 31 -12.23 9.68 -7.47
CA THR A 31 -10.99 10.39 -7.16
C THR A 31 -10.27 9.75 -5.98
N LEU A 32 -8.98 9.47 -6.16
CA LEU A 32 -8.17 8.86 -5.11
C LEU A 32 -7.64 9.92 -4.15
N LYS A 33 -7.92 9.72 -2.87
CA LYS A 33 -7.46 10.65 -1.84
C LYS A 33 -6.59 9.94 -0.80
N ILE A 34 -5.40 10.46 -0.59
CA ILE A 34 -4.47 9.87 0.38
C ILE A 34 -4.94 10.12 1.81
N PRO A 35 -4.95 9.05 2.62
CA PRO A 35 -5.38 9.11 4.02
C PRO A 35 -4.39 9.88 4.88
N HIS A 36 -4.87 10.37 6.03
CA HIS A 36 -4.02 11.13 6.95
C HIS A 36 -3.87 10.39 8.27
N VAL A 37 -2.63 10.18 8.69
CA VAL A 37 -2.34 9.49 9.94
C VAL A 37 -1.66 10.42 10.94
N GLU A 38 -2.37 10.74 12.01
CA GLU A 38 -1.83 11.63 13.04
C GLU A 38 -1.43 12.97 12.46
N ARG A 39 -2.34 13.57 11.70
CA ARG A 39 -2.07 14.87 11.07
C ARG A 39 -0.80 14.82 10.24
N LYS A 40 -0.56 13.68 9.60
CA LYS A 40 0.63 13.50 8.77
C LYS A 40 0.33 12.62 7.57
N ILE A 41 0.60 13.13 6.37
CA ILE A 41 0.38 12.37 5.14
C ILE A 41 1.00 10.99 5.22
N LEU A 42 0.21 9.97 4.94
CA LEU A 42 0.69 8.59 4.97
C LEU A 42 1.15 8.14 3.58
N ASP A 43 2.44 7.88 3.45
CA ASP A 43 3.01 7.44 2.17
C ASP A 43 2.80 5.94 1.98
N LEU A 44 1.82 5.59 1.15
CA LEU A 44 1.53 4.19 0.88
C LEU A 44 2.72 3.49 0.21
N PHE A 45 3.21 4.09 -0.86
CA PHE A 45 4.36 3.54 -1.58
C PHE A 45 5.43 3.05 -0.62
N GLN A 46 5.85 3.93 0.28
CA GLN A 46 6.87 3.59 1.27
C GLN A 46 6.34 2.61 2.29
N LEU A 47 5.30 3.02 3.02
CA LEU A 47 4.69 2.18 4.04
C LEU A 47 4.71 0.71 3.61
N ASN A 48 3.91 0.37 2.61
CA ASN A 48 3.84 -1.00 2.11
C ASN A 48 5.25 -1.56 1.88
N LYS A 49 6.08 -0.78 1.21
CA LYS A 49 7.45 -1.20 0.93
C LYS A 49 8.12 -1.76 2.18
N LEU A 50 8.12 -0.98 3.25
CA LEU A 50 8.72 -1.39 4.51
C LEU A 50 8.12 -2.71 4.99
N VAL A 51 6.81 -2.85 4.84
CA VAL A 51 6.11 -4.06 5.26
C VAL A 51 6.74 -5.30 4.64
N ALA A 52 7.00 -5.23 3.34
CA ALA A 52 7.61 -6.36 2.62
C ALA A 52 9.04 -6.58 3.09
N GLU A 53 9.74 -5.50 3.41
CA GLU A 53 11.12 -5.59 3.87
C GLU A 53 11.20 -6.28 5.23
N GLU A 54 10.23 -5.99 6.09
CA GLU A 54 10.19 -6.57 7.42
C GLU A 54 9.73 -8.03 7.36
N GLY A 55 9.04 -8.38 6.28
CA GLY A 55 8.58 -9.74 6.13
C GLY A 55 7.44 -9.84 5.12
N GLY A 56 6.36 -9.12 5.38
CA GLY A 56 5.20 -9.15 4.50
C GLY A 56 3.91 -8.85 5.22
N PHE A 57 2.84 -8.65 4.44
CA PHE A 57 1.54 -8.35 5.02
C PHE A 57 1.06 -9.49 5.90
N ALA A 58 1.31 -10.72 5.46
CA ALA A 58 0.90 -11.90 6.22
C ALA A 58 1.77 -12.09 7.46
N VAL A 59 3.06 -12.37 7.25
CA VAL A 59 3.99 -12.57 8.35
C VAL A 59 3.86 -11.45 9.39
N VAL A 60 3.75 -10.21 8.90
CA VAL A 60 3.62 -9.05 9.78
C VAL A 60 2.32 -9.10 10.57
N CYS A 61 1.21 -8.90 9.87
CA CYS A 61 -0.11 -8.91 10.50
C CYS A 61 -0.24 -10.09 11.46
N LYS A 62 0.11 -11.29 10.97
CA LYS A 62 0.04 -12.49 11.78
C LYS A 62 0.70 -12.29 13.13
N ASP A 63 1.97 -11.88 13.11
CA ASP A 63 2.71 -11.63 14.33
C ASP A 63 2.47 -10.23 14.86
N ARG A 64 1.43 -9.57 14.33
CA ARG A 64 1.08 -8.22 14.75
C ARG A 64 2.34 -7.35 14.87
N LYS A 65 3.13 -7.31 13.79
CA LYS A 65 4.35 -6.51 13.78
C LYS A 65 4.12 -5.17 13.11
N TRP A 66 2.98 -4.55 13.39
CA TRP A 66 2.65 -3.26 12.81
C TRP A 66 3.36 -2.13 13.55
N THR A 67 3.42 -2.23 14.87
CA THR A 67 4.08 -1.23 15.70
C THR A 67 5.43 -0.84 15.12
N LYS A 68 6.30 -1.84 14.94
CA LYS A 68 7.63 -1.61 14.39
C LYS A 68 7.57 -0.68 13.18
N ILE A 69 6.74 -1.04 12.21
CA ILE A 69 6.58 -0.24 11.00
C ILE A 69 6.00 1.14 11.32
N ALA A 70 4.78 1.14 11.84
CA ALA A 70 4.13 2.40 12.20
C ALA A 70 5.11 3.40 12.79
N THR A 71 5.90 2.94 13.75
CA THR A 71 6.89 3.79 14.40
C THR A 71 7.95 4.26 13.41
N LYS A 72 8.48 3.33 12.63
CA LYS A 72 9.50 3.63 11.63
C LYS A 72 9.09 4.84 10.80
N MET A 73 7.81 4.89 10.42
CA MET A 73 7.28 5.98 9.61
C MET A 73 7.29 7.29 10.40
N GLY A 74 7.17 7.18 11.73
CA GLY A 74 7.17 8.35 12.58
C GLY A 74 5.91 8.45 13.42
N PHE A 75 5.00 7.51 13.23
CA PHE A 75 3.74 7.50 13.98
C PHE A 75 3.95 6.91 15.37
N ALA A 76 3.48 7.62 16.39
CA ALA A 76 3.61 7.18 17.78
C ALA A 76 3.26 5.70 17.91
N PRO A 77 3.99 5.00 18.78
CA PRO A 77 3.79 3.57 19.03
C PRO A 77 2.47 3.29 19.75
N GLY A 78 1.43 2.99 18.98
CA GLY A 78 0.13 2.72 19.57
C GLY A 78 -0.70 1.78 18.71
N LYS A 79 -1.36 0.82 19.35
CA LYS A 79 -2.20 -0.13 18.64
C LYS A 79 -3.07 0.56 17.61
N ALA A 80 -3.36 1.84 17.86
CA ALA A 80 -4.18 2.62 16.94
C ALA A 80 -3.57 2.67 15.55
N VAL A 81 -2.35 3.19 15.46
CA VAL A 81 -1.65 3.30 14.19
C VAL A 81 -1.29 1.91 13.65
N GLY A 82 -0.94 1.01 14.55
CA GLY A 82 -0.58 -0.34 14.14
C GLY A 82 -1.66 -1.01 13.32
N SER A 83 -2.91 -0.89 13.77
CA SER A 83 -4.04 -1.48 13.07
C SER A 83 -4.44 -0.65 11.86
N HIS A 84 -4.26 0.67 11.98
CA HIS A 84 -4.61 1.59 10.89
C HIS A 84 -3.93 1.16 9.59
N ILE A 85 -2.63 0.92 9.65
CA ILE A 85 -1.87 0.51 8.48
C ILE A 85 -2.66 -0.49 7.65
N ARG A 86 -2.98 -1.63 8.24
CA ARG A 86 -3.73 -2.68 7.55
C ARG A 86 -5.04 -2.12 6.99
N GLY A 87 -5.84 -1.51 7.85
CA GLY A 87 -7.10 -0.95 7.42
C GLY A 87 -6.96 -0.09 6.17
N HIS A 88 -5.96 0.77 6.16
CA HIS A 88 -5.73 1.65 5.02
C HIS A 88 -5.67 0.84 3.72
N TYR A 89 -4.98 -0.29 3.77
CA TYR A 89 -4.84 -1.15 2.60
C TYR A 89 -6.18 -1.77 2.23
N GLU A 90 -6.94 -2.19 3.23
CA GLU A 90 -8.24 -2.81 3.01
C GLU A 90 -9.30 -1.76 2.70
N ARG A 91 -8.92 -0.49 2.87
CA ARG A 91 -9.84 0.61 2.61
C ARG A 91 -9.51 1.30 1.29
N ILE A 92 -8.24 1.24 0.90
CA ILE A 92 -7.79 1.85 -0.34
C ILE A 92 -7.19 0.81 -1.28
N LEU A 93 -6.24 0.04 -0.77
CA LEU A 93 -5.58 -1.00 -1.55
C LEU A 93 -6.34 -2.32 -1.46
N ASN A 94 -7.64 -2.23 -1.25
CA ASN A 94 -8.48 -3.42 -1.14
C ASN A 94 -8.65 -4.09 -2.50
N PRO A 95 -9.22 -3.35 -3.46
CA PRO A 95 -9.44 -3.85 -4.82
C PRO A 95 -8.15 -4.04 -5.60
N TYR A 96 -7.30 -3.02 -5.57
CA TYR A 96 -6.02 -3.08 -6.27
C TYR A 96 -5.38 -4.46 -6.15
N ASN A 97 -5.37 -5.00 -4.94
CA ASN A 97 -4.80 -6.31 -4.69
C ASN A 97 -5.62 -7.40 -5.39
N LEU A 98 -6.92 -7.39 -5.14
CA LEU A 98 -7.81 -8.37 -5.74
C LEU A 98 -7.52 -8.55 -7.22
N PHE A 99 -7.18 -7.45 -7.89
CA PHE A 99 -6.87 -7.48 -9.31
C PHE A 99 -5.52 -8.15 -9.56
N LEU A 100 -4.49 -7.62 -8.91
CA LEU A 100 -3.15 -8.16 -9.06
C LEU A 100 -3.14 -9.68 -8.92
N SER A 101 -3.84 -10.18 -7.90
CA SER A 101 -3.92 -11.62 -7.66
C SER A 101 -4.54 -12.33 -8.87
N GLY A 102 -5.64 -11.79 -9.36
CA GLY A 102 -6.31 -12.39 -10.50
C GLY A 102 -5.42 -12.48 -11.72
N ASP A 103 -4.73 -13.62 -11.86
CA ASP A 103 -3.83 -13.82 -13.00
C ASP A 103 -3.84 -15.28 -13.43
N SER A 104 -4.24 -15.53 -14.67
CA SER A 104 -4.30 -16.88 -15.21
C SER A 104 -2.96 -17.28 -15.84
N LEU A 105 -2.23 -16.28 -16.32
CA LEU A 105 -0.94 -16.52 -16.95
C LEU A 105 0.15 -16.69 -15.90
N ARG A 106 0.07 -15.90 -14.84
CA ARG A 106 1.05 -15.97 -13.76
C ARG A 106 1.03 -17.33 -13.08
N CYS A 107 2.21 -17.90 -12.86
CA CYS A 107 2.32 -19.20 -12.21
C CYS A 107 3.09 -19.11 -10.90
N LEU A 108 2.74 -19.97 -9.95
CA LEU A 108 3.39 -19.98 -8.65
C LEU A 108 4.90 -20.14 -8.80
N GLN A 109 5.65 -19.20 -8.21
CA GLN A 109 7.10 -19.24 -8.29
C GLN A 109 7.71 -18.96 -6.91
N LYS A 110 8.75 -19.72 -6.56
CA LYS A 110 9.43 -19.55 -5.28
C LYS A 110 10.93 -19.77 -5.43
N PRO A 111 11.72 -18.90 -4.76
CA PRO A 111 13.18 -18.97 -4.81
C PRO A 111 13.72 -20.19 -4.06
N ASN A 112 14.95 -20.58 -4.37
CA ASN A 112 15.59 -21.72 -3.74
C ASN A 112 17.00 -21.38 -3.29
N LEU A 113 17.20 -21.22 -1.99
CA LEU A 113 18.51 -20.89 -1.44
C LEU A 113 19.32 -22.17 -1.16
N THR A 114 20.62 -22.00 -0.93
CA THR A 114 21.49 -23.13 -0.65
C THR A 114 22.34 -22.87 0.59
N SER A 115 21.98 -23.49 1.70
CA SER A 115 22.70 -23.33 2.95
C SER A 115 24.12 -23.87 2.83
N ASP A 116 25.10 -22.96 2.77
CA ASP A 116 26.50 -23.35 2.65
C ASP A 116 26.89 -24.31 3.77
N THR A 117 27.08 -25.58 3.41
CA THR A 117 27.46 -26.60 4.38
C THR A 117 28.68 -26.17 5.18
N LYS A 118 28.94 -26.87 6.27
CA LYS A 118 30.09 -26.57 7.13
C LYS A 118 31.39 -27.01 6.47
N ASP A 119 32.05 -26.06 5.82
CA ASP A 119 33.32 -26.34 5.14
C ASP A 119 34.50 -26.16 6.10
N LYS A 120 35.68 -26.58 5.67
CA LYS A 120 36.88 -26.46 6.48
C LYS A 120 37.31 -25.01 6.61
N GLU A 121 37.73 -24.63 7.82
CA GLU A 121 38.17 -23.26 8.06
C GLU A 121 39.06 -22.75 6.94
N TYR A 122 40.00 -23.59 6.52
CA TYR A 122 40.92 -23.22 5.44
C TYR A 122 40.17 -22.97 4.14
N GLY A 1 35.54 21.27 -18.69
CA GLY A 1 35.44 20.19 -17.73
C GLY A 1 34.06 19.59 -17.67
N SER A 2 33.90 18.53 -16.89
CA SER A 2 32.62 17.85 -16.77
C SER A 2 31.75 18.52 -15.70
N SER A 3 30.44 18.42 -15.85
CA SER A 3 29.50 19.01 -14.90
C SER A 3 29.26 18.07 -13.72
N GLY A 4 29.05 16.80 -14.02
CA GLY A 4 28.81 15.82 -12.98
C GLY A 4 27.35 15.70 -12.62
N SER A 5 26.89 14.47 -12.41
CA SER A 5 25.49 14.22 -12.07
C SER A 5 25.03 15.16 -10.96
N SER A 6 23.82 15.69 -11.11
CA SER A 6 23.27 16.61 -10.12
C SER A 6 22.28 15.89 -9.20
N GLY A 7 22.80 15.30 -8.13
CA GLY A 7 21.96 14.58 -7.19
C GLY A 7 21.10 13.53 -7.86
N GLU A 8 20.17 12.96 -7.11
CA GLU A 8 19.27 11.94 -7.64
C GLU A 8 17.82 12.30 -7.40
N ALA A 9 16.91 11.62 -8.09
CA ALA A 9 15.48 11.87 -7.94
C ALA A 9 14.77 10.69 -7.31
N GLN A 10 13.99 10.96 -6.27
CA GLN A 10 13.26 9.89 -5.57
C GLN A 10 11.76 10.03 -5.81
N THR A 11 11.25 11.25 -5.71
CA THR A 11 9.83 11.51 -5.91
C THR A 11 9.31 10.79 -7.15
N ARG A 12 10.22 10.44 -8.05
CA ARG A 12 9.86 9.74 -9.28
C ARG A 12 9.35 8.33 -8.98
N VAL A 13 10.08 7.63 -8.11
CA VAL A 13 9.70 6.27 -7.74
C VAL A 13 8.39 6.24 -6.98
N LYS A 14 8.06 7.37 -6.34
CA LYS A 14 6.82 7.48 -5.57
C LYS A 14 5.65 7.79 -6.48
N LEU A 15 5.86 8.67 -7.46
CA LEU A 15 4.82 9.05 -8.40
C LEU A 15 4.42 7.87 -9.28
N ASN A 16 5.42 7.14 -9.76
CA ASN A 16 5.18 5.98 -10.61
C ASN A 16 4.05 5.12 -10.05
N PHE A 17 4.24 4.62 -8.84
CA PHE A 17 3.24 3.78 -8.19
C PHE A 17 1.93 4.55 -7.99
N LEU A 18 2.00 5.60 -7.18
CA LEU A 18 0.82 6.43 -6.90
C LEU A 18 -0.03 6.59 -8.15
N ASP A 19 0.62 6.62 -9.31
CA ASP A 19 -0.08 6.77 -10.57
C ASP A 19 -0.73 5.46 -11.00
N GLN A 20 0.02 4.38 -10.90
CA GLN A 20 -0.49 3.06 -11.28
C GLN A 20 -1.64 2.64 -10.37
N ILE A 21 -1.68 3.22 -9.16
CA ILE A 21 -2.73 2.91 -8.21
C ILE A 21 -3.90 3.86 -8.34
N ALA A 22 -3.59 5.13 -8.63
CA ALA A 22 -4.63 6.15 -8.79
C ALA A 22 -5.36 5.99 -10.11
N LYS A 23 -4.62 5.59 -11.15
CA LYS A 23 -5.21 5.39 -12.47
C LYS A 23 -6.35 4.38 -12.43
N TYR A 24 -6.12 3.29 -11.71
CA TYR A 24 -7.14 2.24 -11.58
C TYR A 24 -8.45 2.82 -11.06
N TRP A 25 -8.35 3.89 -10.29
CA TRP A 25 -9.54 4.53 -9.73
C TRP A 25 -10.20 5.44 -10.75
N GLU A 26 -9.40 6.29 -11.39
CA GLU A 26 -9.91 7.21 -12.41
C GLU A 26 -10.82 6.49 -13.39
N LEU A 27 -10.28 5.46 -14.04
CA LEU A 27 -11.04 4.68 -15.01
C LEU A 27 -12.42 4.31 -14.46
N GLN A 28 -12.46 4.03 -13.16
CA GLN A 28 -13.72 3.66 -12.51
C GLN A 28 -14.62 4.87 -12.34
N GLY A 29 -14.01 6.03 -12.14
CA GLY A 29 -14.78 7.25 -11.96
C GLY A 29 -14.84 7.69 -10.51
N SER A 30 -13.77 7.45 -9.77
CA SER A 30 -13.71 7.82 -8.36
C SER A 30 -12.34 8.39 -8.00
N THR A 31 -12.34 9.61 -7.47
CA THR A 31 -11.10 10.28 -7.09
C THR A 31 -10.47 9.60 -5.88
N LEU A 32 -9.14 9.64 -5.82
CA LEU A 32 -8.40 9.01 -4.72
C LEU A 32 -7.86 10.08 -3.77
N LYS A 33 -7.87 9.76 -2.47
CA LYS A 33 -7.38 10.68 -1.45
C LYS A 33 -6.94 9.92 -0.20
N ILE A 34 -5.67 10.08 0.16
CA ILE A 34 -5.13 9.41 1.34
C ILE A 34 -5.41 10.21 2.60
N PRO A 35 -5.91 9.52 3.64
CA PRO A 35 -6.24 10.15 4.92
C PRO A 35 -4.99 10.58 5.69
N HIS A 36 -5.15 11.59 6.54
CA HIS A 36 -4.03 12.09 7.33
C HIS A 36 -3.88 11.30 8.63
N VAL A 37 -2.82 10.51 8.71
CA VAL A 37 -2.57 9.69 9.89
C VAL A 37 -1.58 10.39 10.83
N GLU A 38 -2.01 10.58 12.08
CA GLU A 38 -1.17 11.24 13.07
C GLU A 38 -0.58 12.54 12.53
N ARG A 39 -1.45 13.41 12.04
CA ARG A 39 -1.03 14.69 11.49
C ARG A 39 0.02 14.49 10.39
N LYS A 40 -0.04 13.34 9.73
CA LYS A 40 0.89 13.02 8.66
C LYS A 40 0.28 12.02 7.68
N ILE A 41 0.24 12.40 6.40
CA ILE A 41 -0.31 11.53 5.37
C ILE A 41 0.47 10.23 5.27
N LEU A 42 -0.25 9.11 5.34
CA LEU A 42 0.38 7.79 5.26
C LEU A 42 0.61 7.39 3.81
N ASP A 43 1.88 7.41 3.40
CA ASP A 43 2.25 7.05 2.03
C ASP A 43 2.18 5.54 1.84
N LEU A 44 1.30 5.10 0.95
CA LEU A 44 1.13 3.68 0.66
C LEU A 44 2.40 3.10 0.02
N PHE A 45 2.90 3.78 -1.01
CA PHE A 45 4.10 3.34 -1.70
C PHE A 45 5.17 2.88 -0.71
N GLN A 46 5.54 3.78 0.20
CA GLN A 46 6.55 3.46 1.21
C GLN A 46 5.99 2.52 2.26
N LEU A 47 4.81 2.84 2.78
CA LEU A 47 4.17 2.01 3.80
C LEU A 47 4.26 0.54 3.44
N ASN A 48 3.49 0.13 2.43
CA ASN A 48 3.49 -1.27 1.99
C ASN A 48 4.91 -1.78 1.81
N LYS A 49 5.62 -1.23 0.83
CA LYS A 49 7.00 -1.64 0.56
C LYS A 49 7.73 -1.98 1.86
N LEU A 50 7.73 -1.02 2.79
CA LEU A 50 8.41 -1.21 4.07
C LEU A 50 7.93 -2.50 4.74
N VAL A 51 6.63 -2.76 4.68
CA VAL A 51 6.06 -3.96 5.27
C VAL A 51 6.70 -5.22 4.70
N ALA A 52 6.79 -5.28 3.38
CA ALA A 52 7.38 -6.43 2.70
C ALA A 52 8.85 -6.58 3.08
N GLU A 53 9.49 -5.46 3.40
CA GLU A 53 10.91 -5.47 3.76
C GLU A 53 11.10 -6.06 5.17
N GLU A 54 10.14 -5.78 6.05
CA GLU A 54 10.20 -6.28 7.42
C GLU A 54 9.80 -7.75 7.48
N GLY A 55 9.16 -8.23 6.43
CA GLY A 55 8.73 -9.62 6.38
C GLY A 55 7.63 -9.85 5.37
N GLY A 56 6.52 -9.13 5.53
CA GLY A 56 5.40 -9.29 4.62
C GLY A 56 4.07 -9.01 5.29
N PHE A 57 2.99 -9.03 4.50
CA PHE A 57 1.65 -8.77 5.02
C PHE A 57 1.20 -9.91 5.94
N ALA A 58 1.64 -11.12 5.63
CA ALA A 58 1.28 -12.29 6.43
C ALA A 58 2.09 -12.34 7.73
N VAL A 59 3.40 -12.52 7.59
CA VAL A 59 4.28 -12.58 8.75
C VAL A 59 4.02 -11.43 9.71
N VAL A 60 3.82 -10.25 9.16
CA VAL A 60 3.55 -9.06 9.97
C VAL A 60 2.17 -9.13 10.60
N CYS A 61 1.14 -9.06 9.76
CA CYS A 61 -0.24 -9.10 10.24
C CYS A 61 -0.42 -10.22 11.26
N LYS A 62 0.31 -11.32 11.06
CA LYS A 62 0.22 -12.46 11.95
C LYS A 62 1.00 -12.20 13.25
N ASP A 63 2.24 -11.74 13.10
CA ASP A 63 3.08 -11.44 14.25
C ASP A 63 2.88 -10.00 14.72
N ARG A 64 1.74 -9.41 14.35
CA ARG A 64 1.44 -8.03 14.72
C ARG A 64 2.70 -7.18 14.73
N LYS A 65 3.44 -7.21 13.62
CA LYS A 65 4.67 -6.44 13.50
C LYS A 65 4.38 -5.06 12.94
N TRP A 66 3.13 -4.65 12.99
CA TRP A 66 2.72 -3.34 12.49
C TRP A 66 3.38 -2.22 13.28
N THR A 67 3.37 -2.35 14.60
CA THR A 67 3.96 -1.35 15.48
C THR A 67 5.29 -0.86 14.93
N LYS A 68 6.22 -1.80 14.75
CA LYS A 68 7.54 -1.47 14.23
C LYS A 68 7.44 -0.58 13.00
N ILE A 69 6.75 -1.07 11.98
CA ILE A 69 6.57 -0.31 10.74
C ILE A 69 6.06 1.10 11.03
N ALA A 70 4.83 1.19 11.53
CA ALA A 70 4.23 2.47 11.85
C ALA A 70 5.25 3.41 12.47
N THR A 71 5.92 2.96 13.52
CA THR A 71 6.92 3.77 14.22
C THR A 71 7.99 4.25 13.24
N LYS A 72 8.48 3.35 12.40
CA LYS A 72 9.51 3.69 11.42
C LYS A 72 9.00 4.76 10.46
N MET A 73 7.69 4.81 10.27
CA MET A 73 7.08 5.78 9.38
C MET A 73 7.00 7.15 10.05
N GLY A 74 7.51 7.24 11.28
CA GLY A 74 7.47 8.49 12.00
C GLY A 74 6.30 8.57 12.98
N PHE A 75 5.43 7.57 12.93
CA PHE A 75 4.27 7.53 13.80
C PHE A 75 4.66 7.07 15.20
N ALA A 76 3.74 7.26 16.16
CA ALA A 76 4.00 6.87 17.53
C ALA A 76 3.73 5.39 17.75
N PRO A 77 4.53 4.76 18.62
CA PRO A 77 4.41 3.32 18.93
C PRO A 77 3.13 3.01 19.71
N GLY A 78 2.03 2.82 18.99
CA GLY A 78 0.77 2.52 19.63
C GLY A 78 -0.02 1.44 18.89
N LYS A 79 -1.22 1.16 19.37
CA LYS A 79 -2.07 0.16 18.76
C LYS A 79 -2.99 0.78 17.71
N ALA A 80 -3.26 2.08 17.88
CA ALA A 80 -4.13 2.80 16.95
C ALA A 80 -3.53 2.82 15.55
N VAL A 81 -2.32 3.37 15.44
CA VAL A 81 -1.64 3.45 14.15
C VAL A 81 -1.34 2.07 13.60
N GLY A 82 -0.97 1.15 14.48
CA GLY A 82 -0.66 -0.20 14.06
C GLY A 82 -1.79 -0.85 13.28
N SER A 83 -3.02 -0.62 13.75
CA SER A 83 -4.19 -1.18 13.09
C SER A 83 -4.57 -0.37 11.86
N HIS A 84 -4.27 0.93 11.90
CA HIS A 84 -4.58 1.82 10.79
C HIS A 84 -3.91 1.34 9.50
N ILE A 85 -2.63 1.01 9.59
CA ILE A 85 -1.88 0.54 8.44
C ILE A 85 -2.67 -0.49 7.65
N ARG A 86 -3.10 -1.55 8.34
CA ARG A 86 -3.87 -2.62 7.70
C ARG A 86 -5.16 -2.06 7.11
N GLY A 87 -6.02 -1.54 7.96
CA GLY A 87 -7.29 -1.00 7.50
C GLY A 87 -7.13 -0.18 6.22
N HIS A 88 -6.15 0.71 6.22
CA HIS A 88 -5.89 1.56 5.06
C HIS A 88 -5.80 0.72 3.79
N TYR A 89 -5.10 -0.40 3.87
CA TYR A 89 -4.92 -1.30 2.73
C TYR A 89 -6.25 -1.93 2.33
N GLU A 90 -7.12 -2.14 3.32
CA GLU A 90 -8.42 -2.74 3.07
C GLU A 90 -9.44 -1.68 2.63
N ARG A 91 -9.04 -0.42 2.74
CA ARG A 91 -9.91 0.69 2.37
C ARG A 91 -9.53 1.24 0.99
N ILE A 92 -8.25 1.17 0.67
CA ILE A 92 -7.75 1.67 -0.61
C ILE A 92 -7.09 0.55 -1.41
N LEU A 93 -6.15 -0.16 -0.78
CA LEU A 93 -5.46 -1.26 -1.43
C LEU A 93 -6.27 -2.54 -1.36
N ASN A 94 -7.57 -2.40 -1.15
CA ASN A 94 -8.47 -3.55 -1.06
C ASN A 94 -8.68 -4.18 -2.44
N PRO A 95 -9.22 -3.39 -3.37
CA PRO A 95 -9.48 -3.83 -4.74
C PRO A 95 -8.20 -4.05 -5.53
N TYR A 96 -7.32 -3.05 -5.53
CA TYR A 96 -6.06 -3.14 -6.25
C TYR A 96 -5.45 -4.53 -6.11
N ASN A 97 -5.34 -5.01 -4.88
CA ASN A 97 -4.77 -6.32 -4.61
C ASN A 97 -5.65 -7.42 -5.21
N LEU A 98 -6.96 -7.26 -5.07
CA LEU A 98 -7.91 -8.24 -5.59
C LEU A 98 -7.70 -8.45 -7.08
N PHE A 99 -7.52 -7.36 -7.81
CA PHE A 99 -7.31 -7.42 -9.25
C PHE A 99 -5.93 -8.00 -9.58
N LEU A 100 -4.90 -7.33 -9.10
CA LEU A 100 -3.53 -7.77 -9.33
C LEU A 100 -3.42 -9.29 -9.28
N SER A 101 -3.97 -9.88 -8.22
CA SER A 101 -3.95 -11.32 -8.05
C SER A 101 -4.86 -12.01 -9.05
N GLY A 102 -6.06 -11.46 -9.24
CA GLY A 102 -7.00 -12.03 -10.18
C GLY A 102 -7.77 -13.20 -9.59
N ASP A 103 -8.61 -12.91 -8.61
CA ASP A 103 -9.41 -13.94 -7.95
C ASP A 103 -10.82 -13.45 -7.69
N SER A 104 -11.82 -14.22 -8.13
CA SER A 104 -13.22 -13.86 -7.94
C SER A 104 -13.69 -14.22 -6.53
N LEU A 105 -13.48 -15.47 -6.15
CA LEU A 105 -13.88 -15.95 -4.83
C LEU A 105 -13.43 -14.98 -3.74
N ARG A 106 -12.24 -14.41 -3.93
CA ARG A 106 -11.68 -13.47 -2.97
C ARG A 106 -12.73 -12.44 -2.55
N CYS A 107 -13.61 -12.08 -3.48
CA CYS A 107 -14.67 -11.11 -3.20
C CYS A 107 -15.52 -11.55 -2.03
N LEU A 108 -16.19 -10.59 -1.41
CA LEU A 108 -17.05 -10.89 -0.25
C LEU A 108 -18.32 -11.63 -0.69
N GLN A 109 -18.77 -12.54 0.15
CA GLN A 109 -19.97 -13.32 -0.14
C GLN A 109 -21.17 -12.80 0.64
N LYS A 110 -22.35 -13.29 0.29
CA LYS A 110 -23.58 -12.87 0.95
C LYS A 110 -24.39 -14.08 1.42
N PRO A 111 -24.92 -14.00 2.65
CA PRO A 111 -25.71 -15.07 3.24
C PRO A 111 -27.07 -15.23 2.56
N ASN A 112 -27.93 -16.06 3.15
CA ASN A 112 -29.27 -16.30 2.59
C ASN A 112 -30.34 -15.81 3.56
N LEU A 113 -31.60 -15.97 3.15
CA LEU A 113 -32.73 -15.54 3.98
C LEU A 113 -33.95 -16.41 3.70
N THR A 114 -34.88 -16.42 4.66
CA THR A 114 -36.10 -17.21 4.53
C THR A 114 -37.27 -16.54 5.23
N SER A 115 -38.47 -17.04 4.99
CA SER A 115 -39.68 -16.49 5.61
C SER A 115 -39.73 -16.83 7.09
N ASP A 116 -40.39 -15.98 7.87
CA ASP A 116 -40.52 -16.19 9.30
C ASP A 116 -41.58 -17.24 9.61
N THR A 117 -41.14 -18.37 10.17
CA THR A 117 -42.06 -19.45 10.51
C THR A 117 -41.76 -20.01 11.89
N LYS A 118 -42.67 -20.82 12.42
CA LYS A 118 -42.50 -21.43 13.73
C LYS A 118 -41.07 -21.93 13.92
N ASP A 119 -40.41 -21.44 14.96
CA ASP A 119 -39.04 -21.85 15.24
C ASP A 119 -38.96 -22.55 16.60
N LYS A 120 -37.76 -22.97 16.97
CA LYS A 120 -37.54 -23.66 18.24
C LYS A 120 -38.16 -22.88 19.39
N GLU A 121 -39.06 -23.52 20.12
CA GLU A 121 -39.72 -22.89 21.25
C GLU A 121 -38.71 -22.38 22.27
N TYR A 122 -39.19 -21.80 23.35
CA TYR A 122 -38.32 -21.28 24.40
C TYR A 122 -37.29 -22.33 24.83
N GLY A 1 11.89 16.95 -16.78
CA GLY A 1 11.46 18.29 -16.42
C GLY A 1 12.09 19.36 -17.28
N SER A 2 11.31 20.34 -17.69
CA SER A 2 11.80 21.43 -18.52
C SER A 2 12.64 22.40 -17.70
N SER A 3 12.13 22.77 -16.53
CA SER A 3 12.83 23.71 -15.66
C SER A 3 13.21 23.03 -14.34
N GLY A 4 14.50 23.02 -14.04
CA GLY A 4 14.97 22.41 -12.81
C GLY A 4 16.11 21.44 -13.04
N SER A 5 15.97 20.23 -12.53
CA SER A 5 17.01 19.20 -12.68
C SER A 5 16.39 17.84 -12.96
N SER A 6 17.24 16.85 -13.18
CA SER A 6 16.78 15.49 -13.46
C SER A 6 17.77 14.46 -12.94
N GLY A 7 17.40 13.19 -13.02
CA GLY A 7 18.27 12.13 -12.56
C GLY A 7 17.52 11.10 -11.72
N GLU A 8 18.23 10.05 -11.31
CA GLU A 8 17.63 9.00 -10.50
C GLU A 8 17.18 9.55 -9.15
N ALA A 9 15.88 9.76 -8.99
CA ALA A 9 15.32 10.28 -7.75
C ALA A 9 14.28 9.33 -7.17
N GLN A 10 13.65 9.74 -6.08
CA GLN A 10 12.64 8.92 -5.42
C GLN A 10 11.24 9.36 -5.84
N THR A 11 11.11 10.62 -6.24
CA THR A 11 9.83 11.16 -6.65
C THR A 11 9.29 10.43 -7.88
N ARG A 12 10.20 10.00 -8.75
CA ARG A 12 9.82 9.29 -9.96
C ARG A 12 9.23 7.92 -9.62
N VAL A 13 10.04 7.07 -9.01
CA VAL A 13 9.59 5.74 -8.63
C VAL A 13 8.33 5.79 -7.79
N LYS A 14 8.22 6.82 -6.95
CA LYS A 14 7.07 6.99 -6.09
C LYS A 14 5.84 7.41 -6.91
N LEU A 15 5.93 8.55 -7.56
CA LEU A 15 4.83 9.06 -8.38
C LEU A 15 4.37 8.01 -9.38
N ASN A 16 5.34 7.30 -9.97
CA ASN A 16 5.02 6.26 -10.95
C ASN A 16 3.99 5.29 -10.39
N PHE A 17 4.27 4.73 -9.23
CA PHE A 17 3.38 3.78 -8.59
C PHE A 17 2.00 4.40 -8.37
N LEU A 18 1.95 5.41 -7.51
CA LEU A 18 0.69 6.09 -7.20
C LEU A 18 -0.09 6.37 -8.48
N ASP A 19 0.61 6.67 -9.56
CA ASP A 19 -0.02 6.95 -10.84
C ASP A 19 -0.78 5.74 -11.36
N GLN A 20 -0.09 4.60 -11.41
CA GLN A 20 -0.71 3.36 -11.89
C GLN A 20 -1.95 3.02 -11.06
N ILE A 21 -1.78 2.98 -9.74
CA ILE A 21 -2.88 2.68 -8.84
C ILE A 21 -3.99 3.72 -8.94
N ALA A 22 -3.60 4.96 -9.20
CA ALA A 22 -4.55 6.06 -9.32
C ALA A 22 -5.52 5.81 -10.48
N LYS A 23 -4.99 5.40 -11.62
CA LYS A 23 -5.81 5.13 -12.79
C LYS A 23 -6.92 4.14 -12.47
N TYR A 24 -6.53 2.95 -12.01
CA TYR A 24 -7.50 1.91 -11.66
C TYR A 24 -8.73 2.52 -10.99
N TRP A 25 -8.54 3.67 -10.36
CA TRP A 25 -9.63 4.36 -9.67
C TRP A 25 -10.33 5.34 -10.61
N GLU A 26 -9.55 6.19 -11.26
CA GLU A 26 -10.11 7.17 -12.19
C GLU A 26 -11.12 6.53 -13.13
N LEU A 27 -11.03 5.21 -13.27
CA LEU A 27 -11.94 4.47 -14.14
C LEU A 27 -13.29 4.25 -13.46
N GLN A 28 -13.24 3.82 -12.21
CA GLN A 28 -14.46 3.57 -11.44
C GLN A 28 -15.17 4.87 -11.12
N GLY A 29 -14.58 5.99 -11.53
CA GLY A 29 -15.19 7.28 -11.28
C GLY A 29 -14.84 7.82 -9.91
N SER A 30 -13.71 7.39 -9.36
CA SER A 30 -13.28 7.82 -8.04
C SER A 30 -11.84 8.32 -8.08
N THR A 31 -11.62 9.52 -7.55
CA THR A 31 -10.29 10.12 -7.53
C THR A 31 -9.53 9.70 -6.27
N LEU A 32 -8.44 8.95 -6.46
CA LEU A 32 -7.63 8.49 -5.35
C LEU A 32 -7.26 9.64 -4.42
N LYS A 33 -7.34 9.39 -3.12
CA LYS A 33 -7.02 10.42 -2.13
C LYS A 33 -6.08 9.85 -1.06
N ILE A 34 -5.06 10.63 -0.71
CA ILE A 34 -4.09 10.22 0.30
C ILE A 34 -4.56 10.60 1.70
N PRO A 35 -4.82 9.58 2.53
CA PRO A 35 -5.28 9.78 3.90
C PRO A 35 -4.19 10.36 4.80
N HIS A 36 -4.57 10.84 5.97
CA HIS A 36 -3.63 11.43 6.92
C HIS A 36 -3.61 10.63 8.22
N VAL A 37 -2.41 10.31 8.69
CA VAL A 37 -2.25 9.55 9.93
C VAL A 37 -1.39 10.32 10.93
N GLU A 38 -1.94 10.52 12.13
CA GLU A 38 -1.22 11.23 13.18
C GLU A 38 -0.87 12.65 12.73
N ARG A 39 -1.79 13.29 12.03
CA ARG A 39 -1.59 14.64 11.53
C ARG A 39 -0.43 14.69 10.54
N LYS A 40 -0.29 13.63 9.76
CA LYS A 40 0.79 13.56 8.78
C LYS A 40 0.32 12.81 7.53
N ILE A 41 1.07 12.97 6.44
CA ILE A 41 0.73 12.31 5.18
C ILE A 41 1.25 10.87 5.16
N LEU A 42 0.35 9.92 5.36
CA LEU A 42 0.70 8.51 5.37
C LEU A 42 1.15 8.06 3.97
N ASP A 43 2.45 8.10 3.73
CA ASP A 43 3.00 7.70 2.45
C ASP A 43 2.72 6.22 2.17
N LEU A 44 1.80 5.96 1.26
CA LEU A 44 1.43 4.59 0.91
C LEU A 44 2.63 3.84 0.35
N PHE A 45 3.36 4.47 -0.56
CA PHE A 45 4.52 3.86 -1.18
C PHE A 45 5.50 3.37 -0.10
N GLN A 46 5.92 4.28 0.76
CA GLN A 46 6.86 3.95 1.83
C GLN A 46 6.23 2.97 2.81
N LEU A 47 4.96 3.19 3.14
CA LEU A 47 4.24 2.33 4.07
C LEU A 47 4.42 0.86 3.69
N ASN A 48 3.75 0.46 2.61
CA ASN A 48 3.83 -0.92 2.14
C ASN A 48 5.28 -1.36 2.00
N LYS A 49 6.15 -0.42 1.66
CA LYS A 49 7.58 -0.72 1.50
C LYS A 49 8.18 -1.22 2.81
N LEU A 50 7.95 -0.46 3.88
CA LEU A 50 8.47 -0.82 5.20
C LEU A 50 7.96 -2.18 5.63
N VAL A 51 6.68 -2.43 5.38
CA VAL A 51 6.06 -3.71 5.74
C VAL A 51 6.82 -4.88 5.12
N ALA A 52 6.97 -4.85 3.80
CA ALA A 52 7.67 -5.91 3.09
C ALA A 52 9.06 -6.13 3.66
N GLU A 53 9.75 -5.03 3.98
CA GLU A 53 11.09 -5.11 4.54
C GLU A 53 11.10 -5.89 5.85
N GLU A 54 10.08 -5.66 6.67
CA GLU A 54 9.96 -6.35 7.96
C GLU A 54 9.55 -7.80 7.76
N GLY A 55 9.03 -8.11 6.58
CA GLY A 55 8.60 -9.46 6.29
C GLY A 55 7.57 -9.51 5.17
N GLY A 56 6.44 -8.84 5.38
CA GLY A 56 5.40 -8.83 4.37
C GLY A 56 4.00 -8.82 4.99
N PHE A 57 3.00 -8.61 4.15
CA PHE A 57 1.61 -8.58 4.62
C PHE A 57 1.24 -9.88 5.32
N ALA A 58 1.77 -10.99 4.81
CA ALA A 58 1.49 -12.30 5.39
C ALA A 58 2.15 -12.44 6.76
N VAL A 59 3.48 -12.43 6.78
CA VAL A 59 4.23 -12.56 8.03
C VAL A 59 3.83 -11.47 9.02
N VAL A 60 3.93 -10.23 8.58
CA VAL A 60 3.58 -9.09 9.43
C VAL A 60 2.20 -9.26 10.04
N CYS A 61 1.19 -9.30 9.18
CA CYS A 61 -0.19 -9.47 9.63
C CYS A 61 -0.33 -10.69 10.53
N LYS A 62 0.35 -11.77 10.15
CA LYS A 62 0.29 -13.01 10.92
C LYS A 62 0.67 -12.77 12.38
N ASP A 63 1.77 -12.06 12.58
CA ASP A 63 2.23 -11.76 13.94
C ASP A 63 1.84 -10.33 14.33
N ARG A 64 0.96 -9.73 13.55
CA ARG A 64 0.50 -8.37 13.81
C ARG A 64 1.69 -7.44 14.07
N LYS A 65 2.71 -7.55 13.24
CA LYS A 65 3.90 -6.72 13.37
C LYS A 65 3.71 -5.37 12.67
N TRP A 66 2.60 -4.71 12.97
CA TRP A 66 2.29 -3.41 12.38
C TRP A 66 2.92 -2.29 13.18
N THR A 67 2.68 -2.28 14.49
CA THR A 67 3.22 -1.25 15.37
C THR A 67 4.64 -0.90 14.98
N LYS A 68 5.57 -1.84 15.16
CA LYS A 68 6.96 -1.62 14.83
C LYS A 68 7.10 -0.79 13.56
N ILE A 69 6.45 -1.25 12.49
CA ILE A 69 6.49 -0.54 11.21
C ILE A 69 5.97 0.88 11.34
N ALA A 70 4.68 1.00 11.66
CA ALA A 70 4.05 2.31 11.82
C ALA A 70 5.00 3.29 12.49
N THR A 71 5.65 2.84 13.57
CA THR A 71 6.58 3.67 14.31
C THR A 71 7.82 3.98 13.48
N LYS A 72 8.36 2.95 12.84
CA LYS A 72 9.56 3.10 12.02
C LYS A 72 9.33 4.14 10.92
N MET A 73 8.09 4.27 10.49
CA MET A 73 7.73 5.23 9.45
C MET A 73 7.84 6.66 9.96
N GLY A 74 7.86 6.80 11.29
CA GLY A 74 7.96 8.12 11.89
C GLY A 74 6.78 8.43 12.80
N PHE A 75 5.87 7.47 12.93
CA PHE A 75 4.68 7.65 13.77
C PHE A 75 4.96 7.20 15.20
N ALA A 76 4.01 7.46 16.08
CA ALA A 76 4.14 7.08 17.49
C ALA A 76 3.70 5.64 17.72
N PRO A 77 4.37 4.96 18.65
CA PRO A 77 4.06 3.57 18.99
C PRO A 77 2.72 3.42 19.70
N GLY A 78 1.66 3.27 18.92
CA GLY A 78 0.32 3.13 19.49
C GLY A 78 -0.56 2.19 18.69
N LYS A 79 -1.19 1.25 19.37
CA LYS A 79 -2.06 0.28 18.73
C LYS A 79 -2.94 0.96 17.67
N ALA A 80 -3.18 2.26 17.86
CA ALA A 80 -4.00 3.02 16.92
C ALA A 80 -3.42 2.97 15.52
N VAL A 81 -2.18 3.43 15.38
CA VAL A 81 -1.51 3.45 14.08
C VAL A 81 -1.28 2.02 13.57
N GLY A 82 -1.05 1.10 14.50
CA GLY A 82 -0.81 -0.28 14.13
C GLY A 82 -1.92 -0.85 13.27
N SER A 83 -3.16 -0.65 13.70
CA SER A 83 -4.31 -1.14 12.96
C SER A 83 -4.60 -0.26 11.74
N HIS A 84 -4.32 1.02 11.88
CA HIS A 84 -4.55 1.97 10.78
C HIS A 84 -3.91 1.48 9.49
N ILE A 85 -2.63 1.12 9.57
CA ILE A 85 -1.90 0.62 8.41
C ILE A 85 -2.76 -0.33 7.59
N ARG A 86 -3.14 -1.45 8.20
CA ARG A 86 -3.95 -2.45 7.53
C ARG A 86 -5.20 -1.81 6.91
N GLY A 87 -5.95 -1.08 7.73
CA GLY A 87 -7.15 -0.42 7.25
C GLY A 87 -6.91 0.36 5.97
N HIS A 88 -5.79 1.09 5.93
CA HIS A 88 -5.45 1.89 4.75
C HIS A 88 -5.30 1.01 3.52
N TYR A 89 -4.76 -0.20 3.71
CA TYR A 89 -4.57 -1.12 2.61
C TYR A 89 -5.86 -1.84 2.25
N GLU A 90 -6.73 -2.01 3.26
CA GLU A 90 -8.01 -2.68 3.05
C GLU A 90 -9.08 -1.67 2.60
N ARG A 91 -8.73 -0.40 2.65
CA ARG A 91 -9.65 0.66 2.25
C ARG A 91 -9.26 1.23 0.89
N ILE A 92 -7.98 1.18 0.58
CA ILE A 92 -7.48 1.69 -0.69
C ILE A 92 -6.81 0.58 -1.50
N LEU A 93 -5.87 -0.10 -0.88
CA LEU A 93 -5.15 -1.19 -1.55
C LEU A 93 -5.92 -2.50 -1.44
N ASN A 94 -7.22 -2.40 -1.21
CA ASN A 94 -8.08 -3.58 -1.08
C ASN A 94 -8.28 -4.23 -2.45
N PRO A 95 -8.85 -3.49 -3.39
CA PRO A 95 -9.11 -3.98 -4.75
C PRO A 95 -7.83 -4.18 -5.54
N TYR A 96 -6.97 -3.16 -5.55
CA TYR A 96 -5.71 -3.22 -6.28
C TYR A 96 -5.01 -4.56 -6.04
N ASN A 97 -4.81 -4.89 -4.77
CA ASN A 97 -4.15 -6.14 -4.40
C ASN A 97 -5.10 -7.32 -4.55
N LEU A 98 -6.37 -7.10 -4.19
CA LEU A 98 -7.38 -8.14 -4.27
C LEU A 98 -7.57 -8.59 -5.72
N PHE A 99 -7.14 -7.77 -6.66
CA PHE A 99 -7.26 -8.08 -8.08
C PHE A 99 -5.96 -8.64 -8.63
N LEU A 100 -4.87 -7.93 -8.37
CA LEU A 100 -3.55 -8.36 -8.83
C LEU A 100 -3.31 -9.83 -8.51
N SER A 101 -3.64 -10.22 -7.28
CA SER A 101 -3.46 -11.60 -6.85
C SER A 101 -4.20 -12.57 -7.77
N GLY A 102 -5.44 -12.23 -8.11
CA GLY A 102 -6.23 -13.07 -8.98
C GLY A 102 -7.65 -12.58 -9.14
N ASP A 103 -8.42 -13.26 -9.97
CA ASP A 103 -9.81 -12.88 -10.22
C ASP A 103 -10.76 -13.71 -9.36
N SER A 104 -10.81 -13.41 -8.08
CA SER A 104 -11.67 -14.13 -7.14
C SER A 104 -12.99 -13.38 -6.93
N LEU A 105 -12.99 -12.10 -7.29
CA LEU A 105 -14.18 -11.28 -7.13
C LEU A 105 -15.16 -11.51 -8.28
N ARG A 106 -14.82 -12.44 -9.17
CA ARG A 106 -15.66 -12.76 -10.31
C ARG A 106 -16.95 -13.45 -9.86
N CYS A 107 -18.01 -12.66 -9.71
CA CYS A 107 -19.30 -13.21 -9.28
C CYS A 107 -19.58 -14.54 -9.95
N LEU A 108 -20.41 -15.36 -9.30
CA LEU A 108 -20.75 -16.67 -9.84
C LEU A 108 -20.92 -16.62 -11.36
N GLN A 109 -20.10 -17.39 -12.07
CA GLN A 109 -20.17 -17.43 -13.52
C GLN A 109 -21.32 -18.30 -13.99
N LYS A 110 -21.70 -18.15 -15.26
CA LYS A 110 -22.80 -18.91 -15.83
C LYS A 110 -22.70 -20.38 -15.42
N PRO A 111 -23.85 -21.08 -15.44
CA PRO A 111 -23.92 -22.50 -15.08
C PRO A 111 -23.24 -23.39 -16.10
N ASN A 112 -21.93 -23.58 -15.95
CA ASN A 112 -21.16 -24.42 -16.86
C ASN A 112 -20.22 -25.33 -16.10
N LEU A 113 -19.61 -26.27 -16.81
CA LEU A 113 -18.67 -27.22 -16.20
C LEU A 113 -17.42 -26.49 -15.69
N THR A 114 -17.57 -25.81 -14.56
CA THR A 114 -16.46 -25.08 -13.97
C THR A 114 -16.42 -25.27 -12.45
N SER A 115 -15.23 -25.12 -11.87
CA SER A 115 -15.05 -25.28 -10.44
C SER A 115 -15.76 -24.16 -9.67
N ASP A 116 -17.08 -24.29 -9.53
CA ASP A 116 -17.87 -23.30 -8.82
C ASP A 116 -18.28 -23.81 -7.46
N THR A 117 -17.60 -23.32 -6.42
CA THR A 117 -17.90 -23.73 -5.05
C THR A 117 -19.27 -23.24 -4.61
N LYS A 118 -19.94 -24.02 -3.77
CA LYS A 118 -21.26 -23.66 -3.28
C LYS A 118 -21.31 -23.74 -1.75
N ASP A 119 -21.24 -22.59 -1.09
CA ASP A 119 -21.28 -22.54 0.37
C ASP A 119 -22.51 -21.78 0.85
N LYS A 120 -23.51 -22.52 1.30
CA LYS A 120 -24.75 -21.91 1.80
C LYS A 120 -24.52 -21.23 3.14
N GLU A 121 -25.40 -20.28 3.48
CA GLU A 121 -25.28 -19.57 4.74
C GLU A 121 -26.10 -20.25 5.83
N TYR A 122 -27.31 -20.66 5.49
CA TYR A 122 -28.20 -21.32 6.43
C TYR A 122 -28.18 -22.83 6.24
N GLY A 1 24.20 31.29 -5.40
CA GLY A 1 24.23 29.86 -5.16
C GLY A 1 22.86 29.30 -4.84
N SER A 2 22.19 28.76 -5.85
CA SER A 2 20.86 28.18 -5.67
C SER A 2 20.92 26.95 -4.76
N SER A 3 19.74 26.49 -4.33
CA SER A 3 19.66 25.32 -3.47
C SER A 3 18.36 24.57 -3.71
N GLY A 4 18.36 23.28 -3.36
CA GLY A 4 17.18 22.46 -3.54
C GLY A 4 16.27 22.48 -2.33
N SER A 5 15.09 23.08 -2.48
CA SER A 5 14.13 23.16 -1.38
C SER A 5 13.77 21.77 -0.86
N SER A 6 13.21 20.95 -1.74
CA SER A 6 12.82 19.59 -1.36
C SER A 6 13.79 18.57 -1.93
N GLY A 7 13.67 17.32 -1.50
CA GLY A 7 14.54 16.27 -1.98
C GLY A 7 13.95 15.52 -3.16
N GLU A 8 14.62 15.60 -4.30
CA GLU A 8 14.17 14.93 -5.52
C GLU A 8 15.04 13.72 -5.83
N ALA A 9 15.40 12.97 -4.79
CA ALA A 9 16.23 11.78 -4.95
C ALA A 9 15.38 10.57 -5.32
N GLN A 10 14.27 10.39 -4.60
CA GLN A 10 13.37 9.26 -4.85
C GLN A 10 11.97 9.75 -5.18
N THR A 11 11.85 10.48 -6.29
CA THR A 11 10.56 11.00 -6.72
C THR A 11 9.87 10.04 -7.69
N ARG A 12 10.44 9.88 -8.87
CA ARG A 12 9.87 9.00 -9.88
C ARG A 12 9.48 7.65 -9.27
N VAL A 13 10.46 6.97 -8.68
CA VAL A 13 10.22 5.67 -8.06
C VAL A 13 8.91 5.68 -7.27
N LYS A 14 8.59 6.82 -6.68
CA LYS A 14 7.37 6.97 -5.90
C LYS A 14 6.17 7.25 -6.80
N LEU A 15 6.26 8.35 -7.55
CA LEU A 15 5.18 8.73 -8.47
C LEU A 15 4.69 7.53 -9.27
N ASN A 16 5.62 6.66 -9.64
CA ASN A 16 5.29 5.47 -10.42
C ASN A 16 4.14 4.71 -9.77
N PHE A 17 4.32 4.32 -8.51
CA PHE A 17 3.30 3.58 -7.78
C PHE A 17 2.00 4.38 -7.71
N LEU A 18 2.08 5.57 -7.13
CA LEU A 18 0.90 6.44 -7.00
C LEU A 18 0.13 6.51 -8.31
N ASP A 19 0.87 6.54 -9.42
CA ASP A 19 0.26 6.61 -10.74
C ASP A 19 -0.50 5.32 -11.06
N GLN A 20 0.21 4.19 -11.02
CA GLN A 20 -0.40 2.90 -11.31
C GLN A 20 -1.70 2.73 -10.52
N ILE A 21 -1.61 2.87 -9.21
CA ILE A 21 -2.78 2.72 -8.35
C ILE A 21 -3.90 3.66 -8.77
N ALA A 22 -3.53 4.89 -9.15
CA ALA A 22 -4.49 5.89 -9.58
C ALA A 22 -5.24 5.42 -10.83
N LYS A 23 -4.49 4.90 -11.81
CA LYS A 23 -5.09 4.42 -13.04
C LYS A 23 -6.25 3.48 -12.76
N TYR A 24 -6.12 2.67 -11.71
CA TYR A 24 -7.16 1.73 -11.34
C TYR A 24 -8.44 2.46 -10.94
N TRP A 25 -8.28 3.59 -10.27
CA TRP A 25 -9.43 4.38 -9.83
C TRP A 25 -9.92 5.30 -10.94
N GLU A 26 -9.03 6.17 -11.42
CA GLU A 26 -9.38 7.09 -12.49
C GLU A 26 -10.28 6.42 -13.52
N LEU A 27 -10.03 5.14 -13.77
CA LEU A 27 -10.82 4.38 -14.74
C LEU A 27 -12.29 4.35 -14.34
N GLN A 28 -12.55 3.96 -13.09
CA GLN A 28 -13.92 3.88 -12.59
C GLN A 28 -14.54 5.28 -12.49
N GLY A 29 -13.71 6.25 -12.13
CA GLY A 29 -14.20 7.62 -12.01
C GLY A 29 -14.19 8.11 -10.56
N SER A 30 -13.14 7.76 -9.83
CA SER A 30 -13.01 8.16 -8.44
C SER A 30 -11.62 8.72 -8.16
N THR A 31 -11.57 9.99 -7.77
CA THR A 31 -10.30 10.65 -7.47
C THR A 31 -9.62 10.00 -6.26
N LEU A 32 -8.35 9.65 -6.41
CA LEU A 32 -7.59 9.04 -5.34
C LEU A 32 -7.10 10.08 -4.34
N LYS A 33 -7.49 9.91 -3.08
CA LYS A 33 -7.09 10.85 -2.03
C LYS A 33 -6.21 10.15 -0.98
N ILE A 34 -5.21 10.86 -0.49
CA ILE A 34 -4.30 10.31 0.50
C ILE A 34 -4.86 10.49 1.92
N PRO A 35 -4.93 9.38 2.68
CA PRO A 35 -5.44 9.40 4.05
C PRO A 35 -4.50 10.12 5.00
N HIS A 36 -4.99 10.40 6.21
CA HIS A 36 -4.20 11.08 7.22
C HIS A 36 -4.19 10.30 8.53
N VAL A 37 -3.00 10.00 9.03
CA VAL A 37 -2.86 9.25 10.28
C VAL A 37 -2.24 10.12 11.37
N GLU A 38 -2.86 10.11 12.55
CA GLU A 38 -2.36 10.90 13.68
C GLU A 38 -2.14 12.34 13.27
N ARG A 39 -3.02 12.86 12.41
CA ARG A 39 -2.92 14.23 11.94
C ARG A 39 -1.65 14.43 11.12
N LYS A 40 -1.48 13.60 10.09
CA LYS A 40 -0.30 13.69 9.23
C LYS A 40 -0.54 12.91 7.94
N ILE A 41 0.31 13.17 6.94
CA ILE A 41 0.20 12.50 5.66
C ILE A 41 0.68 11.05 5.75
N LEU A 42 -0.16 10.13 5.30
CA LEU A 42 0.18 8.71 5.34
C LEU A 42 0.60 8.22 3.96
N ASP A 43 1.91 8.13 3.75
CA ASP A 43 2.45 7.67 2.47
C ASP A 43 2.22 6.17 2.29
N LEU A 44 1.44 5.84 1.26
CA LEU A 44 1.14 4.43 0.98
C LEU A 44 2.35 3.72 0.41
N PHE A 45 2.80 4.15 -0.76
CA PHE A 45 3.96 3.55 -1.40
C PHE A 45 5.02 3.18 -0.38
N GLN A 46 5.54 4.18 0.32
CA GLN A 46 6.57 3.97 1.33
C GLN A 46 6.09 2.98 2.40
N LEU A 47 4.98 3.33 3.05
CA LEU A 47 4.41 2.47 4.09
C LEU A 47 4.48 1.00 3.68
N ASN A 48 3.70 0.64 2.67
CA ASN A 48 3.66 -0.73 2.19
C ASN A 48 5.07 -1.25 1.92
N LYS A 49 5.86 -0.46 1.19
CA LYS A 49 7.23 -0.84 0.86
C LYS A 49 7.95 -1.37 2.10
N LEU A 50 7.95 -0.57 3.16
CA LEU A 50 8.61 -0.96 4.40
C LEU A 50 8.08 -2.29 4.91
N VAL A 51 6.77 -2.46 4.84
CA VAL A 51 6.14 -3.69 5.30
C VAL A 51 6.79 -4.91 4.66
N ALA A 52 6.97 -4.87 3.35
CA ALA A 52 7.59 -5.97 2.62
C ALA A 52 9.04 -6.17 3.06
N GLU A 53 9.73 -5.06 3.30
CA GLU A 53 11.13 -5.12 3.74
C GLU A 53 11.27 -5.90 5.04
N GLU A 54 10.34 -5.68 5.96
CA GLU A 54 10.36 -6.36 7.24
C GLU A 54 9.91 -7.81 7.09
N GLY A 55 9.16 -8.09 6.03
CA GLY A 55 8.68 -9.44 5.80
C GLY A 55 7.52 -9.48 4.81
N GLY A 56 6.45 -8.75 5.14
CA GLY A 56 5.29 -8.72 4.28
C GLY A 56 3.99 -8.60 5.06
N PHE A 57 2.88 -8.51 4.33
CA PHE A 57 1.57 -8.38 4.96
C PHE A 57 1.21 -9.65 5.73
N ALA A 58 1.60 -10.80 5.18
CA ALA A 58 1.32 -12.08 5.80
C ALA A 58 2.15 -12.27 7.06
N VAL A 59 3.47 -12.37 6.88
CA VAL A 59 4.38 -12.57 8.01
C VAL A 59 4.13 -11.53 9.10
N VAL A 60 4.11 -10.25 8.70
CA VAL A 60 3.87 -9.16 9.65
C VAL A 60 2.52 -9.32 10.34
N CYS A 61 1.45 -9.16 9.59
CA CYS A 61 0.10 -9.28 10.14
C CYS A 61 -0.01 -10.51 11.03
N LYS A 62 0.65 -11.58 10.63
CA LYS A 62 0.63 -12.83 11.40
C LYS A 62 1.33 -12.65 12.74
N ASP A 63 2.51 -12.02 12.71
CA ASP A 63 3.28 -11.78 13.92
C ASP A 63 2.96 -10.41 14.52
N ARG A 64 1.77 -9.90 14.20
CA ARG A 64 1.35 -8.60 14.70
C ARG A 64 2.53 -7.64 14.80
N LYS A 65 3.36 -7.61 13.75
CA LYS A 65 4.52 -6.74 13.72
C LYS A 65 4.20 -5.42 13.04
N TRP A 66 3.10 -4.81 13.43
CA TRP A 66 2.67 -3.54 12.86
C TRP A 66 3.35 -2.37 13.56
N THR A 67 3.32 -2.39 14.89
CA THR A 67 3.93 -1.33 15.68
C THR A 67 5.23 -0.84 15.04
N LYS A 68 6.14 -1.78 14.77
CA LYS A 68 7.41 -1.45 14.15
C LYS A 68 7.22 -0.51 12.96
N ILE A 69 6.63 -1.02 11.90
CA ILE A 69 6.38 -0.22 10.71
C ILE A 69 5.81 1.16 11.07
N ALA A 70 4.61 1.16 11.62
CA ALA A 70 3.95 2.41 12.02
C ALA A 70 4.96 3.39 12.60
N THR A 71 5.76 2.93 13.56
CA THR A 71 6.76 3.76 14.20
C THR A 71 7.68 4.40 13.16
N LYS A 72 8.27 3.57 12.31
CA LYS A 72 9.17 4.06 11.26
C LYS A 72 8.56 5.25 10.53
N MET A 73 7.32 5.09 10.10
CA MET A 73 6.62 6.16 9.39
C MET A 73 6.73 7.49 10.14
N GLY A 74 6.86 7.40 11.46
CA GLY A 74 6.97 8.59 12.29
C GLY A 74 5.88 8.67 13.33
N PHE A 75 4.96 7.71 13.32
CA PHE A 75 3.87 7.67 14.27
C PHE A 75 4.32 7.07 15.60
N ALA A 76 3.49 7.22 16.63
CA ALA A 76 3.81 6.69 17.95
C ALA A 76 3.54 5.19 18.02
N PRO A 77 4.40 4.46 18.75
CA PRO A 77 4.28 3.01 18.91
C PRO A 77 3.07 2.62 19.77
N GLY A 78 2.01 2.14 19.11
CA GLY A 78 0.81 1.75 19.84
C GLY A 78 0.00 0.72 19.08
N LYS A 79 -1.28 0.61 19.42
CA LYS A 79 -2.17 -0.33 18.77
C LYS A 79 -3.04 0.37 17.74
N ALA A 80 -3.47 1.59 18.05
CA ALA A 80 -4.31 2.37 17.15
C ALA A 80 -3.68 2.45 15.76
N VAL A 81 -2.48 2.99 15.69
CA VAL A 81 -1.77 3.14 14.42
C VAL A 81 -1.43 1.77 13.83
N GLY A 82 -1.08 0.82 14.69
CA GLY A 82 -0.74 -0.52 14.22
C GLY A 82 -1.86 -1.15 13.41
N SER A 83 -3.08 -1.04 13.91
CA SER A 83 -4.24 -1.61 13.22
C SER A 83 -4.65 -0.75 12.04
N HIS A 84 -4.39 0.55 12.15
CA HIS A 84 -4.73 1.49 11.08
C HIS A 84 -4.07 1.10 9.78
N ILE A 85 -2.75 0.88 9.83
CA ILE A 85 -1.99 0.50 8.64
C ILE A 85 -2.76 -0.49 7.79
N ARG A 86 -3.09 -1.64 8.37
CA ARG A 86 -3.83 -2.67 7.65
C ARG A 86 -5.15 -2.12 7.12
N GLY A 87 -5.95 -1.53 8.01
CA GLY A 87 -7.22 -0.97 7.61
C GLY A 87 -7.11 -0.08 6.38
N HIS A 88 -6.08 0.76 6.36
CA HIS A 88 -5.86 1.67 5.24
C HIS A 88 -5.78 0.90 3.93
N TYR A 89 -5.11 -0.25 3.96
CA TYR A 89 -4.95 -1.09 2.78
C TYR A 89 -6.30 -1.67 2.33
N GLU A 90 -7.11 -2.07 3.31
CA GLU A 90 -8.42 -2.64 3.02
C GLU A 90 -9.45 -1.54 2.75
N ARG A 91 -9.05 -0.30 2.99
CA ARG A 91 -9.94 0.84 2.76
C ARG A 91 -9.67 1.48 1.41
N ILE A 92 -8.40 1.45 0.99
CA ILE A 92 -8.01 2.03 -0.29
C ILE A 92 -7.40 0.98 -1.20
N LEU A 93 -6.41 0.25 -0.68
CA LEU A 93 -5.74 -0.80 -1.45
C LEU A 93 -6.52 -2.10 -1.38
N ASN A 94 -7.83 -2.00 -1.20
CA ASN A 94 -8.68 -3.18 -1.13
C ASN A 94 -8.83 -3.83 -2.50
N PRO A 95 -9.38 -3.07 -3.46
CA PRO A 95 -9.59 -3.56 -4.82
C PRO A 95 -8.28 -3.74 -5.59
N TYR A 96 -7.31 -2.89 -5.29
CA TYR A 96 -6.01 -2.96 -5.94
C TYR A 96 -5.48 -4.39 -5.94
N ASN A 97 -5.28 -4.93 -4.75
CA ASN A 97 -4.77 -6.29 -4.61
C ASN A 97 -5.84 -7.31 -4.99
N LEU A 98 -7.10 -6.99 -4.69
CA LEU A 98 -8.20 -7.88 -5.00
C LEU A 98 -8.20 -8.25 -6.48
N PHE A 99 -8.08 -7.26 -7.34
CA PHE A 99 -8.06 -7.48 -8.78
C PHE A 99 -6.74 -8.09 -9.22
N LEU A 100 -5.64 -7.39 -8.94
CA LEU A 100 -4.32 -7.87 -9.30
C LEU A 100 -4.18 -9.35 -9.04
N SER A 101 -4.67 -9.80 -7.88
CA SER A 101 -4.60 -11.20 -7.51
C SER A 101 -5.35 -12.07 -8.51
N GLY A 102 -6.56 -11.65 -8.87
CA GLY A 102 -7.35 -12.40 -9.82
C GLY A 102 -8.83 -12.06 -9.73
N ASP A 103 -9.40 -11.64 -10.86
CA ASP A 103 -10.82 -11.27 -10.91
C ASP A 103 -11.67 -12.33 -10.19
N SER A 104 -12.58 -11.87 -9.36
CA SER A 104 -13.46 -12.77 -8.62
C SER A 104 -14.03 -13.86 -9.53
N LEU A 105 -14.19 -13.52 -10.80
CA LEU A 105 -14.71 -14.47 -11.77
C LEU A 105 -13.96 -15.80 -11.71
N ARG A 106 -12.63 -15.72 -11.77
CA ARG A 106 -11.81 -16.91 -11.72
C ARG A 106 -12.13 -17.76 -10.48
N CYS A 107 -11.89 -19.06 -10.58
CA CYS A 107 -12.17 -19.96 -9.47
C CYS A 107 -10.86 -20.49 -8.86
N LEU A 108 -10.89 -20.76 -7.57
CA LEU A 108 -9.71 -21.27 -6.87
C LEU A 108 -9.32 -22.64 -7.39
N GLN A 109 -8.07 -22.77 -7.82
CA GLN A 109 -7.56 -24.04 -8.34
C GLN A 109 -6.45 -24.59 -7.45
N LYS A 110 -6.64 -24.49 -6.14
CA LYS A 110 -5.67 -24.98 -5.18
C LYS A 110 -6.35 -25.62 -3.97
N PRO A 111 -5.88 -26.81 -3.59
CA PRO A 111 -6.43 -27.55 -2.45
C PRO A 111 -6.10 -26.89 -1.12
N ASN A 112 -7.14 -26.42 -0.42
CA ASN A 112 -6.96 -25.77 0.87
C ASN A 112 -8.18 -25.98 1.76
N LEU A 113 -7.97 -25.85 3.07
CA LEU A 113 -9.05 -26.03 4.03
C LEU A 113 -10.37 -25.48 3.48
N THR A 114 -11.36 -26.36 3.35
CA THR A 114 -12.67 -25.97 2.83
C THR A 114 -13.16 -24.70 3.50
N SER A 115 -13.81 -23.83 2.71
CA SER A 115 -14.32 -22.57 3.23
C SER A 115 -15.16 -22.80 4.49
N ASP A 116 -15.30 -21.74 5.28
CA ASP A 116 -16.07 -21.82 6.52
C ASP A 116 -17.56 -21.63 6.24
N THR A 117 -18.40 -22.25 7.08
CA THR A 117 -19.83 -22.16 6.92
C THR A 117 -20.47 -21.41 8.10
N LYS A 118 -21.64 -20.85 7.88
CA LYS A 118 -22.36 -20.13 8.92
C LYS A 118 -23.37 -21.02 9.62
N ASP A 119 -23.34 -21.03 10.95
CA ASP A 119 -24.26 -21.84 11.73
C ASP A 119 -24.85 -21.03 12.89
N LYS A 120 -26.06 -21.41 13.31
CA LYS A 120 -26.73 -20.72 14.41
C LYS A 120 -26.69 -21.56 15.68
N GLU A 121 -26.29 -20.94 16.78
CA GLU A 121 -26.21 -21.64 18.06
C GLU A 121 -27.48 -21.43 18.87
N TYR A 122 -27.78 -22.37 19.75
CA TYR A 122 -28.97 -22.29 20.60
C TYR A 122 -28.91 -21.09 21.53
N GLY A 1 5.99 22.16 -15.45
CA GLY A 1 5.98 20.90 -14.72
C GLY A 1 7.35 20.53 -14.20
N SER A 2 7.80 19.32 -14.52
CA SER A 2 9.10 18.84 -14.07
C SER A 2 10.07 18.75 -15.23
N SER A 3 11.24 19.36 -15.08
CA SER A 3 12.26 19.36 -16.12
C SER A 3 13.64 19.67 -15.54
N GLY A 4 14.68 19.15 -16.19
CA GLY A 4 16.03 19.40 -15.73
C GLY A 4 16.86 18.12 -15.70
N SER A 5 16.99 17.53 -14.52
CA SER A 5 17.78 16.31 -14.35
C SER A 5 16.97 15.24 -13.62
N SER A 6 17.28 13.99 -13.88
CA SER A 6 16.58 12.87 -13.25
C SER A 6 16.62 13.00 -11.73
N GLY A 7 17.82 13.24 -11.20
CA GLY A 7 17.99 13.38 -9.77
C GLY A 7 18.28 12.07 -9.08
N GLU A 8 19.24 12.08 -8.16
CA GLU A 8 19.61 10.86 -7.43
C GLU A 8 18.73 10.67 -6.21
N ALA A 9 17.45 10.97 -6.35
CA ALA A 9 16.50 10.83 -5.25
C ALA A 9 15.44 9.78 -5.58
N GLN A 10 14.57 9.52 -4.61
CA GLN A 10 13.51 8.52 -4.80
C GLN A 10 12.14 9.20 -4.87
N THR A 11 12.08 10.31 -5.60
CA THR A 11 10.83 11.06 -5.76
C THR A 11 10.03 10.54 -6.95
N ARG A 12 10.74 10.12 -7.99
CA ARG A 12 10.10 9.61 -9.19
C ARG A 12 9.43 8.26 -8.92
N VAL A 13 10.12 7.40 -8.18
CA VAL A 13 9.59 6.08 -7.85
C VAL A 13 8.32 6.19 -7.02
N LYS A 14 8.25 7.21 -6.18
CA LYS A 14 7.09 7.44 -5.33
C LYS A 14 5.90 7.92 -6.16
N LEU A 15 6.11 8.99 -6.91
CA LEU A 15 5.07 9.55 -7.76
C LEU A 15 4.58 8.53 -8.78
N ASN A 16 5.51 7.87 -9.43
CA ASN A 16 5.18 6.87 -10.43
C ASN A 16 4.09 5.92 -9.93
N PHE A 17 4.37 5.24 -8.82
CA PHE A 17 3.42 4.32 -8.23
C PHE A 17 2.04 4.97 -8.09
N LEU A 18 1.95 5.95 -7.20
CA LEU A 18 0.69 6.65 -6.96
C LEU A 18 -0.07 6.84 -8.27
N ASP A 19 0.65 7.10 -9.34
CA ASP A 19 0.04 7.30 -10.65
C ASP A 19 -0.64 6.02 -11.14
N GLN A 20 0.13 4.94 -11.23
CA GLN A 20 -0.40 3.66 -11.68
C GLN A 20 -1.63 3.27 -10.87
N ILE A 21 -1.50 3.30 -9.55
CA ILE A 21 -2.61 2.95 -8.67
C ILE A 21 -3.82 3.84 -8.92
N ALA A 22 -3.57 5.11 -9.22
CA ALA A 22 -4.64 6.06 -9.50
C ALA A 22 -5.47 5.61 -10.70
N LYS A 23 -4.79 5.32 -11.81
CA LYS A 23 -5.45 4.89 -13.03
C LYS A 23 -6.49 3.80 -12.72
N TYR A 24 -6.14 2.90 -11.81
CA TYR A 24 -7.03 1.81 -11.43
C TYR A 24 -8.36 2.35 -10.91
N TRP A 25 -8.29 3.44 -10.15
CA TRP A 25 -9.49 4.06 -9.58
C TRP A 25 -10.16 4.96 -10.61
N GLU A 26 -9.40 5.89 -11.18
CA GLU A 26 -9.94 6.81 -12.17
C GLU A 26 -10.87 6.09 -13.14
N LEU A 27 -10.39 4.98 -13.69
CA LEU A 27 -11.19 4.19 -14.63
C LEU A 27 -12.57 3.90 -14.07
N GLN A 28 -12.63 3.52 -12.80
CA GLN A 28 -13.89 3.22 -12.15
C GLN A 28 -14.68 4.50 -11.87
N GLY A 29 -13.96 5.57 -11.51
CA GLY A 29 -14.61 6.83 -11.22
C GLY A 29 -14.45 7.24 -9.78
N SER A 30 -13.25 7.03 -9.23
CA SER A 30 -12.97 7.38 -7.84
C SER A 30 -11.66 8.15 -7.74
N THR A 31 -11.72 9.32 -7.09
CA THR A 31 -10.54 10.17 -6.93
C THR A 31 -9.61 9.58 -5.86
N LEU A 32 -8.34 9.44 -6.22
CA LEU A 32 -7.34 8.90 -5.30
C LEU A 32 -6.67 10.03 -4.51
N LYS A 33 -6.83 10.00 -3.19
CA LYS A 33 -6.23 11.01 -2.33
C LYS A 33 -5.44 10.36 -1.19
N ILE A 34 -4.26 10.90 -0.92
CA ILE A 34 -3.40 10.37 0.13
C ILE A 34 -4.02 10.61 1.51
N PRO A 35 -4.20 9.52 2.28
CA PRO A 35 -4.78 9.58 3.62
C PRO A 35 -3.85 10.26 4.62
N HIS A 36 -4.40 10.60 5.79
CA HIS A 36 -3.62 11.24 6.84
C HIS A 36 -3.68 10.45 8.14
N VAL A 37 -2.51 10.01 8.61
CA VAL A 37 -2.42 9.24 9.84
C VAL A 37 -1.81 10.07 10.96
N GLU A 38 -2.40 9.97 12.15
CA GLU A 38 -1.90 10.71 13.31
C GLU A 38 -1.58 12.15 12.94
N ARG A 39 -2.43 12.75 12.11
CA ARG A 39 -2.24 14.13 11.68
C ARG A 39 -0.93 14.28 10.90
N LYS A 40 -0.68 13.34 10.00
CA LYS A 40 0.54 13.37 9.20
C LYS A 40 0.35 12.63 7.88
N ILE A 41 0.94 13.15 6.81
CA ILE A 41 0.83 12.53 5.50
C ILE A 41 1.23 11.05 5.55
N LEU A 42 0.30 10.18 5.22
CA LEU A 42 0.56 8.74 5.22
C LEU A 42 0.96 8.26 3.83
N ASP A 43 2.26 8.00 3.65
CA ASP A 43 2.77 7.53 2.37
C ASP A 43 2.42 6.06 2.15
N LEU A 44 1.44 5.81 1.30
CA LEU A 44 1.01 4.44 1.01
C LEU A 44 2.12 3.67 0.32
N PHE A 45 2.74 4.28 -0.69
CA PHE A 45 3.81 3.64 -1.43
C PHE A 45 4.84 3.03 -0.49
N GLN A 46 5.45 3.89 0.33
CA GLN A 46 6.46 3.43 1.29
C GLN A 46 5.84 2.53 2.34
N LEU A 47 4.64 2.88 2.78
CA LEU A 47 3.93 2.10 3.80
C LEU A 47 3.85 0.63 3.39
N ASN A 48 3.03 0.35 2.39
CA ASN A 48 2.85 -1.02 1.91
C ASN A 48 4.20 -1.64 1.55
N LYS A 49 4.89 -1.06 0.58
CA LYS A 49 6.19 -1.55 0.16
C LYS A 49 7.04 -1.95 1.36
N LEU A 50 7.16 -1.03 2.32
CA LEU A 50 7.94 -1.28 3.52
C LEU A 50 7.47 -2.54 4.23
N VAL A 51 6.14 -2.70 4.32
CA VAL A 51 5.57 -3.87 4.98
C VAL A 51 6.04 -5.16 4.33
N ALA A 52 5.97 -5.21 2.99
CA ALA A 52 6.40 -6.38 2.24
C ALA A 52 7.86 -6.69 2.49
N GLU A 53 8.66 -5.65 2.65
CA GLU A 53 10.10 -5.80 2.90
C GLU A 53 10.34 -6.53 4.22
N GLU A 54 9.62 -6.12 5.25
CA GLU A 54 9.76 -6.74 6.57
C GLU A 54 9.29 -8.18 6.56
N GLY A 55 8.36 -8.48 5.65
CA GLY A 55 7.83 -9.84 5.55
C GLY A 55 6.56 -9.91 4.72
N GLY A 56 5.58 -9.10 5.09
CA GLY A 56 4.31 -9.09 4.37
C GLY A 56 3.12 -8.93 5.29
N PHE A 57 1.98 -8.56 4.71
CA PHE A 57 0.76 -8.37 5.48
C PHE A 57 0.40 -9.63 6.26
N ALA A 58 0.78 -10.78 5.72
CA ALA A 58 0.51 -12.07 6.37
C ALA A 58 1.47 -12.31 7.54
N VAL A 59 2.75 -12.48 7.21
CA VAL A 59 3.76 -12.73 8.22
C VAL A 59 3.75 -11.63 9.29
N VAL A 60 3.55 -10.38 8.85
CA VAL A 60 3.52 -9.25 9.76
C VAL A 60 2.29 -9.31 10.67
N CYS A 61 1.11 -9.37 10.05
CA CYS A 61 -0.14 -9.43 10.81
C CYS A 61 -0.15 -10.62 11.76
N LYS A 62 0.35 -11.75 11.28
CA LYS A 62 0.40 -12.96 12.09
C LYS A 62 1.16 -12.72 13.39
N ASP A 63 2.34 -12.13 13.27
CA ASP A 63 3.16 -11.84 14.44
C ASP A 63 2.87 -10.44 14.97
N ARG A 64 1.90 -9.77 14.37
CA ARG A 64 1.52 -8.42 14.78
C ARG A 64 2.74 -7.49 14.76
N LYS A 65 3.57 -7.64 13.74
CA LYS A 65 4.77 -6.82 13.60
C LYS A 65 4.47 -5.54 12.82
N TRP A 66 3.37 -4.88 13.17
CA TRP A 66 2.97 -3.65 12.50
C TRP A 66 3.60 -2.43 13.17
N THR A 67 3.62 -2.44 14.49
CA THR A 67 4.21 -1.33 15.26
C THR A 67 5.52 -0.87 14.63
N LYS A 68 6.43 -1.81 14.42
CA LYS A 68 7.72 -1.50 13.83
C LYS A 68 7.57 -0.59 12.61
N ILE A 69 6.74 -1.01 11.67
CA ILE A 69 6.50 -0.23 10.46
C ILE A 69 5.92 1.13 10.79
N ALA A 70 4.75 1.13 11.43
CA ALA A 70 4.08 2.37 11.81
C ALA A 70 5.07 3.37 12.41
N THR A 71 5.90 2.89 13.33
CA THR A 71 6.90 3.74 13.97
C THR A 71 7.90 4.27 12.96
N LYS A 72 8.40 3.39 12.11
CA LYS A 72 9.37 3.77 11.09
C LYS A 72 8.87 4.97 10.29
N MET A 73 7.66 4.86 9.76
CA MET A 73 7.07 5.94 8.97
C MET A 73 7.24 7.27 9.67
N GLY A 74 7.31 7.24 10.99
CA GLY A 74 7.48 8.46 11.76
C GLY A 74 6.37 8.67 12.78
N PHE A 75 5.38 7.77 12.76
CA PHE A 75 4.26 7.85 13.68
C PHE A 75 4.67 7.40 15.08
N ALA A 76 3.76 7.58 16.04
CA ALA A 76 4.02 7.18 17.42
C ALA A 76 3.77 5.70 17.62
N PRO A 77 4.63 5.06 18.43
CA PRO A 77 4.52 3.62 18.73
C PRO A 77 3.30 3.30 19.58
N GLY A 78 2.18 3.02 18.91
CA GLY A 78 0.96 2.69 19.63
C GLY A 78 0.13 1.63 18.91
N LYS A 79 -0.99 1.27 19.52
CA LYS A 79 -1.87 0.26 18.93
C LYS A 79 -2.80 0.88 17.89
N ALA A 80 -3.16 2.14 18.12
CA ALA A 80 -4.04 2.85 17.20
C ALA A 80 -3.47 2.87 15.79
N VAL A 81 -2.23 3.31 15.66
CA VAL A 81 -1.56 3.38 14.36
C VAL A 81 -1.38 1.98 13.77
N GLY A 82 -1.06 1.01 14.63
CA GLY A 82 -0.87 -0.35 14.18
C GLY A 82 -2.04 -0.87 13.37
N SER A 83 -3.26 -0.63 13.88
CA SER A 83 -4.46 -1.09 13.21
C SER A 83 -4.78 -0.20 12.00
N HIS A 84 -4.44 1.08 12.10
CA HIS A 84 -4.68 2.03 11.03
C HIS A 84 -4.02 1.56 9.73
N ILE A 85 -2.75 1.20 9.82
CA ILE A 85 -2.00 0.73 8.66
C ILE A 85 -2.83 -0.25 7.84
N ARG A 86 -3.29 -1.31 8.49
CA ARG A 86 -4.10 -2.33 7.82
C ARG A 86 -5.34 -1.71 7.19
N GLY A 87 -6.13 -1.00 8.00
CA GLY A 87 -7.33 -0.37 7.50
C GLY A 87 -7.09 0.42 6.23
N HIS A 88 -6.17 1.37 6.29
CA HIS A 88 -5.84 2.19 5.13
C HIS A 88 -5.61 1.33 3.90
N TYR A 89 -5.01 0.16 4.10
CA TYR A 89 -4.73 -0.76 3.01
C TYR A 89 -5.98 -1.48 2.55
N GLU A 90 -6.77 -1.94 3.51
CA GLU A 90 -8.01 -2.65 3.21
C GLU A 90 -9.08 -1.68 2.68
N ARG A 91 -8.79 -0.39 2.77
CA ARG A 91 -9.72 0.63 2.32
C ARG A 91 -9.23 1.25 1.00
N ILE A 92 -7.91 1.25 0.81
CA ILE A 92 -7.34 1.82 -0.41
C ILE A 92 -6.61 0.74 -1.21
N LEU A 93 -5.71 0.01 -0.55
CA LEU A 93 -4.95 -1.04 -1.20
C LEU A 93 -5.66 -2.38 -1.06
N ASN A 94 -6.98 -2.35 -1.06
CA ASN A 94 -7.78 -3.57 -0.94
C ASN A 94 -7.81 -4.34 -2.25
N PRO A 95 -8.38 -3.73 -3.29
CA PRO A 95 -8.49 -4.34 -4.62
C PRO A 95 -7.14 -4.44 -5.31
N TYR A 96 -6.41 -3.32 -5.36
CA TYR A 96 -5.10 -3.30 -6.00
C TYR A 96 -4.33 -4.58 -5.73
N ASN A 97 -4.50 -5.13 -4.53
CA ASN A 97 -3.81 -6.36 -4.15
C ASN A 97 -4.58 -7.58 -4.66
N LEU A 98 -5.86 -7.65 -4.33
CA LEU A 98 -6.70 -8.76 -4.75
C LEU A 98 -6.68 -8.91 -6.27
N PHE A 99 -6.30 -7.85 -6.95
CA PHE A 99 -6.23 -7.86 -8.41
C PHE A 99 -4.85 -8.29 -8.89
N LEU A 100 -3.82 -7.63 -8.38
CA LEU A 100 -2.44 -7.94 -8.75
C LEU A 100 -2.19 -9.44 -8.68
N SER A 101 -2.64 -10.07 -7.60
CA SER A 101 -2.46 -11.50 -7.42
C SER A 101 -3.45 -12.28 -8.26
N GLY A 102 -4.72 -11.89 -8.19
CA GLY A 102 -5.75 -12.57 -8.95
C GLY A 102 -5.78 -12.14 -10.40
N ASP A 103 -4.70 -12.44 -11.12
CA ASP A 103 -4.60 -12.07 -12.54
C ASP A 103 -4.76 -13.30 -13.42
N SER A 104 -5.91 -13.40 -14.09
CA SER A 104 -6.20 -14.52 -14.96
C SER A 104 -5.92 -14.16 -16.42
N LEU A 105 -6.48 -13.05 -16.87
CA LEU A 105 -6.29 -12.59 -18.25
C LEU A 105 -4.80 -12.52 -18.58
N ARG A 106 -3.96 -12.49 -17.56
CA ARG A 106 -2.52 -12.41 -17.74
C ARG A 106 -1.80 -13.42 -16.85
N CYS A 107 -0.50 -13.60 -17.11
CA CYS A 107 0.29 -14.54 -16.33
C CYS A 107 1.11 -13.81 -15.27
N LEU A 108 1.51 -14.54 -14.23
CA LEU A 108 2.30 -13.96 -13.15
C LEU A 108 3.54 -14.79 -12.87
N GLN A 109 4.70 -14.26 -13.27
CA GLN A 109 5.97 -14.96 -13.06
C GLN A 109 6.83 -14.23 -12.04
N LYS A 110 6.96 -14.82 -10.86
CA LYS A 110 7.76 -14.22 -9.79
C LYS A 110 9.23 -14.49 -10.01
N PRO A 111 10.08 -13.50 -9.66
CA PRO A 111 11.53 -13.61 -9.81
C PRO A 111 12.15 -14.60 -8.83
N ASN A 112 12.22 -15.86 -9.25
CA ASN A 112 12.78 -16.92 -8.40
C ASN A 112 14.29 -16.76 -8.28
N LEU A 113 14.72 -15.75 -7.53
CA LEU A 113 16.14 -15.50 -7.33
C LEU A 113 16.73 -16.44 -6.29
N THR A 114 18.05 -16.49 -6.22
CA THR A 114 18.73 -17.36 -5.26
C THR A 114 19.98 -16.68 -4.70
N SER A 115 20.32 -17.00 -3.45
CA SER A 115 21.48 -16.42 -2.80
C SER A 115 22.58 -17.47 -2.62
N ASP A 116 23.44 -17.60 -3.62
CA ASP A 116 24.53 -18.57 -3.56
C ASP A 116 25.88 -17.87 -3.69
N THR A 117 26.60 -17.77 -2.58
CA THR A 117 27.91 -17.12 -2.56
C THR A 117 29.03 -18.15 -2.69
N LYS A 118 29.98 -17.87 -3.57
CA LYS A 118 31.11 -18.77 -3.78
C LYS A 118 32.34 -18.29 -3.01
N ASP A 119 33.11 -19.23 -2.48
CA ASP A 119 34.31 -18.91 -1.72
C ASP A 119 35.39 -19.95 -1.94
N LYS A 120 36.64 -19.53 -1.84
CA LYS A 120 37.78 -20.43 -2.03
C LYS A 120 38.51 -20.67 -0.71
N GLU A 121 38.92 -21.91 -0.47
CA GLU A 121 39.63 -22.26 0.74
C GLU A 121 40.92 -21.44 0.88
N TYR A 122 41.09 -20.80 2.02
CA TYR A 122 42.27 -19.98 2.27
C TYR A 122 43.16 -20.62 3.34
N GLY A 1 36.89 23.34 -9.04
CA GLY A 1 36.29 22.03 -9.17
C GLY A 1 34.80 22.04 -8.91
N SER A 2 34.14 20.95 -9.25
CA SER A 2 32.70 20.84 -9.06
C SER A 2 32.35 19.52 -8.34
N SER A 3 31.26 19.55 -7.57
CA SER A 3 30.81 18.37 -6.84
C SER A 3 29.29 18.24 -6.89
N GLY A 4 28.84 17.12 -7.45
CA GLY A 4 27.41 16.88 -7.56
C GLY A 4 27.09 15.45 -7.94
N SER A 5 27.54 14.51 -7.12
CA SER A 5 27.30 13.09 -7.38
C SER A 5 25.81 12.78 -7.37
N SER A 6 25.45 11.65 -7.96
CA SER A 6 24.05 11.24 -8.04
C SER A 6 23.77 10.08 -7.09
N GLY A 7 22.51 9.64 -7.05
CA GLY A 7 22.14 8.54 -6.18
C GLY A 7 20.98 7.74 -6.74
N GLU A 8 19.83 7.82 -6.08
CA GLU A 8 18.65 7.10 -6.51
C GLU A 8 17.41 7.97 -6.41
N ALA A 9 16.55 7.90 -7.42
CA ALA A 9 15.33 8.68 -7.45
C ALA A 9 14.24 8.04 -6.59
N GLN A 10 13.69 8.82 -5.66
CA GLN A 10 12.65 8.32 -4.77
C GLN A 10 11.29 8.92 -5.13
N THR A 11 11.27 10.24 -5.35
CA THR A 11 10.04 10.93 -5.70
C THR A 11 9.44 10.37 -6.99
N ARG A 12 10.30 9.88 -7.88
CA ARG A 12 9.85 9.32 -9.14
C ARG A 12 9.15 7.99 -8.93
N VAL A 13 9.87 7.04 -8.35
CA VAL A 13 9.33 5.71 -8.08
C VAL A 13 8.06 5.80 -7.23
N LYS A 14 8.07 6.70 -6.26
CA LYS A 14 6.92 6.89 -5.38
C LYS A 14 5.72 7.42 -6.15
N LEU A 15 5.92 8.52 -6.85
CA LEU A 15 4.84 9.13 -7.65
C LEU A 15 4.31 8.14 -8.68
N ASN A 16 5.20 7.64 -9.54
CA ASN A 16 4.82 6.69 -10.57
C ASN A 16 3.77 5.71 -10.04
N PHE A 17 4.12 4.98 -8.99
CA PHE A 17 3.21 4.02 -8.39
C PHE A 17 1.84 4.64 -8.13
N LEU A 18 1.82 5.72 -7.36
CA LEU A 18 0.57 6.41 -7.04
C LEU A 18 -0.21 6.73 -8.31
N ASP A 19 0.51 6.90 -9.41
CA ASP A 19 -0.12 7.22 -10.69
C ASP A 19 -0.91 6.03 -11.21
N GLN A 20 -0.25 4.88 -11.31
CA GLN A 20 -0.89 3.66 -11.80
C GLN A 20 -2.12 3.33 -10.97
N ILE A 21 -1.97 3.32 -9.65
CA ILE A 21 -3.07 3.02 -8.75
C ILE A 21 -4.23 3.98 -8.97
N ALA A 22 -3.92 5.25 -9.15
CA ALA A 22 -4.94 6.27 -9.36
C ALA A 22 -5.71 6.00 -10.66
N LYS A 23 -4.98 5.73 -11.73
CA LYS A 23 -5.58 5.45 -13.03
C LYS A 23 -6.70 4.42 -12.90
N TYR A 24 -6.49 3.45 -12.02
CA TYR A 24 -7.48 2.38 -11.80
C TYR A 24 -8.79 2.97 -11.33
N TRP A 25 -8.72 3.92 -10.40
CA TRP A 25 -9.92 4.56 -9.87
C TRP A 25 -10.58 5.45 -10.92
N GLU A 26 -9.79 6.32 -11.53
CA GLU A 26 -10.31 7.22 -12.56
C GLU A 26 -11.26 6.49 -13.50
N LEU A 27 -10.81 5.35 -14.01
CA LEU A 27 -11.63 4.55 -14.93
C LEU A 27 -13.04 4.36 -14.38
N GLN A 28 -13.13 4.11 -13.08
CA GLN A 28 -14.43 3.91 -12.43
C GLN A 28 -15.16 5.23 -12.28
N GLY A 29 -14.42 6.29 -12.01
CA GLY A 29 -15.02 7.60 -11.84
C GLY A 29 -14.89 8.12 -10.42
N SER A 30 -13.83 7.72 -9.74
CA SER A 30 -13.60 8.14 -8.35
C SER A 30 -12.20 8.70 -8.19
N THR A 31 -12.09 9.80 -7.44
CA THR A 31 -10.80 10.44 -7.20
C THR A 31 -10.10 9.82 -6.00
N LEU A 32 -8.81 9.50 -6.16
CA LEU A 32 -8.03 8.90 -5.09
C LEU A 32 -7.46 9.98 -4.17
N LYS A 33 -7.84 9.94 -2.90
CA LYS A 33 -7.36 10.90 -1.93
C LYS A 33 -6.47 10.23 -0.89
N ILE A 34 -5.25 10.76 -0.73
CA ILE A 34 -4.30 10.20 0.22
C ILE A 34 -4.72 10.53 1.66
N PRO A 35 -4.95 9.47 2.45
CA PRO A 35 -5.35 9.61 3.86
C PRO A 35 -4.23 10.15 4.73
N HIS A 36 -4.60 10.80 5.84
CA HIS A 36 -3.63 11.36 6.76
C HIS A 36 -3.62 10.59 8.08
N VAL A 37 -2.46 10.08 8.46
CA VAL A 37 -2.33 9.32 9.70
C VAL A 37 -1.56 10.13 10.74
N GLU A 38 -2.21 10.36 11.89
CA GLU A 38 -1.59 11.12 12.97
C GLU A 38 -1.24 12.54 12.53
N ARG A 39 -2.22 13.20 11.90
CA ARG A 39 -2.01 14.56 11.42
C ARG A 39 -0.79 14.65 10.51
N LYS A 40 -0.69 13.71 9.57
CA LYS A 40 0.44 13.68 8.65
C LYS A 40 0.14 12.76 7.46
N ILE A 41 0.59 13.17 6.28
CA ILE A 41 0.37 12.39 5.08
C ILE A 41 0.93 10.98 5.22
N LEU A 42 0.25 10.01 4.63
CA LEU A 42 0.68 8.61 4.69
C LEU A 42 1.21 8.14 3.34
N ASP A 43 2.47 7.73 3.31
CA ASP A 43 3.09 7.26 2.07
C ASP A 43 2.88 5.75 1.91
N LEU A 44 1.85 5.38 1.17
CA LEU A 44 1.53 3.98 0.93
C LEU A 44 2.73 3.26 0.30
N PHE A 45 3.09 3.66 -0.90
CA PHE A 45 4.21 3.06 -1.62
C PHE A 45 5.31 2.65 -0.65
N GLN A 46 5.83 3.62 0.10
CA GLN A 46 6.89 3.36 1.06
C GLN A 46 6.41 2.41 2.15
N LEU A 47 5.41 2.84 2.92
CA LEU A 47 4.86 2.02 3.99
C LEU A 47 4.88 0.54 3.62
N ASN A 48 4.08 0.18 2.61
CA ASN A 48 4.01 -1.20 2.16
C ASN A 48 5.41 -1.80 2.01
N LYS A 49 6.24 -1.14 1.21
CA LYS A 49 7.60 -1.61 0.98
C LYS A 49 8.26 -2.03 2.28
N LEU A 50 8.24 -1.13 3.26
CA LEU A 50 8.83 -1.40 4.56
C LEU A 50 8.30 -2.71 5.15
N VAL A 51 7.00 -2.92 5.01
CA VAL A 51 6.36 -4.14 5.51
C VAL A 51 7.01 -5.38 4.92
N ALA A 52 7.22 -5.36 3.61
CA ALA A 52 7.83 -6.50 2.93
C ALA A 52 9.27 -6.72 3.40
N GLU A 53 9.96 -5.63 3.71
CA GLU A 53 11.34 -5.71 4.19
C GLU A 53 11.41 -6.35 5.56
N GLU A 54 10.36 -6.15 6.36
CA GLU A 54 10.30 -6.71 7.71
C GLU A 54 9.81 -8.15 7.68
N GLY A 55 9.22 -8.54 6.55
CA GLY A 55 8.72 -9.89 6.41
C GLY A 55 7.59 -10.00 5.40
N GLY A 56 6.50 -9.27 5.64
CA GLY A 56 5.38 -9.30 4.73
C GLY A 56 4.06 -9.00 5.42
N PHE A 57 3.00 -8.85 4.63
CA PHE A 57 1.69 -8.55 5.18
C PHE A 57 1.21 -9.67 6.11
N ALA A 58 1.47 -10.90 5.72
CA ALA A 58 1.08 -12.06 6.51
C ALA A 58 1.91 -12.16 7.79
N VAL A 59 3.20 -12.42 7.63
CA VAL A 59 4.10 -12.54 8.76
C VAL A 59 3.94 -11.38 9.72
N VAL A 60 3.82 -10.17 9.17
CA VAL A 60 3.66 -8.97 9.98
C VAL A 60 2.35 -9.02 10.77
N CYS A 61 1.23 -9.05 10.05
CA CYS A 61 -0.08 -9.09 10.69
C CYS A 61 -0.14 -10.20 11.75
N LYS A 62 0.37 -11.38 11.38
CA LYS A 62 0.37 -12.51 12.29
C LYS A 62 1.03 -12.13 13.63
N ASP A 63 2.30 -11.75 13.56
CA ASP A 63 3.05 -11.36 14.74
C ASP A 63 2.78 -9.90 15.10
N ARG A 64 1.62 -9.39 14.70
CA ARG A 64 1.25 -8.01 14.97
C ARG A 64 2.48 -7.11 14.94
N LYS A 65 3.39 -7.38 14.02
CA LYS A 65 4.61 -6.59 13.88
C LYS A 65 4.32 -5.26 13.19
N TRP A 66 3.28 -4.58 13.63
CA TRP A 66 2.90 -3.29 13.07
C TRP A 66 3.58 -2.14 13.80
N THR A 67 3.50 -2.16 15.12
CA THR A 67 4.12 -1.12 15.94
C THR A 67 5.47 -0.70 15.37
N LYS A 68 6.33 -1.68 15.10
CA LYS A 68 7.65 -1.40 14.55
C LYS A 68 7.55 -0.46 13.36
N ILE A 69 6.91 -0.92 12.29
CA ILE A 69 6.75 -0.11 11.09
C ILE A 69 6.15 1.24 11.42
N ALA A 70 4.93 1.23 11.93
CA ALA A 70 4.24 2.47 12.30
C ALA A 70 5.21 3.50 12.85
N THR A 71 6.04 3.08 13.81
CA THR A 71 7.02 3.97 14.42
C THR A 71 8.07 4.42 13.41
N LYS A 72 8.46 3.50 12.54
CA LYS A 72 9.46 3.81 11.52
C LYS A 72 9.05 5.03 10.70
N MET A 73 7.80 5.05 10.27
CA MET A 73 7.28 6.17 9.49
C MET A 73 7.26 7.46 10.32
N GLY A 74 7.29 7.30 11.63
CA GLY A 74 7.27 8.45 12.52
C GLY A 74 5.99 8.54 13.32
N PHE A 75 5.12 7.55 13.16
CA PHE A 75 3.85 7.53 13.88
C PHE A 75 4.03 6.96 15.28
N ALA A 76 3.54 7.70 16.28
CA ALA A 76 3.65 7.26 17.67
C ALA A 76 3.22 5.81 17.82
N PRO A 77 3.90 5.08 18.72
CA PRO A 77 3.59 3.67 18.99
C PRO A 77 2.26 3.48 19.70
N GLY A 78 1.33 2.79 19.03
CA GLY A 78 0.03 2.56 19.61
C GLY A 78 -0.77 1.52 18.85
N LYS A 79 -1.90 1.11 19.42
CA LYS A 79 -2.75 0.11 18.78
C LYS A 79 -3.61 0.75 17.68
N ALA A 80 -3.67 2.07 17.68
CA ALA A 80 -4.44 2.79 16.67
C ALA A 80 -3.72 2.81 15.32
N VAL A 81 -2.49 3.30 15.32
CA VAL A 81 -1.70 3.37 14.10
C VAL A 81 -1.38 1.97 13.58
N GLY A 82 -1.12 1.05 14.49
CA GLY A 82 -0.81 -0.31 14.11
C GLY A 82 -1.88 -0.94 13.24
N SER A 83 -3.13 -0.78 13.64
CA SER A 83 -4.26 -1.34 12.90
C SER A 83 -4.56 -0.49 11.66
N HIS A 84 -4.23 0.79 11.73
CA HIS A 84 -4.45 1.70 10.61
C HIS A 84 -3.72 1.23 9.37
N ILE A 85 -2.43 0.92 9.53
CA ILE A 85 -1.62 0.45 8.41
C ILE A 85 -2.37 -0.58 7.58
N ARG A 86 -2.74 -1.69 8.22
CA ARG A 86 -3.46 -2.76 7.54
C ARG A 86 -4.74 -2.23 6.91
N GLY A 87 -5.59 -1.61 7.73
CA GLY A 87 -6.85 -1.07 7.24
C GLY A 87 -6.67 -0.28 5.96
N HIS A 88 -5.66 0.57 5.93
CA HIS A 88 -5.38 1.39 4.76
C HIS A 88 -5.38 0.56 3.49
N TYR A 89 -4.69 -0.58 3.54
CA TYR A 89 -4.61 -1.48 2.39
C TYR A 89 -5.99 -2.02 2.02
N GLU A 90 -6.79 -2.30 3.03
CA GLU A 90 -8.13 -2.84 2.81
C GLU A 90 -9.10 -1.71 2.47
N ARG A 91 -8.64 -0.48 2.63
CA ARG A 91 -9.48 0.69 2.34
C ARG A 91 -9.16 1.27 0.97
N ILE A 92 -7.89 1.14 0.56
CA ILE A 92 -7.45 1.65 -0.73
C ILE A 92 -6.92 0.53 -1.61
N LEU A 93 -6.00 -0.27 -1.05
CA LEU A 93 -5.41 -1.39 -1.78
C LEU A 93 -6.32 -2.61 -1.72
N ASN A 94 -7.60 -2.39 -1.47
CA ASN A 94 -8.56 -3.48 -1.39
C ASN A 94 -8.86 -4.05 -2.77
N PRO A 95 -9.37 -3.20 -3.67
CA PRO A 95 -9.71 -3.60 -5.04
C PRO A 95 -8.47 -3.87 -5.88
N TYR A 96 -7.52 -2.95 -5.83
CA TYR A 96 -6.28 -3.10 -6.59
C TYR A 96 -5.79 -4.54 -6.57
N ASN A 97 -5.82 -5.15 -5.39
CA ASN A 97 -5.37 -6.53 -5.23
C ASN A 97 -6.29 -7.49 -6.00
N LEU A 98 -7.57 -7.46 -5.69
CA LEU A 98 -8.54 -8.32 -6.34
C LEU A 98 -8.28 -8.38 -7.85
N PHE A 99 -7.84 -7.25 -8.40
CA PHE A 99 -7.55 -7.17 -9.84
C PHE A 99 -6.27 -7.92 -10.17
N LEU A 100 -5.21 -7.65 -9.42
CA LEU A 100 -3.93 -8.29 -9.64
C LEU A 100 -4.06 -9.81 -9.57
N SER A 101 -4.93 -10.28 -8.68
CA SER A 101 -5.15 -11.71 -8.52
C SER A 101 -6.07 -12.25 -9.61
N GLY A 102 -7.16 -11.53 -9.87
CA GLY A 102 -8.10 -11.95 -10.89
C GLY A 102 -8.94 -10.81 -11.41
N ASP A 103 -10.20 -11.10 -11.74
CA ASP A 103 -11.11 -10.09 -12.26
C ASP A 103 -12.38 -10.03 -11.41
N SER A 104 -13.00 -8.86 -11.37
CA SER A 104 -14.23 -8.67 -10.59
C SER A 104 -15.24 -9.78 -10.90
N LEU A 105 -15.36 -10.12 -12.18
CA LEU A 105 -16.29 -11.16 -12.60
C LEU A 105 -16.20 -12.38 -11.70
N ARG A 106 -14.98 -12.77 -11.36
CA ARG A 106 -14.75 -13.92 -10.49
C ARG A 106 -15.83 -14.01 -9.42
N CYS A 107 -16.26 -15.24 -9.12
CA CYS A 107 -17.29 -15.47 -8.12
C CYS A 107 -16.88 -16.57 -7.15
N LEU A 108 -17.52 -16.61 -5.99
CA LEU A 108 -17.22 -17.62 -4.99
C LEU A 108 -18.38 -18.60 -4.82
N GLN A 109 -18.10 -19.88 -5.02
CA GLN A 109 -19.13 -20.92 -4.89
C GLN A 109 -19.99 -20.68 -3.65
N LYS A 110 -21.21 -20.21 -3.86
CA LYS A 110 -22.13 -19.94 -2.77
C LYS A 110 -22.06 -21.04 -1.72
N PRO A 111 -22.05 -20.65 -0.44
CA PRO A 111 -21.99 -21.59 0.68
C PRO A 111 -23.28 -22.39 0.83
N ASN A 112 -23.14 -23.68 1.10
CA ASN A 112 -24.29 -24.57 1.28
C ASN A 112 -24.95 -24.35 2.64
N LEU A 113 -26.23 -24.70 2.73
CA LEU A 113 -26.96 -24.55 3.99
C LEU A 113 -26.47 -25.53 5.04
N THR A 114 -26.48 -25.11 6.30
CA THR A 114 -26.04 -25.94 7.40
C THR A 114 -27.22 -26.63 8.08
N SER A 115 -26.92 -27.64 8.89
CA SER A 115 -27.96 -28.39 9.60
C SER A 115 -27.86 -28.13 11.10
N ASP A 116 -28.52 -27.08 11.56
CA ASP A 116 -28.53 -26.73 12.97
C ASP A 116 -29.95 -26.70 13.53
N THR A 117 -30.08 -27.02 14.81
CA THR A 117 -31.39 -27.02 15.46
C THR A 117 -31.34 -26.29 16.79
N LYS A 118 -31.87 -25.07 16.80
CA LYS A 118 -31.89 -24.25 18.00
C LYS A 118 -32.29 -25.08 19.23
N ASP A 119 -31.52 -24.94 20.30
CA ASP A 119 -31.79 -25.68 21.53
C ASP A 119 -32.63 -24.85 22.49
N LYS A 120 -33.68 -25.47 23.04
CA LYS A 120 -34.56 -24.79 23.97
C LYS A 120 -34.18 -25.12 25.42
N GLU A 121 -33.22 -24.36 25.96
CA GLU A 121 -32.77 -24.58 27.32
C GLU A 121 -33.44 -23.59 28.27
N TYR A 122 -33.57 -23.98 29.53
CA TYR A 122 -34.19 -23.13 30.54
C TYR A 122 -33.35 -21.88 30.80
N GLY A 1 2.43 15.41 -2.08
CA GLY A 1 2.67 16.49 -1.14
C GLY A 1 4.07 16.47 -0.56
N SER A 2 4.99 17.18 -1.21
CA SER A 2 6.37 17.24 -0.75
C SER A 2 6.56 18.32 0.30
N SER A 3 7.21 17.97 1.40
CA SER A 3 7.45 18.91 2.48
C SER A 3 8.50 19.94 2.08
N GLY A 4 8.69 20.96 2.92
CA GLY A 4 9.66 21.99 2.65
C GLY A 4 11.08 21.56 2.98
N SER A 5 11.52 20.46 2.36
CA SER A 5 12.87 19.95 2.60
C SER A 5 13.59 19.67 1.29
N SER A 6 14.36 20.66 0.83
CA SER A 6 15.10 20.52 -0.42
C SER A 6 15.95 19.26 -0.42
N GLY A 7 16.11 18.66 -1.59
CA GLY A 7 16.90 17.45 -1.70
C GLY A 7 16.05 16.21 -1.91
N GLU A 8 15.53 16.07 -3.13
CA GLU A 8 14.69 14.92 -3.47
C GLU A 8 15.36 14.03 -4.51
N ALA A 9 15.37 12.73 -4.25
CA ALA A 9 15.99 11.78 -5.16
C ALA A 9 15.00 10.68 -5.55
N GLN A 10 14.42 10.03 -4.55
CA GLN A 10 13.46 8.95 -4.79
C GLN A 10 12.04 9.50 -4.85
N THR A 11 11.87 10.60 -5.57
CA THR A 11 10.55 11.23 -5.70
C THR A 11 9.80 10.67 -6.90
N ARG A 12 10.54 10.20 -7.90
CA ARG A 12 9.94 9.64 -9.10
C ARG A 12 9.37 8.25 -8.84
N VAL A 13 10.12 7.45 -8.07
CA VAL A 13 9.69 6.10 -7.74
C VAL A 13 8.42 6.11 -6.89
N LYS A 14 8.27 7.17 -6.09
CA LYS A 14 7.10 7.31 -5.23
C LYS A 14 5.89 7.79 -6.03
N LEU A 15 6.08 8.89 -6.76
CA LEU A 15 5.01 9.46 -7.57
C LEU A 15 4.49 8.44 -8.58
N ASN A 16 5.41 7.79 -9.29
CA ASN A 16 5.05 6.80 -10.29
C ASN A 16 3.93 5.90 -9.78
N PHE A 17 4.14 5.31 -8.60
CA PHE A 17 3.16 4.42 -8.00
C PHE A 17 1.79 5.09 -7.93
N LEU A 18 1.69 6.16 -7.15
CA LEU A 18 0.44 6.89 -7.00
C LEU A 18 -0.25 7.06 -8.35
N ASP A 19 0.54 7.27 -9.40
CA ASP A 19 0.01 7.45 -10.75
C ASP A 19 -0.61 6.17 -11.26
N GLN A 20 0.19 5.11 -11.32
CA GLN A 20 -0.29 3.82 -11.79
C GLN A 20 -1.54 3.39 -11.03
N ILE A 21 -1.44 3.36 -9.71
CA ILE A 21 -2.56 2.96 -8.87
C ILE A 21 -3.76 3.87 -9.09
N ALA A 22 -3.49 5.14 -9.38
CA ALA A 22 -4.56 6.11 -9.63
C ALA A 22 -5.45 5.68 -10.78
N LYS A 23 -4.82 5.41 -11.93
CA LYS A 23 -5.56 4.99 -13.12
C LYS A 23 -6.63 3.96 -12.75
N TYR A 24 -6.21 2.88 -12.09
CA TYR A 24 -7.13 1.83 -11.70
C TYR A 24 -8.42 2.42 -11.14
N TRP A 25 -8.30 3.51 -10.40
CA TRP A 25 -9.45 4.17 -9.80
C TRP A 25 -10.11 5.11 -10.80
N GLU A 26 -9.30 5.93 -11.46
CA GLU A 26 -9.81 6.88 -12.44
C GLU A 26 -10.80 6.20 -13.39
N LEU A 27 -10.44 5.01 -13.85
CA LEU A 27 -11.29 4.26 -14.77
C LEU A 27 -12.66 3.99 -14.14
N GLN A 28 -12.66 3.62 -12.86
CA GLN A 28 -13.90 3.33 -12.15
C GLN A 28 -14.70 4.60 -11.94
N GLY A 29 -14.02 5.71 -11.68
CA GLY A 29 -14.70 6.98 -11.47
C GLY A 29 -14.67 7.41 -10.01
N SER A 30 -13.53 7.21 -9.36
CA SER A 30 -13.38 7.59 -7.96
C SER A 30 -11.98 8.12 -7.68
N THR A 31 -11.89 9.44 -7.51
CA THR A 31 -10.60 10.08 -7.24
C THR A 31 -9.86 9.39 -6.10
N LEU A 32 -8.53 9.38 -6.19
CA LEU A 32 -7.71 8.75 -5.17
C LEU A 32 -7.12 9.79 -4.23
N LYS A 33 -7.57 9.78 -2.98
CA LYS A 33 -7.08 10.72 -1.98
C LYS A 33 -6.23 10.01 -0.93
N ILE A 34 -5.15 10.66 -0.51
CA ILE A 34 -4.25 10.09 0.49
C ILE A 34 -4.74 10.40 1.90
N PRO A 35 -4.78 9.37 2.75
CA PRO A 35 -5.22 9.50 4.15
C PRO A 35 -4.23 10.28 4.99
N HIS A 36 -4.63 10.62 6.22
CA HIS A 36 -3.78 11.36 7.12
C HIS A 36 -3.66 10.65 8.47
N VAL A 37 -2.48 10.13 8.76
CA VAL A 37 -2.23 9.43 10.01
C VAL A 37 -1.44 10.29 10.98
N GLU A 38 -1.99 10.51 12.18
CA GLU A 38 -1.32 11.31 13.19
C GLU A 38 -1.10 12.74 12.69
N ARG A 39 -2.10 13.29 12.02
CA ARG A 39 -2.01 14.64 11.49
C ARG A 39 -0.82 14.78 10.54
N LYS A 40 -0.61 13.76 9.72
CA LYS A 40 0.49 13.76 8.76
C LYS A 40 0.18 12.88 7.56
N ILE A 41 0.71 13.24 6.41
CA ILE A 41 0.49 12.48 5.18
C ILE A 41 1.03 11.07 5.30
N LEU A 42 0.25 10.09 4.86
CA LEU A 42 0.67 8.69 4.91
C LEU A 42 1.10 8.19 3.54
N ASP A 43 2.41 8.02 3.37
CA ASP A 43 2.96 7.54 2.11
C ASP A 43 2.70 6.05 1.93
N LEU A 44 1.65 5.73 1.19
CA LEU A 44 1.30 4.33 0.94
C LEU A 44 2.47 3.56 0.34
N PHE A 45 2.90 3.98 -0.85
CA PHE A 45 4.01 3.34 -1.53
C PHE A 45 5.07 2.87 -0.53
N GLN A 46 5.54 3.79 0.30
CA GLN A 46 6.55 3.46 1.30
C GLN A 46 5.99 2.49 2.33
N LEU A 47 4.97 2.92 3.07
CA LEU A 47 4.35 2.09 4.09
C LEU A 47 4.35 0.62 3.67
N ASN A 48 3.55 0.29 2.66
CA ASN A 48 3.47 -1.07 2.17
C ASN A 48 4.85 -1.64 1.89
N LYS A 49 5.65 -0.89 1.13
CA LYS A 49 7.01 -1.32 0.80
C LYS A 49 7.74 -1.83 2.03
N LEU A 50 7.74 -1.04 3.09
CA LEU A 50 8.40 -1.41 4.33
C LEU A 50 7.89 -2.76 4.83
N VAL A 51 6.57 -2.90 4.91
CA VAL A 51 5.96 -4.13 5.36
C VAL A 51 6.58 -5.34 4.68
N ALA A 52 6.66 -5.30 3.35
CA ALA A 52 7.24 -6.39 2.57
C ALA A 52 8.67 -6.67 3.01
N GLU A 53 9.46 -5.62 3.17
CA GLU A 53 10.85 -5.75 3.58
C GLU A 53 10.95 -6.38 4.97
N GLU A 54 9.94 -6.10 5.81
CA GLU A 54 9.91 -6.63 7.17
C GLU A 54 9.51 -8.11 7.16
N GLY A 55 8.82 -8.52 6.11
CA GLY A 55 8.38 -9.90 6.01
C GLY A 55 7.23 -10.07 5.04
N GLY A 56 6.13 -9.37 5.30
CA GLY A 56 4.97 -9.47 4.44
C GLY A 56 3.67 -9.20 5.18
N PHE A 57 2.57 -9.08 4.43
CA PHE A 57 1.27 -8.81 5.03
C PHE A 57 0.87 -9.94 5.98
N ALA A 58 1.15 -11.18 5.57
CA ALA A 58 0.83 -12.34 6.39
C ALA A 58 1.71 -12.40 7.63
N VAL A 59 3.00 -12.62 7.42
CA VAL A 59 3.95 -12.71 8.52
C VAL A 59 3.79 -11.53 9.48
N VAL A 60 3.62 -10.34 8.92
CA VAL A 60 3.46 -9.13 9.73
C VAL A 60 2.13 -9.15 10.48
N CYS A 61 1.03 -9.08 9.72
CA CYS A 61 -0.30 -9.10 10.32
C CYS A 61 -0.40 -10.16 11.40
N LYS A 62 0.05 -11.38 11.08
CA LYS A 62 0.01 -12.48 12.03
C LYS A 62 0.74 -12.13 13.31
N ASP A 63 2.03 -11.78 13.19
CA ASP A 63 2.84 -11.43 14.33
C ASP A 63 2.67 -9.95 14.68
N ARG A 64 1.57 -9.36 14.20
CA ARG A 64 1.30 -7.96 14.47
C ARG A 64 2.57 -7.12 14.41
N LYS A 65 3.35 -7.32 13.34
CA LYS A 65 4.60 -6.59 13.16
C LYS A 65 4.34 -5.23 12.52
N TRP A 66 3.25 -4.59 12.92
CA TRP A 66 2.90 -3.28 12.38
C TRP A 66 3.63 -2.17 13.12
N THR A 67 3.64 -2.26 14.44
CA THR A 67 4.31 -1.25 15.27
C THR A 67 5.64 -0.84 14.66
N LYS A 68 6.47 -1.81 14.32
CA LYS A 68 7.77 -1.55 13.73
C LYS A 68 7.65 -0.57 12.56
N ILE A 69 6.80 -0.90 11.60
CA ILE A 69 6.59 -0.05 10.44
C ILE A 69 6.06 1.32 10.85
N ALA A 70 4.87 1.35 11.42
CA ALA A 70 4.26 2.59 11.86
C ALA A 70 5.30 3.55 12.43
N THR A 71 6.13 3.03 13.34
CA THR A 71 7.17 3.84 13.97
C THR A 71 8.16 4.36 12.92
N LYS A 72 8.62 3.45 12.06
CA LYS A 72 9.57 3.83 11.01
C LYS A 72 9.09 5.05 10.25
N MET A 73 7.80 5.10 9.95
CA MET A 73 7.22 6.22 9.23
C MET A 73 7.24 7.48 10.08
N GLY A 74 7.19 7.31 11.39
CA GLY A 74 7.20 8.45 12.29
C GLY A 74 5.98 8.47 13.20
N PHE A 75 5.10 7.50 13.03
CA PHE A 75 3.89 7.42 13.84
C PHE A 75 4.18 6.76 15.19
N ALA A 76 3.77 7.43 16.26
CA ALA A 76 3.99 6.92 17.61
C ALA A 76 3.60 5.45 17.71
N PRO A 77 4.39 4.68 18.47
CA PRO A 77 4.15 3.25 18.66
C PRO A 77 2.91 2.97 19.50
N GLY A 78 1.75 2.93 18.85
CA GLY A 78 0.51 2.68 19.54
C GLY A 78 -0.43 1.78 18.76
N LYS A 79 -0.97 0.77 19.43
CA LYS A 79 -1.88 -0.16 18.79
C LYS A 79 -2.78 0.55 17.79
N ALA A 80 -3.13 1.80 18.10
CA ALA A 80 -3.99 2.59 17.24
C ALA A 80 -3.44 2.64 15.81
N VAL A 81 -2.22 3.13 15.67
CA VAL A 81 -1.57 3.23 14.36
C VAL A 81 -1.34 1.85 13.77
N GLY A 82 -1.07 0.86 14.64
CA GLY A 82 -0.83 -0.49 14.18
C GLY A 82 -1.97 -1.03 13.33
N SER A 83 -3.20 -0.82 13.80
CA SER A 83 -4.38 -1.29 13.08
C SER A 83 -4.69 -0.39 11.89
N HIS A 84 -4.44 0.91 12.05
CA HIS A 84 -4.70 1.87 10.99
C HIS A 84 -4.04 1.44 9.69
N ILE A 85 -2.77 1.06 9.77
CA ILE A 85 -2.02 0.62 8.60
C ILE A 85 -2.84 -0.36 7.77
N ARG A 86 -3.28 -1.44 8.40
CA ARG A 86 -4.07 -2.45 7.72
C ARG A 86 -5.30 -1.83 7.06
N GLY A 87 -6.13 -1.17 7.86
CA GLY A 87 -7.33 -0.54 7.34
C GLY A 87 -7.07 0.22 6.06
N HIS A 88 -5.96 0.96 6.03
CA HIS A 88 -5.60 1.74 4.86
C HIS A 88 -5.44 0.85 3.63
N TYR A 89 -4.84 -0.33 3.83
CA TYR A 89 -4.63 -1.26 2.74
C TYR A 89 -5.94 -1.90 2.30
N GLU A 90 -6.79 -2.22 3.28
CA GLU A 90 -8.08 -2.83 3.00
C GLU A 90 -9.11 -1.78 2.59
N ARG A 91 -8.75 -0.52 2.74
CA ARG A 91 -9.64 0.58 2.39
C ARG A 91 -9.28 1.15 1.02
N ILE A 92 -8.00 1.09 0.67
CA ILE A 92 -7.54 1.59 -0.61
C ILE A 92 -6.89 0.49 -1.44
N LEU A 93 -5.97 -0.24 -0.82
CA LEU A 93 -5.28 -1.32 -1.50
C LEU A 93 -6.10 -2.61 -1.45
N ASN A 94 -7.40 -2.46 -1.27
CA ASN A 94 -8.30 -3.61 -1.21
C ASN A 94 -8.46 -4.26 -2.58
N PRO A 95 -8.97 -3.48 -3.55
CA PRO A 95 -9.18 -3.95 -4.92
C PRO A 95 -7.87 -4.19 -5.66
N TYR A 96 -6.99 -3.19 -5.63
CA TYR A 96 -5.69 -3.29 -6.30
C TYR A 96 -5.07 -4.67 -6.09
N ASN A 97 -4.95 -5.06 -4.82
CA ASN A 97 -4.36 -6.36 -4.48
C ASN A 97 -5.38 -7.48 -4.72
N LEU A 98 -6.63 -7.24 -4.33
CA LEU A 98 -7.68 -8.24 -4.49
C LEU A 98 -7.79 -8.67 -5.95
N PHE A 99 -7.39 -7.79 -6.86
CA PHE A 99 -7.45 -8.08 -8.29
C PHE A 99 -6.09 -8.57 -8.79
N LEU A 100 -5.06 -7.77 -8.54
CA LEU A 100 -3.70 -8.11 -8.97
C LEU A 100 -3.40 -9.58 -8.73
N SER A 101 -3.79 -10.08 -7.57
CA SER A 101 -3.57 -11.47 -7.21
C SER A 101 -4.16 -12.40 -8.27
N GLY A 102 -5.39 -12.13 -8.67
CA GLY A 102 -6.05 -12.95 -9.68
C GLY A 102 -5.45 -12.74 -11.06
N ASP A 103 -4.63 -13.70 -11.48
CA ASP A 103 -3.99 -13.63 -12.79
C ASP A 103 -4.92 -12.97 -13.81
N SER A 104 -4.58 -11.76 -14.23
CA SER A 104 -5.38 -11.03 -15.20
C SER A 104 -5.79 -11.93 -16.37
N LEU A 105 -4.90 -12.84 -16.73
CA LEU A 105 -5.15 -13.77 -17.83
C LEU A 105 -6.52 -14.42 -17.69
N ARG A 106 -6.85 -14.84 -16.46
CA ARG A 106 -8.13 -15.47 -16.19
C ARG A 106 -9.28 -14.67 -16.80
N CYS A 107 -9.07 -13.37 -16.96
CA CYS A 107 -10.09 -12.50 -17.54
C CYS A 107 -9.47 -11.55 -18.56
N LEU A 108 -8.75 -12.11 -19.53
CA LEU A 108 -8.11 -11.32 -20.57
C LEU A 108 -8.38 -11.91 -21.95
N GLN A 109 -9.33 -11.33 -22.66
CA GLN A 109 -9.67 -11.79 -24.01
C GLN A 109 -9.07 -10.90 -25.07
N LYS A 110 -7.89 -10.36 -24.79
CA LYS A 110 -7.19 -9.48 -25.73
C LYS A 110 -5.78 -10.00 -26.02
N PRO A 111 -5.50 -10.24 -27.31
CA PRO A 111 -4.19 -10.74 -27.75
C PRO A 111 -3.10 -9.69 -27.61
N ASN A 112 -1.94 -10.11 -27.10
CA ASN A 112 -0.82 -9.21 -26.91
C ASN A 112 -0.19 -8.84 -28.25
N LEU A 113 0.81 -7.96 -28.21
CA LEU A 113 1.49 -7.52 -29.42
C LEU A 113 2.99 -7.36 -29.17
N THR A 114 3.75 -7.17 -30.24
CA THR A 114 5.19 -7.00 -30.13
C THR A 114 5.54 -5.66 -29.50
N SER A 115 6.61 -5.65 -28.70
CA SER A 115 7.04 -4.42 -28.04
C SER A 115 8.56 -4.34 -27.98
N ASP A 116 9.08 -3.18 -27.60
CA ASP A 116 10.53 -2.98 -27.50
C ASP A 116 11.06 -3.52 -26.19
N THR A 117 12.05 -4.39 -26.28
CA THR A 117 12.66 -4.99 -25.10
C THR A 117 14.00 -4.33 -24.76
N LYS A 118 14.15 -3.90 -23.51
CA LYS A 118 15.37 -3.25 -23.07
C LYS A 118 16.58 -4.15 -23.30
N ASP A 119 17.70 -3.54 -23.66
CA ASP A 119 18.93 -4.28 -23.92
C ASP A 119 20.05 -3.82 -22.99
N LYS A 120 20.88 -4.76 -22.55
CA LYS A 120 21.99 -4.45 -21.66
C LYS A 120 23.32 -4.55 -22.40
N GLU A 121 24.11 -3.48 -22.32
CA GLU A 121 25.41 -3.45 -22.99
C GLU A 121 26.52 -3.13 -21.99
N TYR A 122 26.27 -2.14 -21.13
CA TYR A 122 27.25 -1.75 -20.13
C TYR A 122 26.88 -2.29 -18.76
#